data_6FGF
# 
_entry.id   6FGF 
# 
_audit_conform.dict_name       mmcif_pdbx.dic 
_audit_conform.dict_version    5.383 
_audit_conform.dict_location   http://mmcif.pdb.org/dictionaries/ascii/mmcif_pdbx.dic 
# 
loop_
_database_2.database_id 
_database_2.database_code 
_database_2.pdbx_database_accession 
_database_2.pdbx_DOI 
PDB   6FGF         pdb_00006fgf 10.2210/pdb6fgf/pdb 
WWPDB D_1200008265 ?            ?                   
# 
loop_
_pdbx_audit_revision_history.ordinal 
_pdbx_audit_revision_history.data_content_type 
_pdbx_audit_revision_history.major_revision 
_pdbx_audit_revision_history.minor_revision 
_pdbx_audit_revision_history.revision_date 
1 'Structure model' 1 0 2018-05-30 
2 'Structure model' 1 1 2018-08-29 
3 'Structure model' 1 2 2024-01-17 
# 
_pdbx_audit_revision_details.ordinal             1 
_pdbx_audit_revision_details.revision_ordinal    1 
_pdbx_audit_revision_details.data_content_type   'Structure model' 
_pdbx_audit_revision_details.provider            repository 
_pdbx_audit_revision_details.type                'Initial release' 
_pdbx_audit_revision_details.description         ? 
_pdbx_audit_revision_details.details             ? 
# 
loop_
_pdbx_audit_revision_group.ordinal 
_pdbx_audit_revision_group.revision_ordinal 
_pdbx_audit_revision_group.data_content_type 
_pdbx_audit_revision_group.group 
1 2 'Structure model' 'Data collection'        
2 2 'Structure model' 'Database references'    
3 3 'Structure model' 'Data collection'        
4 3 'Structure model' 'Database references'    
5 3 'Structure model' 'Refinement description' 
# 
loop_
_pdbx_audit_revision_category.ordinal 
_pdbx_audit_revision_category.revision_ordinal 
_pdbx_audit_revision_category.data_content_type 
_pdbx_audit_revision_category.category 
1 2 'Structure model' citation                      
2 2 'Structure model' citation_author               
3 3 'Structure model' chem_comp_atom                
4 3 'Structure model' chem_comp_bond                
5 3 'Structure model' database_2                    
6 3 'Structure model' pdbx_initial_refinement_model 
# 
loop_
_pdbx_audit_revision_item.ordinal 
_pdbx_audit_revision_item.revision_ordinal 
_pdbx_audit_revision_item.data_content_type 
_pdbx_audit_revision_item.item 
1 2 'Structure model' '_citation.journal_volume'            
2 2 'Structure model' '_citation.page_first'                
3 2 'Structure model' '_citation.page_last'                 
4 2 'Structure model' '_citation.title'                     
5 2 'Structure model' '_citation_author.identifier_ORCID'   
6 3 'Structure model' '_database_2.pdbx_DOI'                
7 3 'Structure model' '_database_2.pdbx_database_accession' 
# 
_pdbx_database_status.status_code                     REL 
_pdbx_database_status.status_code_sf                  REL 
_pdbx_database_status.status_code_mr                  ? 
_pdbx_database_status.entry_id                        6FGF 
_pdbx_database_status.recvd_initial_deposition_date   2018-01-10 
_pdbx_database_status.SG_entry                        N 
_pdbx_database_status.deposit_site                    PDBE 
_pdbx_database_status.process_site                    PDBE 
_pdbx_database_status.status_code_cs                  ? 
_pdbx_database_status.methods_development_category    ? 
_pdbx_database_status.pdb_format_compatible           Y 
_pdbx_database_status.status_code_nmr_data            ? 
# 
_pdbx_database_related.db_name        PDB 
_pdbx_database_related.details        '6FG6 contains the same protein complexed with a similar small molecule' 
_pdbx_database_related.db_id          6FG6 
_pdbx_database_related.content_type   unspecified 
# 
loop_
_audit_author.name 
_audit_author.pdbx_ordinal 
_audit_author.identifier_ORCID 
'Dalle Vedove, A.'   1 ? 
'Spiliotopoulos, D.' 2 ? 
'Lolli, G.'          3 ? 
'Caflisch, A.'       4 ? 
# 
_citation.abstract                  ? 
_citation.abstract_id_CAS           ? 
_citation.book_id_ISBN              ? 
_citation.book_publisher            ? 
_citation.book_publisher_city       ? 
_citation.book_title                ? 
_citation.coordinate_linkage        ? 
_citation.country                   DE 
_citation.database_id_Medline       ? 
_citation.details                   ? 
_citation.id                        primary 
_citation.journal_abbrev            ChemMedChem 
_citation.journal_id_ASTM           ? 
_citation.journal_id_CSD            ? 
_citation.journal_id_ISSN           1860-7187 
_citation.journal_full              ? 
_citation.journal_issue             ? 
_citation.journal_volume            13 
_citation.language                  ? 
_citation.page_first                1479 
_citation.page_last                 1487 
_citation.title                     'Structural Analysis of Small-Molecule Binding to the BAZ2A and BAZ2B Bromodomains.' 
_citation.year                      2018 
_citation.database_id_CSD           ? 
_citation.pdbx_database_id_DOI      10.1002/cmdc.201800234 
_citation.pdbx_database_id_PubMed   29770599 
_citation.unpublished_flag          ? 
# 
loop_
_citation_author.citation_id 
_citation_author.name 
_citation_author.ordinal 
_citation_author.identifier_ORCID 
primary 'Dalle Vedove, A.'   1 ?                   
primary 'Spiliotopoulos, D.' 2 ?                   
primary 
;D'Agostino, V.G.
;
3 ?                   
primary 'Marchand, J.R.'     4 ?                   
primary 'Unzue, A.'          5 ?                   
primary 'Nevado, C.'         6 ?                   
primary 'Lolli, G.'          7 0000-0002-8536-5599 
primary 'Caflisch, A.'       8 ?                   
# 
loop_
_entity.id 
_entity.type 
_entity.src_method 
_entity.pdbx_description 
_entity.formula_weight 
_entity.pdbx_number_of_molecules 
_entity.pdbx_ec 
_entity.pdbx_mutation 
_entity.pdbx_fragment 
_entity.details 
1 polymer     man 'Bromodomain adjacent to zinc finger domain protein 2A'                                          12380.919 1  ? 
? 'Bromodomain (residues 1796-1899)' 'First two residues SM derive from the expression tag' 
2 non-polymer syn '~{N}-[3-[(4-fluorophenyl)carbonylamino]propyl]-1-methyl-6-oxidanylidene-pyridine-3-carboxamide' 331.342   1  ? 
? ?                                  ?                                                      
3 water       nat water                                                                                            18.015    16 ? 
? ?                                  ?                                                      
# 
_entity_name_com.entity_id   1 
_entity_name_com.name        'Transcription termination factor I-interacting protein 5,Tip5,hWALp3' 
# 
_entity_poly.entity_id                      1 
_entity_poly.type                           'polypeptide(L)' 
_entity_poly.nstd_linkage                   no 
_entity_poly.nstd_monomer                   no 
_entity_poly.pdbx_seq_one_letter_code       
;SMHSDLTFCEIILMEMESHDAAWPFLEPVNPRLVSGYRRIIKNPMDFSTMRERLLRGGYTSSEEFAADALLVFDNCQTFN
EDDSEVGKAGHIMRRFFESRWEEFY
;
_entity_poly.pdbx_seq_one_letter_code_can   
;SMHSDLTFCEIILMEMESHDAAWPFLEPVNPRLVSGYRRIIKNPMDFSTMRERLLRGGYTSSEEFAADALLVFDNCQTFN
EDDSEVGKAGHIMRRFFESRWEEFY
;
_entity_poly.pdbx_strand_id                 A 
_entity_poly.pdbx_target_identifier         ? 
# 
loop_
_pdbx_entity_nonpoly.entity_id 
_pdbx_entity_nonpoly.name 
_pdbx_entity_nonpoly.comp_id 
2 '~{N}-[3-[(4-fluorophenyl)carbonylamino]propyl]-1-methyl-6-oxidanylidene-pyridine-3-carboxamide' EN2 
3 water                                                                                            HOH 
# 
loop_
_entity_poly_seq.entity_id 
_entity_poly_seq.num 
_entity_poly_seq.mon_id 
_entity_poly_seq.hetero 
1 1   SER n 
1 2   MET n 
1 3   HIS n 
1 4   SER n 
1 5   ASP n 
1 6   LEU n 
1 7   THR n 
1 8   PHE n 
1 9   CYS n 
1 10  GLU n 
1 11  ILE n 
1 12  ILE n 
1 13  LEU n 
1 14  MET n 
1 15  GLU n 
1 16  MET n 
1 17  GLU n 
1 18  SER n 
1 19  HIS n 
1 20  ASP n 
1 21  ALA n 
1 22  ALA n 
1 23  TRP n 
1 24  PRO n 
1 25  PHE n 
1 26  LEU n 
1 27  GLU n 
1 28  PRO n 
1 29  VAL n 
1 30  ASN n 
1 31  PRO n 
1 32  ARG n 
1 33  LEU n 
1 34  VAL n 
1 35  SER n 
1 36  GLY n 
1 37  TYR n 
1 38  ARG n 
1 39  ARG n 
1 40  ILE n 
1 41  ILE n 
1 42  LYS n 
1 43  ASN n 
1 44  PRO n 
1 45  MET n 
1 46  ASP n 
1 47  PHE n 
1 48  SER n 
1 49  THR n 
1 50  MET n 
1 51  ARG n 
1 52  GLU n 
1 53  ARG n 
1 54  LEU n 
1 55  LEU n 
1 56  ARG n 
1 57  GLY n 
1 58  GLY n 
1 59  TYR n 
1 60  THR n 
1 61  SER n 
1 62  SER n 
1 63  GLU n 
1 64  GLU n 
1 65  PHE n 
1 66  ALA n 
1 67  ALA n 
1 68  ASP n 
1 69  ALA n 
1 70  LEU n 
1 71  LEU n 
1 72  VAL n 
1 73  PHE n 
1 74  ASP n 
1 75  ASN n 
1 76  CYS n 
1 77  GLN n 
1 78  THR n 
1 79  PHE n 
1 80  ASN n 
1 81  GLU n 
1 82  ASP n 
1 83  ASP n 
1 84  SER n 
1 85  GLU n 
1 86  VAL n 
1 87  GLY n 
1 88  LYS n 
1 89  ALA n 
1 90  GLY n 
1 91  HIS n 
1 92  ILE n 
1 93  MET n 
1 94  ARG n 
1 95  ARG n 
1 96  PHE n 
1 97  PHE n 
1 98  GLU n 
1 99  SER n 
1 100 ARG n 
1 101 TRP n 
1 102 GLU n 
1 103 GLU n 
1 104 PHE n 
1 105 TYR n 
# 
_entity_src_gen.entity_id                          1 
_entity_src_gen.pdbx_src_id                        1 
_entity_src_gen.pdbx_alt_source_flag               sample 
_entity_src_gen.pdbx_seq_type                      'Biological sequence' 
_entity_src_gen.pdbx_beg_seq_num                   1 
_entity_src_gen.pdbx_end_seq_num                   105 
_entity_src_gen.gene_src_common_name               Human 
_entity_src_gen.gene_src_genus                     ? 
_entity_src_gen.pdbx_gene_src_gene                 'BAZ2A, KIAA0314, TIP5' 
_entity_src_gen.gene_src_species                   ? 
_entity_src_gen.gene_src_strain                    ? 
_entity_src_gen.gene_src_tissue                    ? 
_entity_src_gen.gene_src_tissue_fraction           ? 
_entity_src_gen.gene_src_details                   ? 
_entity_src_gen.pdbx_gene_src_fragment             ? 
_entity_src_gen.pdbx_gene_src_scientific_name      'Homo sapiens' 
_entity_src_gen.pdbx_gene_src_ncbi_taxonomy_id     9606 
_entity_src_gen.pdbx_gene_src_variant              ? 
_entity_src_gen.pdbx_gene_src_cell_line            ? 
_entity_src_gen.pdbx_gene_src_atcc                 ? 
_entity_src_gen.pdbx_gene_src_organ                ? 
_entity_src_gen.pdbx_gene_src_organelle            ? 
_entity_src_gen.pdbx_gene_src_cell                 ? 
_entity_src_gen.pdbx_gene_src_cellular_location    ? 
_entity_src_gen.host_org_common_name               ? 
_entity_src_gen.pdbx_host_org_scientific_name      'Escherichia coli' 
_entity_src_gen.pdbx_host_org_ncbi_taxonomy_id     562 
_entity_src_gen.host_org_genus                     ? 
_entity_src_gen.pdbx_host_org_gene                 ? 
_entity_src_gen.pdbx_host_org_organ                ? 
_entity_src_gen.host_org_species                   ? 
_entity_src_gen.pdbx_host_org_tissue               ? 
_entity_src_gen.pdbx_host_org_tissue_fraction      ? 
_entity_src_gen.pdbx_host_org_strain               ? 
_entity_src_gen.pdbx_host_org_variant              ? 
_entity_src_gen.pdbx_host_org_cell_line            ? 
_entity_src_gen.pdbx_host_org_atcc                 ? 
_entity_src_gen.pdbx_host_org_culture_collection   ? 
_entity_src_gen.pdbx_host_org_cell                 ? 
_entity_src_gen.pdbx_host_org_organelle            ? 
_entity_src_gen.pdbx_host_org_cellular_location    ? 
_entity_src_gen.pdbx_host_org_vector_type          ? 
_entity_src_gen.pdbx_host_org_vector               ? 
_entity_src_gen.host_org_details                   ? 
_entity_src_gen.expression_system_id               ? 
_entity_src_gen.plasmid_name                       ? 
_entity_src_gen.plasmid_details                    ? 
_entity_src_gen.pdbx_description                   ? 
# 
loop_
_chem_comp.id 
_chem_comp.type 
_chem_comp.mon_nstd_flag 
_chem_comp.name 
_chem_comp.pdbx_synonyms 
_chem_comp.formula 
_chem_comp.formula_weight 
ALA 'L-peptide linking' y ALANINE                                                                                          ? 
'C3 H7 N O2'      89.093  
ARG 'L-peptide linking' y ARGININE                                                                                         ? 
'C6 H15 N4 O2 1'  175.209 
ASN 'L-peptide linking' y ASPARAGINE                                                                                       ? 
'C4 H8 N2 O3'     132.118 
ASP 'L-peptide linking' y 'ASPARTIC ACID'                                                                                  ? 
'C4 H7 N O4'      133.103 
CYS 'L-peptide linking' y CYSTEINE                                                                                         ? 
'C3 H7 N O2 S'    121.158 
EN2 non-polymer         . '~{N}-[3-[(4-fluorophenyl)carbonylamino]propyl]-1-methyl-6-oxidanylidene-pyridine-3-carboxamide' ? 
'C17 H18 F N3 O3' 331.342 
GLN 'L-peptide linking' y GLUTAMINE                                                                                        ? 
'C5 H10 N2 O3'    146.144 
GLU 'L-peptide linking' y 'GLUTAMIC ACID'                                                                                  ? 
'C5 H9 N O4'      147.129 
GLY 'peptide linking'   y GLYCINE                                                                                          ? 
'C2 H5 N O2'      75.067  
HIS 'L-peptide linking' y HISTIDINE                                                                                        ? 
'C6 H10 N3 O2 1'  156.162 
HOH non-polymer         . WATER                                                                                            ? 
'H2 O'            18.015  
ILE 'L-peptide linking' y ISOLEUCINE                                                                                       ? 
'C6 H13 N O2'     131.173 
LEU 'L-peptide linking' y LEUCINE                                                                                          ? 
'C6 H13 N O2'     131.173 
LYS 'L-peptide linking' y LYSINE                                                                                           ? 
'C6 H15 N2 O2 1'  147.195 
MET 'L-peptide linking' y METHIONINE                                                                                       ? 
'C5 H11 N O2 S'   149.211 
PHE 'L-peptide linking' y PHENYLALANINE                                                                                    ? 
'C9 H11 N O2'     165.189 
PRO 'L-peptide linking' y PROLINE                                                                                          ? 
'C5 H9 N O2'      115.130 
SER 'L-peptide linking' y SERINE                                                                                           ? 
'C3 H7 N O3'      105.093 
THR 'L-peptide linking' y THREONINE                                                                                        ? 
'C4 H9 N O3'      119.119 
TRP 'L-peptide linking' y TRYPTOPHAN                                                                                       ? 
'C11 H12 N2 O2'   204.225 
TYR 'L-peptide linking' y TYROSINE                                                                                         ? 
'C9 H11 N O3'     181.189 
VAL 'L-peptide linking' y VALINE                                                                                           ? 
'C5 H11 N O2'     117.146 
# 
loop_
_pdbx_poly_seq_scheme.asym_id 
_pdbx_poly_seq_scheme.entity_id 
_pdbx_poly_seq_scheme.seq_id 
_pdbx_poly_seq_scheme.mon_id 
_pdbx_poly_seq_scheme.ndb_seq_num 
_pdbx_poly_seq_scheme.pdb_seq_num 
_pdbx_poly_seq_scheme.auth_seq_num 
_pdbx_poly_seq_scheme.pdb_mon_id 
_pdbx_poly_seq_scheme.auth_mon_id 
_pdbx_poly_seq_scheme.pdb_strand_id 
_pdbx_poly_seq_scheme.pdb_ins_code 
_pdbx_poly_seq_scheme.hetero 
A 1 1   SER 1   1794 ?    ?   ?   A . n 
A 1 2   MET 2   1795 ?    ?   ?   A . n 
A 1 3   HIS 3   1796 1796 HIS HIS A . n 
A 1 4   SER 4   1797 1797 SER SER A . n 
A 1 5   ASP 5   1798 1798 ASP ASP A . n 
A 1 6   LEU 6   1799 1799 LEU LEU A . n 
A 1 7   THR 7   1800 1800 THR THR A . n 
A 1 8   PHE 8   1801 1801 PHE PHE A . n 
A 1 9   CYS 9   1802 1802 CYS CYS A . n 
A 1 10  GLU 10  1803 1803 GLU GLU A . n 
A 1 11  ILE 11  1804 1804 ILE ILE A . n 
A 1 12  ILE 12  1805 1805 ILE ILE A . n 
A 1 13  LEU 13  1806 1806 LEU LEU A . n 
A 1 14  MET 14  1807 1807 MET MET A . n 
A 1 15  GLU 15  1808 1808 GLU GLU A . n 
A 1 16  MET 16  1809 1809 MET MET A . n 
A 1 17  GLU 17  1810 1810 GLU GLU A . n 
A 1 18  SER 18  1811 1811 SER SER A . n 
A 1 19  HIS 19  1812 1812 HIS HIS A . n 
A 1 20  ASP 20  1813 1813 ASP ASP A . n 
A 1 21  ALA 21  1814 1814 ALA ALA A . n 
A 1 22  ALA 22  1815 1815 ALA ALA A . n 
A 1 23  TRP 23  1816 1816 TRP TRP A . n 
A 1 24  PRO 24  1817 1817 PRO PRO A . n 
A 1 25  PHE 25  1818 1818 PHE PHE A . n 
A 1 26  LEU 26  1819 1819 LEU LEU A . n 
A 1 27  GLU 27  1820 1820 GLU GLU A . n 
A 1 28  PRO 28  1821 1821 PRO PRO A . n 
A 1 29  VAL 29  1822 1822 VAL VAL A . n 
A 1 30  ASN 30  1823 1823 ASN ASN A . n 
A 1 31  PRO 31  1824 1824 PRO PRO A . n 
A 1 32  ARG 32  1825 1825 ARG ARG A . n 
A 1 33  LEU 33  1826 1826 LEU LEU A . n 
A 1 34  VAL 34  1827 1827 VAL VAL A . n 
A 1 35  SER 35  1828 1828 SER SER A . n 
A 1 36  GLY 36  1829 1829 GLY GLY A . n 
A 1 37  TYR 37  1830 1830 TYR TYR A . n 
A 1 38  ARG 38  1831 1831 ARG ARG A . n 
A 1 39  ARG 39  1832 1832 ARG ARG A . n 
A 1 40  ILE 40  1833 1833 ILE ILE A . n 
A 1 41  ILE 41  1834 1834 ILE ILE A . n 
A 1 42  LYS 42  1835 1835 LYS LYS A . n 
A 1 43  ASN 43  1836 1836 ASN ASN A . n 
A 1 44  PRO 44  1837 1837 PRO PRO A . n 
A 1 45  MET 45  1838 1838 MET MET A . n 
A 1 46  ASP 46  1839 1839 ASP ASP A . n 
A 1 47  PHE 47  1840 1840 PHE PHE A . n 
A 1 48  SER 48  1841 1841 SER SER A . n 
A 1 49  THR 49  1842 1842 THR THR A . n 
A 1 50  MET 50  1843 1843 MET MET A . n 
A 1 51  ARG 51  1844 1844 ARG ARG A . n 
A 1 52  GLU 52  1845 1845 GLU GLU A . n 
A 1 53  ARG 53  1846 1846 ARG ARG A . n 
A 1 54  LEU 54  1847 1847 LEU LEU A . n 
A 1 55  LEU 55  1848 1848 LEU LEU A . n 
A 1 56  ARG 56  1849 1849 ARG ARG A . n 
A 1 57  GLY 57  1850 1850 GLY GLY A . n 
A 1 58  GLY 58  1851 1851 GLY GLY A . n 
A 1 59  TYR 59  1852 1852 TYR TYR A . n 
A 1 60  THR 60  1853 1853 THR THR A . n 
A 1 61  SER 61  1854 1854 SER SER A . n 
A 1 62  SER 62  1855 1855 SER SER A . n 
A 1 63  GLU 63  1856 1856 GLU GLU A . n 
A 1 64  GLU 64  1857 1857 GLU GLU A . n 
A 1 65  PHE 65  1858 1858 PHE PHE A . n 
A 1 66  ALA 66  1859 1859 ALA ALA A . n 
A 1 67  ALA 67  1860 1860 ALA ALA A . n 
A 1 68  ASP 68  1861 1861 ASP ASP A . n 
A 1 69  ALA 69  1862 1862 ALA ALA A . n 
A 1 70  LEU 70  1863 1863 LEU LEU A . n 
A 1 71  LEU 71  1864 1864 LEU LEU A . n 
A 1 72  VAL 72  1865 1865 VAL VAL A . n 
A 1 73  PHE 73  1866 1866 PHE PHE A . n 
A 1 74  ASP 74  1867 1867 ASP ASP A . n 
A 1 75  ASN 75  1868 1868 ASN ASN A . n 
A 1 76  CYS 76  1869 1869 CYS CYS A . n 
A 1 77  GLN 77  1870 1870 GLN GLN A . n 
A 1 78  THR 78  1871 1871 THR THR A . n 
A 1 79  PHE 79  1872 1872 PHE PHE A . n 
A 1 80  ASN 80  1873 1873 ASN ASN A . n 
A 1 81  GLU 81  1874 1874 GLU GLU A . n 
A 1 82  ASP 82  1875 1875 ASP ASP A . n 
A 1 83  ASP 83  1876 1876 ASP ASP A . n 
A 1 84  SER 84  1877 1877 SER SER A . n 
A 1 85  GLU 85  1878 1878 GLU GLU A . n 
A 1 86  VAL 86  1879 1879 VAL VAL A . n 
A 1 87  GLY 87  1880 1880 GLY GLY A . n 
A 1 88  LYS 88  1881 1881 LYS LYS A . n 
A 1 89  ALA 89  1882 1882 ALA ALA A . n 
A 1 90  GLY 90  1883 1883 GLY GLY A . n 
A 1 91  HIS 91  1884 1884 HIS HIS A . n 
A 1 92  ILE 92  1885 1885 ILE ILE A . n 
A 1 93  MET 93  1886 1886 MET MET A . n 
A 1 94  ARG 94  1887 1887 ARG ARG A . n 
A 1 95  ARG 95  1888 1888 ARG ARG A . n 
A 1 96  PHE 96  1889 1889 PHE PHE A . n 
A 1 97  PHE 97  1890 1890 PHE PHE A . n 
A 1 98  GLU 98  1891 1891 GLU GLU A . n 
A 1 99  SER 99  1892 1892 SER SER A . n 
A 1 100 ARG 100 1893 1893 ARG ARG A . n 
A 1 101 TRP 101 1894 1894 TRP TRP A . n 
A 1 102 GLU 102 1895 1895 GLU GLU A . n 
A 1 103 GLU 103 1896 1896 GLU GLU A . n 
A 1 104 PHE 104 1897 1897 PHE PHE A . n 
A 1 105 TYR 105 1898 1898 TYR TYR A . n 
# 
loop_
_pdbx_nonpoly_scheme.asym_id 
_pdbx_nonpoly_scheme.entity_id 
_pdbx_nonpoly_scheme.mon_id 
_pdbx_nonpoly_scheme.ndb_seq_num 
_pdbx_nonpoly_scheme.pdb_seq_num 
_pdbx_nonpoly_scheme.auth_seq_num 
_pdbx_nonpoly_scheme.pdb_mon_id 
_pdbx_nonpoly_scheme.auth_mon_id 
_pdbx_nonpoly_scheme.pdb_strand_id 
_pdbx_nonpoly_scheme.pdb_ins_code 
B 2 EN2 1  1901 1  EN2 EN2 A . 
C 3 HOH 1  2001 1  HOH HOH A . 
C 3 HOH 2  2002 12 HOH HOH A . 
C 3 HOH 3  2003 5  HOH HOH A . 
C 3 HOH 4  2004 4  HOH HOH A . 
C 3 HOH 5  2005 11 HOH HOH A . 
C 3 HOH 6  2006 2  HOH HOH A . 
C 3 HOH 7  2007 13 HOH HOH A . 
C 3 HOH 8  2008 10 HOH HOH A . 
C 3 HOH 9  2009 3  HOH HOH A . 
C 3 HOH 10 2010 15 HOH HOH A . 
C 3 HOH 11 2011 6  HOH HOH A . 
C 3 HOH 12 2012 8  HOH HOH A . 
C 3 HOH 13 2013 16 HOH HOH A . 
C 3 HOH 14 2014 14 HOH HOH A . 
C 3 HOH 15 2015 7  HOH HOH A . 
C 3 HOH 16 2016 9  HOH HOH A . 
# 
loop_
_software.citation_id 
_software.classification 
_software.compiler_name 
_software.compiler_version 
_software.contact_author 
_software.contact_author_email 
_software.date 
_software.description 
_software.dependencies 
_software.hardware 
_software.language 
_software.location 
_software.mods 
_software.name 
_software.os 
_software.os_version 
_software.type 
_software.version 
_software.pdbx_ordinal 
? 'data reduction'  ? ? 'Wolfgang Kabsch' Wolfgang.Kabsch@mpimf-heidelberg.mpg.de ?              ? ? ? ?   
http://www.mpimf-heidelberg.mpg.de/~kabsch/xds/     ? XDS         ? ? package .      1 
? 'data scaling'    ? ? 'Phil Evans'      ?                                       29/03/17       ? ? ? ?   
http://www.mrc-lmb.cam.ac.uk/harry/pre/aimless.html ? Aimless     ? ? program 0.5.32 2 
? phasing           ? ? 'Randy J. Read'   cimr-phaser@lists.cam.ac.uk             ?              ? ? ? ?   
http://www-structmed.cimr.cam.ac.uk/phaser/         ? PHASER      ? ? program .      3 
? refinement        ? ? 'Paul D. Adams'   PDAdams@lbl.gov                         ?              ? ? ? C++ 
http://www.phenix-online.org/                       ? PHENIX      ? ? package .      4 
? 'data extraction' ? ? PDB               deposit@deposit.rcsb.org                'Sep. 1, 2017' ? ? ? C++ 
http://sw-tools.pdb.org/apps/PDB_EXTRACT/           ? PDB_EXTRACT ? ? package 3.24   5 
# 
_cell.angle_alpha                  90.000 
_cell.angle_alpha_esd              ? 
_cell.angle_beta                   90.000 
_cell.angle_beta_esd               ? 
_cell.angle_gamma                  120.000 
_cell.angle_gamma_esd              ? 
_cell.entry_id                     6FGF 
_cell.details                      ? 
_cell.formula_units_Z              ? 
_cell.length_a                     95.339 
_cell.length_a_esd                 ? 
_cell.length_b                     95.339 
_cell.length_b_esd                 ? 
_cell.length_c                     32.546 
_cell.length_c_esd                 ? 
_cell.volume                       ? 
_cell.volume_esd                   ? 
_cell.Z_PDB                        6 
_cell.reciprocal_angle_alpha       ? 
_cell.reciprocal_angle_beta        ? 
_cell.reciprocal_angle_gamma       ? 
_cell.reciprocal_angle_alpha_esd   ? 
_cell.reciprocal_angle_beta_esd    ? 
_cell.reciprocal_angle_gamma_esd   ? 
_cell.reciprocal_length_a          ? 
_cell.reciprocal_length_b          ? 
_cell.reciprocal_length_c          ? 
_cell.reciprocal_length_a_esd      ? 
_cell.reciprocal_length_b_esd      ? 
_cell.reciprocal_length_c_esd      ? 
_cell.pdbx_unique_axis             ? 
# 
_symmetry.entry_id                         6FGF 
_symmetry.cell_setting                     ? 
_symmetry.Int_Tables_number                152 
_symmetry.space_group_name_Hall            ? 
_symmetry.space_group_name_H-M             'P 31 2 1' 
_symmetry.pdbx_full_space_group_name_H-M   ? 
# 
_exptl.absorpt_coefficient_mu     ? 
_exptl.absorpt_correction_T_max   ? 
_exptl.absorpt_correction_T_min   ? 
_exptl.absorpt_correction_type    ? 
_exptl.absorpt_process_details    ? 
_exptl.entry_id                   6FGF 
_exptl.crystals_number            1 
_exptl.details                    ? 
_exptl.method                     'X-RAY DIFFRACTION' 
_exptl.method_details             ? 
# 
_exptl_crystal.colour                      ? 
_exptl_crystal.density_diffrn              ? 
_exptl_crystal.density_Matthews            3.51 
_exptl_crystal.density_method              ? 
_exptl_crystal.density_percent_sol         64.96 
_exptl_crystal.description                 ? 
_exptl_crystal.F_000                       ? 
_exptl_crystal.id                          1 
_exptl_crystal.preparation                 ? 
_exptl_crystal.size_max                    ? 
_exptl_crystal.size_mid                    ? 
_exptl_crystal.size_min                    ? 
_exptl_crystal.size_rad                    ? 
_exptl_crystal.colour_lustre               ? 
_exptl_crystal.colour_modifier             ? 
_exptl_crystal.colour_primary              ? 
_exptl_crystal.density_meas                ? 
_exptl_crystal.density_meas_esd            ? 
_exptl_crystal.density_meas_gt             ? 
_exptl_crystal.density_meas_lt             ? 
_exptl_crystal.density_meas_temp           ? 
_exptl_crystal.density_meas_temp_esd       ? 
_exptl_crystal.density_meas_temp_gt        ? 
_exptl_crystal.density_meas_temp_lt        ? 
_exptl_crystal.pdbx_crystal_image_url      ? 
_exptl_crystal.pdbx_crystal_image_format   ? 
_exptl_crystal.pdbx_mosaicity              0.270 
_exptl_crystal.pdbx_mosaicity_esd          ? 
# 
_exptl_crystal_grow.apparatus       ? 
_exptl_crystal_grow.atmosphere      ? 
_exptl_crystal_grow.crystal_id      1 
_exptl_crystal_grow.details         ? 
_exptl_crystal_grow.method          'VAPOR DIFFUSION, SITTING DROP' 
_exptl_crystal_grow.method_ref      ? 
_exptl_crystal_grow.pH              7.5 
_exptl_crystal_grow.pressure        ? 
_exptl_crystal_grow.pressure_esd    ? 
_exptl_crystal_grow.seeding         ? 
_exptl_crystal_grow.seeding_ref     ? 
_exptl_crystal_grow.temp            277 
_exptl_crystal_grow.temp_details    ? 
_exptl_crystal_grow.temp_esd        ? 
_exptl_crystal_grow.time            ? 
_exptl_crystal_grow.pdbx_details    '20% PEG3350, 0.2 M MgCl2' 
_exptl_crystal_grow.pdbx_pH_range   ? 
# 
_diffrn.ambient_environment    ? 
_diffrn.ambient_temp           100 
_diffrn.ambient_temp_details   ? 
_diffrn.ambient_temp_esd       ? 
_diffrn.crystal_id             1 
_diffrn.crystal_support        ? 
_diffrn.crystal_treatment      ? 
_diffrn.details                ? 
_diffrn.id                     1 
_diffrn.ambient_pressure       ? 
_diffrn.ambient_pressure_esd   ? 
_diffrn.ambient_pressure_gt    ? 
_diffrn.ambient_pressure_lt    ? 
_diffrn.ambient_temp_gt        ? 
_diffrn.ambient_temp_lt        ? 
# 
_diffrn_detector.details                      ? 
_diffrn_detector.detector                     PIXEL 
_diffrn_detector.diffrn_id                    1 
_diffrn_detector.type                         'DECTRIS PILATUS 2M' 
_diffrn_detector.area_resol_mean              ? 
_diffrn_detector.dtime                        ? 
_diffrn_detector.pdbx_frames_total            ? 
_diffrn_detector.pdbx_collection_time_total   ? 
_diffrn_detector.pdbx_collection_date         2017-07-05 
# 
_diffrn_radiation.collimation                      ? 
_diffrn_radiation.diffrn_id                        1 
_diffrn_radiation.filter_edge                      ? 
_diffrn_radiation.inhomogeneity                    ? 
_diffrn_radiation.monochromator                    ? 
_diffrn_radiation.polarisn_norm                    ? 
_diffrn_radiation.polarisn_ratio                   ? 
_diffrn_radiation.probe                            ? 
_diffrn_radiation.type                             ? 
_diffrn_radiation.xray_symbol                      ? 
_diffrn_radiation.wavelength_id                    1 
_diffrn_radiation.pdbx_monochromatic_or_laue_m_l   M 
_diffrn_radiation.pdbx_wavelength_list             ? 
_diffrn_radiation.pdbx_wavelength                  ? 
_diffrn_radiation.pdbx_diffrn_protocol             'SINGLE WAVELENGTH' 
_diffrn_radiation.pdbx_analyzer                    ? 
_diffrn_radiation.pdbx_scattering_type             x-ray 
# 
_diffrn_radiation_wavelength.id           1 
_diffrn_radiation_wavelength.wavelength   1.00 
_diffrn_radiation_wavelength.wt           1.0 
# 
_diffrn_source.current                     ? 
_diffrn_source.details                     ? 
_diffrn_source.diffrn_id                   1 
_diffrn_source.power                       ? 
_diffrn_source.size                        ? 
_diffrn_source.source                      SYNCHROTRON 
_diffrn_source.target                      ? 
_diffrn_source.type                        'ELETTRA BEAMLINE 5.2R' 
_diffrn_source.voltage                     ? 
_diffrn_source.take-off_angle              ? 
_diffrn_source.pdbx_wavelength_list        1.00 
_diffrn_source.pdbx_wavelength             ? 
_diffrn_source.pdbx_synchrotron_beamline   5.2R 
_diffrn_source.pdbx_synchrotron_site       ELETTRA 
# 
_reflns.B_iso_Wilson_estimate            35.310 
_reflns.entry_id                         6FGF 
_reflns.data_reduction_details           ? 
_reflns.data_reduction_method            ? 
_reflns.d_resolution_high                2.800 
_reflns.d_resolution_low                 47.670 
_reflns.details                          ? 
_reflns.limit_h_max                      ? 
_reflns.limit_h_min                      ? 
_reflns.limit_k_max                      ? 
_reflns.limit_k_min                      ? 
_reflns.limit_l_max                      ? 
_reflns.limit_l_min                      ? 
_reflns.number_all                       ? 
_reflns.number_obs                       4348 
_reflns.observed_criterion               ? 
_reflns.observed_criterion_F_max         ? 
_reflns.observed_criterion_F_min         ? 
_reflns.observed_criterion_I_max         ? 
_reflns.observed_criterion_I_min         ? 
_reflns.observed_criterion_sigma_F       ? 
_reflns.observed_criterion_sigma_I       ? 
_reflns.percent_possible_obs             100.000 
_reflns.R_free_details                   ? 
_reflns.Rmerge_F_all                     ? 
_reflns.Rmerge_F_obs                     ? 
_reflns.Friedel_coverage                 ? 
_reflns.number_gt                        ? 
_reflns.threshold_expression             ? 
_reflns.pdbx_redundancy                  6.700 
_reflns.pdbx_Rmerge_I_obs                0.335 
_reflns.pdbx_Rmerge_I_all                ? 
_reflns.pdbx_Rsym_value                  ? 
_reflns.pdbx_netI_over_av_sigmaI         ? 
_reflns.pdbx_netI_over_sigmaI            4.900 
_reflns.pdbx_res_netI_over_av_sigmaI_2   ? 
_reflns.pdbx_res_netI_over_sigmaI_2      ? 
_reflns.pdbx_chi_squared                 ? 
_reflns.pdbx_scaling_rejects             ? 
_reflns.pdbx_d_res_high_opt              ? 
_reflns.pdbx_d_res_low_opt               ? 
_reflns.pdbx_d_res_opt_method            ? 
_reflns.phase_calculation_details        ? 
_reflns.pdbx_Rrim_I_all                  0.363 
_reflns.pdbx_Rpim_I_all                  0.138 
_reflns.pdbx_d_opt                       ? 
_reflns.pdbx_number_measured_all         ? 
_reflns.pdbx_diffrn_id                   1 
_reflns.pdbx_ordinal                     1 
_reflns.pdbx_CC_half                     0.969 
_reflns.pdbx_R_split                     ? 
# 
loop_
_reflns_shell.d_res_high 
_reflns_shell.d_res_low 
_reflns_shell.meanI_over_sigI_all 
_reflns_shell.meanI_over_sigI_obs 
_reflns_shell.number_measured_all 
_reflns_shell.number_measured_obs 
_reflns_shell.number_possible 
_reflns_shell.number_unique_all 
_reflns_shell.number_unique_obs 
_reflns_shell.percent_possible_all 
_reflns_shell.percent_possible_obs 
_reflns_shell.Rmerge_F_all 
_reflns_shell.Rmerge_F_obs 
_reflns_shell.Rmerge_I_all 
_reflns_shell.Rmerge_I_obs 
_reflns_shell.meanI_over_sigI_gt 
_reflns_shell.meanI_over_uI_all 
_reflns_shell.meanI_over_uI_gt 
_reflns_shell.number_measured_gt 
_reflns_shell.number_unique_gt 
_reflns_shell.percent_possible_gt 
_reflns_shell.Rmerge_F_gt 
_reflns_shell.Rmerge_I_gt 
_reflns_shell.pdbx_redundancy 
_reflns_shell.pdbx_Rsym_value 
_reflns_shell.pdbx_chi_squared 
_reflns_shell.pdbx_netI_over_sigmaI_all 
_reflns_shell.pdbx_netI_over_sigmaI_obs 
_reflns_shell.pdbx_Rrim_I_all 
_reflns_shell.pdbx_Rpim_I_all 
_reflns_shell.pdbx_rejects 
_reflns_shell.pdbx_ordinal 
_reflns_shell.pdbx_diffrn_id 
_reflns_shell.pdbx_CC_half 
_reflns_shell.pdbx_R_split 
2.800 2.950  ? ? ? ? ? ? 632 100.000 ? ? ? ? 1.081 ? ? ? ? ? ? ? ? 6.400 ? ? ? ? 1.177 0.457 ? 1 1 0.588 ? 
8.860 47.670 ? ? ? ? ? ? 157 99.000  ? ? ? ? 0.143 ? ? ? ? ? ? ? ? 6.600 ? ? ? ? 0.155 0.059 ? 2 1 0.991 ? 
# 
_refine.aniso_B[1][1]                            ? 
_refine.aniso_B[1][2]                            ? 
_refine.aniso_B[1][3]                            ? 
_refine.aniso_B[2][2]                            ? 
_refine.aniso_B[2][3]                            ? 
_refine.aniso_B[3][3]                            ? 
_refine.B_iso_max                                88.270 
_refine.B_iso_mean                               37.9606 
_refine.B_iso_min                                13.450 
_refine.correlation_coeff_Fo_to_Fc               ? 
_refine.correlation_coeff_Fo_to_Fc_free          ? 
_refine.details                                  ? 
_refine.diff_density_max                         ? 
_refine.diff_density_max_esd                     ? 
_refine.diff_density_min                         ? 
_refine.diff_density_min_esd                     ? 
_refine.diff_density_rms                         ? 
_refine.diff_density_rms_esd                     ? 
_refine.entry_id                                 6FGF 
_refine.pdbx_refine_id                           'X-RAY DIFFRACTION' 
_refine.ls_abs_structure_details                 ? 
_refine.ls_abs_structure_Flack                   ? 
_refine.ls_abs_structure_Flack_esd               ? 
_refine.ls_abs_structure_Rogers                  ? 
_refine.ls_abs_structure_Rogers_esd              ? 
_refine.ls_d_res_high                            2.8010 
_refine.ls_d_res_low                             41.2830 
_refine.ls_extinction_coef                       ? 
_refine.ls_extinction_coef_esd                   ? 
_refine.ls_extinction_expression                 ? 
_refine.ls_extinction_method                     ? 
_refine.ls_goodness_of_fit_all                   ? 
_refine.ls_goodness_of_fit_all_esd               ? 
_refine.ls_goodness_of_fit_obs                   ? 
_refine.ls_goodness_of_fit_obs_esd               ? 
_refine.ls_hydrogen_treatment                    ? 
_refine.ls_matrix_type                           ? 
_refine.ls_number_constraints                    ? 
_refine.ls_number_parameters                     ? 
_refine.ls_number_reflns_all                     ? 
_refine.ls_number_reflns_obs                     4337 
_refine.ls_number_reflns_R_free                  234 
_refine.ls_number_reflns_R_work                  ? 
_refine.ls_number_restraints                     ? 
_refine.ls_percent_reflns_obs                    99.9300 
_refine.ls_percent_reflns_R_free                 5.4000 
_refine.ls_R_factor_all                          ? 
_refine.ls_R_factor_obs                          0.2207 
_refine.ls_R_factor_R_free                       0.2562 
_refine.ls_R_factor_R_free_error                 ? 
_refine.ls_R_factor_R_free_error_details         ? 
_refine.ls_R_factor_R_work                       0.2188 
_refine.ls_R_Fsqd_factor_obs                     ? 
_refine.ls_R_I_factor_obs                        ? 
_refine.ls_redundancy_reflns_all                 ? 
_refine.ls_redundancy_reflns_obs                 ? 
_refine.ls_restrained_S_all                      ? 
_refine.ls_restrained_S_obs                      ? 
_refine.ls_shift_over_esd_max                    ? 
_refine.ls_shift_over_esd_mean                   ? 
_refine.ls_structure_factor_coef                 ? 
_refine.ls_weighting_details                     ? 
_refine.ls_weighting_scheme                      ? 
_refine.ls_wR_factor_all                         ? 
_refine.ls_wR_factor_obs                         ? 
_refine.ls_wR_factor_R_free                      ? 
_refine.ls_wR_factor_R_work                      ? 
_refine.occupancy_max                            ? 
_refine.occupancy_min                            ? 
_refine.solvent_model_details                    ? 
_refine.solvent_model_param_bsol                 ? 
_refine.solvent_model_param_ksol                 ? 
_refine.ls_R_factor_gt                           ? 
_refine.ls_goodness_of_fit_gt                    ? 
_refine.ls_goodness_of_fit_ref                   ? 
_refine.ls_shift_over_su_max                     ? 
_refine.ls_shift_over_su_max_lt                  ? 
_refine.ls_shift_over_su_mean                    ? 
_refine.ls_shift_over_su_mean_lt                 ? 
_refine.pdbx_ls_sigma_I                          ? 
_refine.pdbx_ls_sigma_F                          1.340 
_refine.pdbx_ls_sigma_Fsqd                       ? 
_refine.pdbx_data_cutoff_high_absF               ? 
_refine.pdbx_data_cutoff_high_rms_absF           ? 
_refine.pdbx_data_cutoff_low_absF                ? 
_refine.pdbx_isotropic_thermal_model             ? 
_refine.pdbx_ls_cross_valid_method               'FREE R-VALUE' 
_refine.pdbx_method_to_determine_struct          'MOLECULAR REPLACEMENT' 
_refine.pdbx_starting_model                      5MGJ 
_refine.pdbx_stereochemistry_target_values       ? 
_refine.pdbx_R_Free_selection_details            ? 
_refine.pdbx_stereochem_target_val_spec_case     ? 
_refine.pdbx_overall_ESU_R                       ? 
_refine.pdbx_overall_ESU_R_Free                  ? 
_refine.pdbx_solvent_vdw_probe_radii             1.1100 
_refine.pdbx_solvent_ion_probe_radii             ? 
_refine.pdbx_solvent_shrinkage_radii             0.9000 
_refine.pdbx_real_space_R                        ? 
_refine.pdbx_density_correlation                 ? 
_refine.pdbx_pd_number_of_powder_patterns        ? 
_refine.pdbx_pd_number_of_points                 ? 
_refine.pdbx_pd_meas_number_of_points            ? 
_refine.pdbx_pd_proc_ls_prof_R_factor            ? 
_refine.pdbx_pd_proc_ls_prof_wR_factor           ? 
_refine.pdbx_pd_Marquardt_correlation_coeff      ? 
_refine.pdbx_pd_Fsqrd_R_factor                   ? 
_refine.pdbx_pd_ls_matrix_band_width             ? 
_refine.pdbx_overall_phase_error                 19.2500 
_refine.pdbx_overall_SU_R_free_Cruickshank_DPI   ? 
_refine.pdbx_overall_SU_R_free_Blow_DPI          ? 
_refine.pdbx_overall_SU_R_Blow_DPI               ? 
_refine.pdbx_TLS_residual_ADP_flag               ? 
_refine.pdbx_diffrn_id                           1 
_refine.overall_SU_B                             ? 
_refine.overall_SU_ML                            0.4300 
_refine.overall_SU_R_Cruickshank_DPI             ? 
_refine.overall_SU_R_free                        ? 
_refine.overall_FOM_free_R_set                   ? 
_refine.overall_FOM_work_R_set                   ? 
_refine.pdbx_average_fsc_overall                 ? 
_refine.pdbx_average_fsc_work                    ? 
_refine.pdbx_average_fsc_free                    ? 
# 
_refine_hist.cycle_id                         final 
_refine_hist.pdbx_refine_id                   'X-RAY DIFFRACTION' 
_refine_hist.d_res_high                       2.8010 
_refine_hist.d_res_low                        41.2830 
_refine_hist.pdbx_number_atoms_ligand         24 
_refine_hist.number_atoms_solvent             16 
_refine_hist.number_atoms_total               893 
_refine_hist.pdbx_number_residues_total       103 
_refine_hist.pdbx_B_iso_mean_ligand           41.16 
_refine_hist.pdbx_B_iso_mean_solvent          28.20 
_refine_hist.pdbx_number_atoms_protein        853 
_refine_hist.pdbx_number_atoms_nucleic_acid   0 
# 
loop_
_refine_ls_restr.pdbx_refine_id 
_refine_ls_restr.criterion 
_refine_ls_restr.dev_ideal 
_refine_ls_restr.dev_ideal_target 
_refine_ls_restr.number 
_refine_ls_restr.rejects 
_refine_ls_restr.type 
_refine_ls_restr.weight 
_refine_ls_restr.pdbx_restraint_function 
'X-RAY DIFFRACTION' ? 0.003  ? 900  ? f_bond_d           ? ? 
'X-RAY DIFFRACTION' ? 0.600  ? 1212 ? f_angle_d          ? ? 
'X-RAY DIFFRACTION' ? 0.039  ? 119  ? f_chiral_restr     ? ? 
'X-RAY DIFFRACTION' ? 0.003  ? 160  ? f_plane_restr      ? ? 
'X-RAY DIFFRACTION' ? 18.472 ? 526  ? f_dihedral_angle_d ? ? 
# 
loop_
_refine_ls_shell.pdbx_refine_id 
_refine_ls_shell.d_res_high 
_refine_ls_shell.d_res_low 
_refine_ls_shell.number_reflns_all 
_refine_ls_shell.number_reflns_obs 
_refine_ls_shell.number_reflns_R_free 
_refine_ls_shell.number_reflns_R_work 
_refine_ls_shell.percent_reflns_obs 
_refine_ls_shell.percent_reflns_R_free 
_refine_ls_shell.R_factor_all 
_refine_ls_shell.R_factor_obs 
_refine_ls_shell.R_factor_R_free 
_refine_ls_shell.R_factor_R_free_error 
_refine_ls_shell.R_factor_R_work 
_refine_ls_shell.redundancy_reflns_all 
_refine_ls_shell.redundancy_reflns_obs 
_refine_ls_shell.wR_factor_all 
_refine_ls_shell.wR_factor_obs 
_refine_ls_shell.wR_factor_R_free 
_refine_ls_shell.wR_factor_R_work 
_refine_ls_shell.pdbx_total_number_of_bins_used 
_refine_ls_shell.pdbx_phase_error 
_refine_ls_shell.pdbx_fsc_work 
_refine_ls_shell.pdbx_fsc_free 
'X-RAY DIFFRACTION' 2.8010 3.5287  2129 . 130 1999 100.0000 . . . 0.3239 0.0000 0.2476 . . . . . . 2 . . . 
'X-RAY DIFFRACTION' 3.5287 41.2875 2208 . 104 2104 100.0000 . . . 0.2130 0.0000 0.2029 . . . . . . 2 . . . 
# 
_struct.entry_id                     6FGF 
_struct.title                        'Crystal Structure of BAZ2A bromodomain in complex with 1-methylpyridinone compound 2' 
_struct.pdbx_model_details           ? 
_struct.pdbx_formula_weight          ? 
_struct.pdbx_formula_weight_method   ? 
_struct.pdbx_model_type_details      ? 
_struct.pdbx_CASP_flag               N 
# 
_struct_keywords.entry_id        6FGF 
_struct_keywords.text            'four helical bundle, transcription' 
_struct_keywords.pdbx_keywords   TRANSCRIPTION 
# 
loop_
_struct_asym.id 
_struct_asym.pdbx_blank_PDB_chainid_flag 
_struct_asym.pdbx_modified 
_struct_asym.entity_id 
_struct_asym.details 
A N N 1 ? 
B N N 2 ? 
C N N 3 ? 
# 
_struct_ref.id                         1 
_struct_ref.db_name                    UNP 
_struct_ref.db_code                    BAZ2A_HUMAN 
_struct_ref.pdbx_db_accession          Q9UIF9 
_struct_ref.pdbx_db_isoform            ? 
_struct_ref.entity_id                  1 
_struct_ref.pdbx_seq_one_letter_code   
;HSDLTFCEIILMEMESHDAAWPFLEPVNPRLVSGYRRIIKNPMDFSTMRERLLRGGYTSSEEFAADALLVFDNCQTFNED
DSEVGKAGHIMRRFFESRWEEFY
;
_struct_ref.pdbx_align_begin           1796 
# 
_struct_ref_seq.align_id                      1 
_struct_ref_seq.ref_id                        1 
_struct_ref_seq.pdbx_PDB_id_code              6FGF 
_struct_ref_seq.pdbx_strand_id                A 
_struct_ref_seq.seq_align_beg                 3 
_struct_ref_seq.pdbx_seq_align_beg_ins_code   ? 
_struct_ref_seq.seq_align_end                 105 
_struct_ref_seq.pdbx_seq_align_end_ins_code   ? 
_struct_ref_seq.pdbx_db_accession             Q9UIF9 
_struct_ref_seq.db_align_beg                  1796 
_struct_ref_seq.pdbx_db_align_beg_ins_code    ? 
_struct_ref_seq.db_align_end                  1898 
_struct_ref_seq.pdbx_db_align_end_ins_code    ? 
_struct_ref_seq.pdbx_auth_seq_align_beg       1796 
_struct_ref_seq.pdbx_auth_seq_align_end       1898 
# 
loop_
_struct_ref_seq_dif.align_id 
_struct_ref_seq_dif.pdbx_pdb_id_code 
_struct_ref_seq_dif.mon_id 
_struct_ref_seq_dif.pdbx_pdb_strand_id 
_struct_ref_seq_dif.seq_num 
_struct_ref_seq_dif.pdbx_pdb_ins_code 
_struct_ref_seq_dif.pdbx_seq_db_name 
_struct_ref_seq_dif.pdbx_seq_db_accession_code 
_struct_ref_seq_dif.db_mon_id 
_struct_ref_seq_dif.pdbx_seq_db_seq_num 
_struct_ref_seq_dif.details 
_struct_ref_seq_dif.pdbx_auth_seq_num 
_struct_ref_seq_dif.pdbx_ordinal 
1 6FGF SER A 1 ? UNP Q9UIF9 ? ? 'expression tag' 1794 1 
1 6FGF MET A 2 ? UNP Q9UIF9 ? ? 'expression tag' 1795 2 
# 
_pdbx_struct_assembly.id                   1 
_pdbx_struct_assembly.details              author_and_software_defined_assembly 
_pdbx_struct_assembly.method_details       PISA 
_pdbx_struct_assembly.oligomeric_details   monomeric 
_pdbx_struct_assembly.oligomeric_count     1 
# 
loop_
_pdbx_struct_assembly_prop.biol_id 
_pdbx_struct_assembly_prop.type 
_pdbx_struct_assembly_prop.value 
_pdbx_struct_assembly_prop.details 
1 'ABSA (A^2)' 0    ? 
1 MORE         0    ? 
1 'SSA (A^2)'  6440 ? 
# 
_pdbx_struct_assembly_gen.assembly_id       1 
_pdbx_struct_assembly_gen.oper_expression   1 
_pdbx_struct_assembly_gen.asym_id_list      A,B,C 
# 
_pdbx_struct_assembly_auth_evidence.id                     1 
_pdbx_struct_assembly_auth_evidence.assembly_id            1 
_pdbx_struct_assembly_auth_evidence.experimental_support   'gel filtration' 
_pdbx_struct_assembly_auth_evidence.details                ? 
# 
_pdbx_struct_oper_list.id                   1 
_pdbx_struct_oper_list.type                 'identity operation' 
_pdbx_struct_oper_list.name                 1_555 
_pdbx_struct_oper_list.symmetry_operation   x,y,z 
_pdbx_struct_oper_list.matrix[1][1]         1.0000000000 
_pdbx_struct_oper_list.matrix[1][2]         0.0000000000 
_pdbx_struct_oper_list.matrix[1][3]         0.0000000000 
_pdbx_struct_oper_list.vector[1]            0.0000000000 
_pdbx_struct_oper_list.matrix[2][1]         0.0000000000 
_pdbx_struct_oper_list.matrix[2][2]         1.0000000000 
_pdbx_struct_oper_list.matrix[2][3]         0.0000000000 
_pdbx_struct_oper_list.vector[2]            0.0000000000 
_pdbx_struct_oper_list.matrix[3][1]         0.0000000000 
_pdbx_struct_oper_list.matrix[3][2]         0.0000000000 
_pdbx_struct_oper_list.matrix[3][3]         1.0000000000 
_pdbx_struct_oper_list.vector[3]            0.0000000000 
# 
loop_
_struct_conf.conf_type_id 
_struct_conf.id 
_struct_conf.pdbx_PDB_helix_id 
_struct_conf.beg_label_comp_id 
_struct_conf.beg_label_asym_id 
_struct_conf.beg_label_seq_id 
_struct_conf.pdbx_beg_PDB_ins_code 
_struct_conf.end_label_comp_id 
_struct_conf.end_label_asym_id 
_struct_conf.end_label_seq_id 
_struct_conf.pdbx_end_PDB_ins_code 
_struct_conf.beg_auth_comp_id 
_struct_conf.beg_auth_asym_id 
_struct_conf.beg_auth_seq_id 
_struct_conf.end_auth_comp_id 
_struct_conf.end_auth_asym_id 
_struct_conf.end_auth_seq_id 
_struct_conf.pdbx_PDB_helix_class 
_struct_conf.details 
_struct_conf.pdbx_PDB_helix_length 
HELX_P HELX_P1 AA1 HIS A 3  ? SER A 18  ? HIS A 1796 SER A 1811 1 ? 16 
HELX_P HELX_P2 AA2 HIS A 19 ? LEU A 26  ? HIS A 1812 LEU A 1819 5 ? 8  
HELX_P HELX_P3 AA3 GLY A 36 ? ILE A 41  ? GLY A 1829 ILE A 1834 1 ? 6  
HELX_P HELX_P4 AA4 ASP A 46 ? ARG A 56  ? ASP A 1839 ARG A 1849 1 ? 11 
HELX_P HELX_P5 AA5 SER A 61 ? ASN A 80  ? SER A 1854 ASN A 1873 1 ? 20 
HELX_P HELX_P6 AA6 SER A 84 ? GLU A 103 ? SER A 1877 GLU A 1896 1 ? 20 
# 
_struct_conf_type.id          HELX_P 
_struct_conf_type.criteria    ? 
_struct_conf_type.reference   ? 
# 
_struct_site.id                   AC1 
_struct_site.pdbx_evidence_code   Software 
_struct_site.pdbx_auth_asym_id    A 
_struct_site.pdbx_auth_comp_id    EN2 
_struct_site.pdbx_auth_seq_id     1901 
_struct_site.pdbx_auth_ins_code   ? 
_struct_site.pdbx_num_residues    9 
_struct_site.details              'binding site for residue EN2 A 1901' 
# 
loop_
_struct_site_gen.id 
_struct_site_gen.site_id 
_struct_site_gen.pdbx_num_res 
_struct_site_gen.label_comp_id 
_struct_site_gen.label_asym_id 
_struct_site_gen.label_seq_id 
_struct_site_gen.pdbx_auth_ins_code 
_struct_site_gen.auth_comp_id 
_struct_site_gen.auth_asym_id 
_struct_site_gen.auth_seq_id 
_struct_site_gen.label_atom_id 
_struct_site_gen.label_alt_id 
_struct_site_gen.symmetry 
_struct_site_gen.details 
1 AC1 9 PRO A 24 ? PRO A 1817 . ? 1_555 ? 
2 AC1 9 PHE A 25 ? PHE A 1818 . ? 1_555 ? 
3 AC1 9 VAL A 29 ? VAL A 1822 . ? 1_555 ? 
4 AC1 9 LEU A 33 ? LEU A 1826 . ? 1_555 ? 
5 AC1 9 TYR A 37 ? TYR A 1830 . ? 1_555 ? 
6 AC1 9 PHE A 79 ? PHE A 1872 . ? 1_555 ? 
7 AC1 9 ASN A 80 ? ASN A 1873 . ? 1_555 ? 
8 AC1 9 HOH C .  ? HOH A 2001 . ? 1_555 ? 
9 AC1 9 HOH C .  ? HOH A 2010 . ? 1_555 ? 
# 
_phasing.method   MR 
# 
loop_
_pdbx_unobs_or_zero_occ_residues.id 
_pdbx_unobs_or_zero_occ_residues.PDB_model_num 
_pdbx_unobs_or_zero_occ_residues.polymer_flag 
_pdbx_unobs_or_zero_occ_residues.occupancy_flag 
_pdbx_unobs_or_zero_occ_residues.auth_asym_id 
_pdbx_unobs_or_zero_occ_residues.auth_comp_id 
_pdbx_unobs_or_zero_occ_residues.auth_seq_id 
_pdbx_unobs_or_zero_occ_residues.PDB_ins_code 
_pdbx_unobs_or_zero_occ_residues.label_asym_id 
_pdbx_unobs_or_zero_occ_residues.label_comp_id 
_pdbx_unobs_or_zero_occ_residues.label_seq_id 
1 1 Y 1 A SER 1794 ? A SER 1 
2 1 Y 1 A MET 1795 ? A MET 2 
# 
loop_
_chem_comp_atom.comp_id 
_chem_comp_atom.atom_id 
_chem_comp_atom.type_symbol 
_chem_comp_atom.pdbx_aromatic_flag 
_chem_comp_atom.pdbx_stereo_config 
_chem_comp_atom.pdbx_ordinal 
ALA N    N N N 1   
ALA CA   C N S 2   
ALA C    C N N 3   
ALA O    O N N 4   
ALA CB   C N N 5   
ALA OXT  O N N 6   
ALA H    H N N 7   
ALA H2   H N N 8   
ALA HA   H N N 9   
ALA HB1  H N N 10  
ALA HB2  H N N 11  
ALA HB3  H N N 12  
ALA HXT  H N N 13  
ARG N    N N N 14  
ARG CA   C N S 15  
ARG C    C N N 16  
ARG O    O N N 17  
ARG CB   C N N 18  
ARG CG   C N N 19  
ARG CD   C N N 20  
ARG NE   N N N 21  
ARG CZ   C N N 22  
ARG NH1  N N N 23  
ARG NH2  N N N 24  
ARG OXT  O N N 25  
ARG H    H N N 26  
ARG H2   H N N 27  
ARG HA   H N N 28  
ARG HB2  H N N 29  
ARG HB3  H N N 30  
ARG HG2  H N N 31  
ARG HG3  H N N 32  
ARG HD2  H N N 33  
ARG HD3  H N N 34  
ARG HE   H N N 35  
ARG HH11 H N N 36  
ARG HH12 H N N 37  
ARG HH21 H N N 38  
ARG HH22 H N N 39  
ARG HXT  H N N 40  
ASN N    N N N 41  
ASN CA   C N S 42  
ASN C    C N N 43  
ASN O    O N N 44  
ASN CB   C N N 45  
ASN CG   C N N 46  
ASN OD1  O N N 47  
ASN ND2  N N N 48  
ASN OXT  O N N 49  
ASN H    H N N 50  
ASN H2   H N N 51  
ASN HA   H N N 52  
ASN HB2  H N N 53  
ASN HB3  H N N 54  
ASN HD21 H N N 55  
ASN HD22 H N N 56  
ASN HXT  H N N 57  
ASP N    N N N 58  
ASP CA   C N S 59  
ASP C    C N N 60  
ASP O    O N N 61  
ASP CB   C N N 62  
ASP CG   C N N 63  
ASP OD1  O N N 64  
ASP OD2  O N N 65  
ASP OXT  O N N 66  
ASP H    H N N 67  
ASP H2   H N N 68  
ASP HA   H N N 69  
ASP HB2  H N N 70  
ASP HB3  H N N 71  
ASP HD2  H N N 72  
ASP HXT  H N N 73  
CYS N    N N N 74  
CYS CA   C N R 75  
CYS C    C N N 76  
CYS O    O N N 77  
CYS CB   C N N 78  
CYS SG   S N N 79  
CYS OXT  O N N 80  
CYS H    H N N 81  
CYS H2   H N N 82  
CYS HA   H N N 83  
CYS HB2  H N N 84  
CYS HB3  H N N 85  
CYS HG   H N N 86  
CYS HXT  H N N 87  
EN2 C01  C N N 88  
EN2 C03  C N N 89  
EN2 C04  C N N 90  
EN2 C05  C N N 91  
EN2 C06  C N N 92  
EN2 C07  C N N 93  
EN2 C09  C N N 94  
EN2 C12  C N N 95  
EN2 C13  C N N 96  
EN2 C14  C N N 97  
EN2 C16  C N N 98  
EN2 C18  C Y N 99  
EN2 C19  C Y N 100 
EN2 C20  C Y N 101 
EN2 C21  C Y N 102 
EN2 C23  C Y N 103 
EN2 C24  C Y N 104 
EN2 F22  F N N 105 
EN2 N02  N N N 106 
EN2 N11  N N N 107 
EN2 N15  N N N 108 
EN2 O08  O N N 109 
EN2 O10  O N N 110 
EN2 O17  O N N 111 
EN2 H1   H N N 112 
EN2 H2   H N N 113 
EN2 H3   H N N 114 
EN2 H4   H N N 115 
EN2 H5   H N N 116 
EN2 H6   H N N 117 
EN2 H7   H N N 118 
EN2 H8   H N N 119 
EN2 H9   H N N 120 
EN2 H10  H N N 121 
EN2 H11  H N N 122 
EN2 H12  H N N 123 
EN2 H13  H N N 124 
EN2 H14  H N N 125 
EN2 H15  H N N 126 
EN2 H16  H N N 127 
EN2 H17  H N N 128 
EN2 H18  H N N 129 
GLN N    N N N 130 
GLN CA   C N S 131 
GLN C    C N N 132 
GLN O    O N N 133 
GLN CB   C N N 134 
GLN CG   C N N 135 
GLN CD   C N N 136 
GLN OE1  O N N 137 
GLN NE2  N N N 138 
GLN OXT  O N N 139 
GLN H    H N N 140 
GLN H2   H N N 141 
GLN HA   H N N 142 
GLN HB2  H N N 143 
GLN HB3  H N N 144 
GLN HG2  H N N 145 
GLN HG3  H N N 146 
GLN HE21 H N N 147 
GLN HE22 H N N 148 
GLN HXT  H N N 149 
GLU N    N N N 150 
GLU CA   C N S 151 
GLU C    C N N 152 
GLU O    O N N 153 
GLU CB   C N N 154 
GLU CG   C N N 155 
GLU CD   C N N 156 
GLU OE1  O N N 157 
GLU OE2  O N N 158 
GLU OXT  O N N 159 
GLU H    H N N 160 
GLU H2   H N N 161 
GLU HA   H N N 162 
GLU HB2  H N N 163 
GLU HB3  H N N 164 
GLU HG2  H N N 165 
GLU HG3  H N N 166 
GLU HE2  H N N 167 
GLU HXT  H N N 168 
GLY N    N N N 169 
GLY CA   C N N 170 
GLY C    C N N 171 
GLY O    O N N 172 
GLY OXT  O N N 173 
GLY H    H N N 174 
GLY H2   H N N 175 
GLY HA2  H N N 176 
GLY HA3  H N N 177 
GLY HXT  H N N 178 
HIS N    N N N 179 
HIS CA   C N S 180 
HIS C    C N N 181 
HIS O    O N N 182 
HIS CB   C N N 183 
HIS CG   C Y N 184 
HIS ND1  N Y N 185 
HIS CD2  C Y N 186 
HIS CE1  C Y N 187 
HIS NE2  N Y N 188 
HIS OXT  O N N 189 
HIS H    H N N 190 
HIS H2   H N N 191 
HIS HA   H N N 192 
HIS HB2  H N N 193 
HIS HB3  H N N 194 
HIS HD1  H N N 195 
HIS HD2  H N N 196 
HIS HE1  H N N 197 
HIS HE2  H N N 198 
HIS HXT  H N N 199 
HOH O    O N N 200 
HOH H1   H N N 201 
HOH H2   H N N 202 
ILE N    N N N 203 
ILE CA   C N S 204 
ILE C    C N N 205 
ILE O    O N N 206 
ILE CB   C N S 207 
ILE CG1  C N N 208 
ILE CG2  C N N 209 
ILE CD1  C N N 210 
ILE OXT  O N N 211 
ILE H    H N N 212 
ILE H2   H N N 213 
ILE HA   H N N 214 
ILE HB   H N N 215 
ILE HG12 H N N 216 
ILE HG13 H N N 217 
ILE HG21 H N N 218 
ILE HG22 H N N 219 
ILE HG23 H N N 220 
ILE HD11 H N N 221 
ILE HD12 H N N 222 
ILE HD13 H N N 223 
ILE HXT  H N N 224 
LEU N    N N N 225 
LEU CA   C N S 226 
LEU C    C N N 227 
LEU O    O N N 228 
LEU CB   C N N 229 
LEU CG   C N N 230 
LEU CD1  C N N 231 
LEU CD2  C N N 232 
LEU OXT  O N N 233 
LEU H    H N N 234 
LEU H2   H N N 235 
LEU HA   H N N 236 
LEU HB2  H N N 237 
LEU HB3  H N N 238 
LEU HG   H N N 239 
LEU HD11 H N N 240 
LEU HD12 H N N 241 
LEU HD13 H N N 242 
LEU HD21 H N N 243 
LEU HD22 H N N 244 
LEU HD23 H N N 245 
LEU HXT  H N N 246 
LYS N    N N N 247 
LYS CA   C N S 248 
LYS C    C N N 249 
LYS O    O N N 250 
LYS CB   C N N 251 
LYS CG   C N N 252 
LYS CD   C N N 253 
LYS CE   C N N 254 
LYS NZ   N N N 255 
LYS OXT  O N N 256 
LYS H    H N N 257 
LYS H2   H N N 258 
LYS HA   H N N 259 
LYS HB2  H N N 260 
LYS HB3  H N N 261 
LYS HG2  H N N 262 
LYS HG3  H N N 263 
LYS HD2  H N N 264 
LYS HD3  H N N 265 
LYS HE2  H N N 266 
LYS HE3  H N N 267 
LYS HZ1  H N N 268 
LYS HZ2  H N N 269 
LYS HZ3  H N N 270 
LYS HXT  H N N 271 
MET N    N N N 272 
MET CA   C N S 273 
MET C    C N N 274 
MET O    O N N 275 
MET CB   C N N 276 
MET CG   C N N 277 
MET SD   S N N 278 
MET CE   C N N 279 
MET OXT  O N N 280 
MET H    H N N 281 
MET H2   H N N 282 
MET HA   H N N 283 
MET HB2  H N N 284 
MET HB3  H N N 285 
MET HG2  H N N 286 
MET HG3  H N N 287 
MET HE1  H N N 288 
MET HE2  H N N 289 
MET HE3  H N N 290 
MET HXT  H N N 291 
PHE N    N N N 292 
PHE CA   C N S 293 
PHE C    C N N 294 
PHE O    O N N 295 
PHE CB   C N N 296 
PHE CG   C Y N 297 
PHE CD1  C Y N 298 
PHE CD2  C Y N 299 
PHE CE1  C Y N 300 
PHE CE2  C Y N 301 
PHE CZ   C Y N 302 
PHE OXT  O N N 303 
PHE H    H N N 304 
PHE H2   H N N 305 
PHE HA   H N N 306 
PHE HB2  H N N 307 
PHE HB3  H N N 308 
PHE HD1  H N N 309 
PHE HD2  H N N 310 
PHE HE1  H N N 311 
PHE HE2  H N N 312 
PHE HZ   H N N 313 
PHE HXT  H N N 314 
PRO N    N N N 315 
PRO CA   C N S 316 
PRO C    C N N 317 
PRO O    O N N 318 
PRO CB   C N N 319 
PRO CG   C N N 320 
PRO CD   C N N 321 
PRO OXT  O N N 322 
PRO H    H N N 323 
PRO HA   H N N 324 
PRO HB2  H N N 325 
PRO HB3  H N N 326 
PRO HG2  H N N 327 
PRO HG3  H N N 328 
PRO HD2  H N N 329 
PRO HD3  H N N 330 
PRO HXT  H N N 331 
SER N    N N N 332 
SER CA   C N S 333 
SER C    C N N 334 
SER O    O N N 335 
SER CB   C N N 336 
SER OG   O N N 337 
SER OXT  O N N 338 
SER H    H N N 339 
SER H2   H N N 340 
SER HA   H N N 341 
SER HB2  H N N 342 
SER HB3  H N N 343 
SER HG   H N N 344 
SER HXT  H N N 345 
THR N    N N N 346 
THR CA   C N S 347 
THR C    C N N 348 
THR O    O N N 349 
THR CB   C N R 350 
THR OG1  O N N 351 
THR CG2  C N N 352 
THR OXT  O N N 353 
THR H    H N N 354 
THR H2   H N N 355 
THR HA   H N N 356 
THR HB   H N N 357 
THR HG1  H N N 358 
THR HG21 H N N 359 
THR HG22 H N N 360 
THR HG23 H N N 361 
THR HXT  H N N 362 
TRP N    N N N 363 
TRP CA   C N S 364 
TRP C    C N N 365 
TRP O    O N N 366 
TRP CB   C N N 367 
TRP CG   C Y N 368 
TRP CD1  C Y N 369 
TRP CD2  C Y N 370 
TRP NE1  N Y N 371 
TRP CE2  C Y N 372 
TRP CE3  C Y N 373 
TRP CZ2  C Y N 374 
TRP CZ3  C Y N 375 
TRP CH2  C Y N 376 
TRP OXT  O N N 377 
TRP H    H N N 378 
TRP H2   H N N 379 
TRP HA   H N N 380 
TRP HB2  H N N 381 
TRP HB3  H N N 382 
TRP HD1  H N N 383 
TRP HE1  H N N 384 
TRP HE3  H N N 385 
TRP HZ2  H N N 386 
TRP HZ3  H N N 387 
TRP HH2  H N N 388 
TRP HXT  H N N 389 
TYR N    N N N 390 
TYR CA   C N S 391 
TYR C    C N N 392 
TYR O    O N N 393 
TYR CB   C N N 394 
TYR CG   C Y N 395 
TYR CD1  C Y N 396 
TYR CD2  C Y N 397 
TYR CE1  C Y N 398 
TYR CE2  C Y N 399 
TYR CZ   C Y N 400 
TYR OH   O N N 401 
TYR OXT  O N N 402 
TYR H    H N N 403 
TYR H2   H N N 404 
TYR HA   H N N 405 
TYR HB2  H N N 406 
TYR HB3  H N N 407 
TYR HD1  H N N 408 
TYR HD2  H N N 409 
TYR HE1  H N N 410 
TYR HE2  H N N 411 
TYR HH   H N N 412 
TYR HXT  H N N 413 
VAL N    N N N 414 
VAL CA   C N S 415 
VAL C    C N N 416 
VAL O    O N N 417 
VAL CB   C N N 418 
VAL CG1  C N N 419 
VAL CG2  C N N 420 
VAL OXT  O N N 421 
VAL H    H N N 422 
VAL H2   H N N 423 
VAL HA   H N N 424 
VAL HB   H N N 425 
VAL HG11 H N N 426 
VAL HG12 H N N 427 
VAL HG13 H N N 428 
VAL HG21 H N N 429 
VAL HG22 H N N 430 
VAL HG23 H N N 431 
VAL HXT  H N N 432 
# 
loop_
_chem_comp_bond.comp_id 
_chem_comp_bond.atom_id_1 
_chem_comp_bond.atom_id_2 
_chem_comp_bond.value_order 
_chem_comp_bond.pdbx_aromatic_flag 
_chem_comp_bond.pdbx_stereo_config 
_chem_comp_bond.pdbx_ordinal 
ALA N   CA   sing N N 1   
ALA N   H    sing N N 2   
ALA N   H2   sing N N 3   
ALA CA  C    sing N N 4   
ALA CA  CB   sing N N 5   
ALA CA  HA   sing N N 6   
ALA C   O    doub N N 7   
ALA C   OXT  sing N N 8   
ALA CB  HB1  sing N N 9   
ALA CB  HB2  sing N N 10  
ALA CB  HB3  sing N N 11  
ALA OXT HXT  sing N N 12  
ARG N   CA   sing N N 13  
ARG N   H    sing N N 14  
ARG N   H2   sing N N 15  
ARG CA  C    sing N N 16  
ARG CA  CB   sing N N 17  
ARG CA  HA   sing N N 18  
ARG C   O    doub N N 19  
ARG C   OXT  sing N N 20  
ARG CB  CG   sing N N 21  
ARG CB  HB2  sing N N 22  
ARG CB  HB3  sing N N 23  
ARG CG  CD   sing N N 24  
ARG CG  HG2  sing N N 25  
ARG CG  HG3  sing N N 26  
ARG CD  NE   sing N N 27  
ARG CD  HD2  sing N N 28  
ARG CD  HD3  sing N N 29  
ARG NE  CZ   sing N N 30  
ARG NE  HE   sing N N 31  
ARG CZ  NH1  sing N N 32  
ARG CZ  NH2  doub N N 33  
ARG NH1 HH11 sing N N 34  
ARG NH1 HH12 sing N N 35  
ARG NH2 HH21 sing N N 36  
ARG NH2 HH22 sing N N 37  
ARG OXT HXT  sing N N 38  
ASN N   CA   sing N N 39  
ASN N   H    sing N N 40  
ASN N   H2   sing N N 41  
ASN CA  C    sing N N 42  
ASN CA  CB   sing N N 43  
ASN CA  HA   sing N N 44  
ASN C   O    doub N N 45  
ASN C   OXT  sing N N 46  
ASN CB  CG   sing N N 47  
ASN CB  HB2  sing N N 48  
ASN CB  HB3  sing N N 49  
ASN CG  OD1  doub N N 50  
ASN CG  ND2  sing N N 51  
ASN ND2 HD21 sing N N 52  
ASN ND2 HD22 sing N N 53  
ASN OXT HXT  sing N N 54  
ASP N   CA   sing N N 55  
ASP N   H    sing N N 56  
ASP N   H2   sing N N 57  
ASP CA  C    sing N N 58  
ASP CA  CB   sing N N 59  
ASP CA  HA   sing N N 60  
ASP C   O    doub N N 61  
ASP C   OXT  sing N N 62  
ASP CB  CG   sing N N 63  
ASP CB  HB2  sing N N 64  
ASP CB  HB3  sing N N 65  
ASP CG  OD1  doub N N 66  
ASP CG  OD2  sing N N 67  
ASP OD2 HD2  sing N N 68  
ASP OXT HXT  sing N N 69  
CYS N   CA   sing N N 70  
CYS N   H    sing N N 71  
CYS N   H2   sing N N 72  
CYS CA  C    sing N N 73  
CYS CA  CB   sing N N 74  
CYS CA  HA   sing N N 75  
CYS C   O    doub N N 76  
CYS C   OXT  sing N N 77  
CYS CB  SG   sing N N 78  
CYS CB  HB2  sing N N 79  
CYS CB  HB3  sing N N 80  
CYS SG  HG   sing N N 81  
CYS OXT HXT  sing N N 82  
EN2 F22 C21  sing N N 83  
EN2 C20 C21  doub Y N 84  
EN2 C20 C19  sing Y N 85  
EN2 C21 C23  sing Y N 86  
EN2 C19 C18  doub Y N 87  
EN2 C23 C24  doub Y N 88  
EN2 C18 C24  sing Y N 89  
EN2 C18 C16  sing N N 90  
EN2 C16 O17  doub N N 91  
EN2 C16 N15  sing N N 92  
EN2 C14 N15  sing N N 93  
EN2 C14 C13  sing N N 94  
EN2 C06 C05  doub N N 95  
EN2 C06 C07  sing N N 96  
EN2 C05 C04  sing N N 97  
EN2 O08 C07  doub N N 98  
EN2 C13 C12  sing N N 99  
EN2 C07 N02  sing N N 100 
EN2 N11 C12  sing N N 101 
EN2 N11 C09  sing N N 102 
EN2 C04 C09  sing N N 103 
EN2 C04 C03  doub N N 104 
EN2 N02 C03  sing N N 105 
EN2 N02 C01  sing N N 106 
EN2 C09 O10  doub N N 107 
EN2 C01 H1   sing N N 108 
EN2 C01 H2   sing N N 109 
EN2 C01 H3   sing N N 110 
EN2 C03 H4   sing N N 111 
EN2 C05 H5   sing N N 112 
EN2 C06 H6   sing N N 113 
EN2 C12 H7   sing N N 114 
EN2 C12 H8   sing N N 115 
EN2 C13 H9   sing N N 116 
EN2 C13 H10  sing N N 117 
EN2 C14 H11  sing N N 118 
EN2 C14 H12  sing N N 119 
EN2 C19 H13  sing N N 120 
EN2 C20 H14  sing N N 121 
EN2 C23 H15  sing N N 122 
EN2 C24 H16  sing N N 123 
EN2 N11 H17  sing N N 124 
EN2 N15 H18  sing N N 125 
GLN N   CA   sing N N 126 
GLN N   H    sing N N 127 
GLN N   H2   sing N N 128 
GLN CA  C    sing N N 129 
GLN CA  CB   sing N N 130 
GLN CA  HA   sing N N 131 
GLN C   O    doub N N 132 
GLN C   OXT  sing N N 133 
GLN CB  CG   sing N N 134 
GLN CB  HB2  sing N N 135 
GLN CB  HB3  sing N N 136 
GLN CG  CD   sing N N 137 
GLN CG  HG2  sing N N 138 
GLN CG  HG3  sing N N 139 
GLN CD  OE1  doub N N 140 
GLN CD  NE2  sing N N 141 
GLN NE2 HE21 sing N N 142 
GLN NE2 HE22 sing N N 143 
GLN OXT HXT  sing N N 144 
GLU N   CA   sing N N 145 
GLU N   H    sing N N 146 
GLU N   H2   sing N N 147 
GLU CA  C    sing N N 148 
GLU CA  CB   sing N N 149 
GLU CA  HA   sing N N 150 
GLU C   O    doub N N 151 
GLU C   OXT  sing N N 152 
GLU CB  CG   sing N N 153 
GLU CB  HB2  sing N N 154 
GLU CB  HB3  sing N N 155 
GLU CG  CD   sing N N 156 
GLU CG  HG2  sing N N 157 
GLU CG  HG3  sing N N 158 
GLU CD  OE1  doub N N 159 
GLU CD  OE2  sing N N 160 
GLU OE2 HE2  sing N N 161 
GLU OXT HXT  sing N N 162 
GLY N   CA   sing N N 163 
GLY N   H    sing N N 164 
GLY N   H2   sing N N 165 
GLY CA  C    sing N N 166 
GLY CA  HA2  sing N N 167 
GLY CA  HA3  sing N N 168 
GLY C   O    doub N N 169 
GLY C   OXT  sing N N 170 
GLY OXT HXT  sing N N 171 
HIS N   CA   sing N N 172 
HIS N   H    sing N N 173 
HIS N   H2   sing N N 174 
HIS CA  C    sing N N 175 
HIS CA  CB   sing N N 176 
HIS CA  HA   sing N N 177 
HIS C   O    doub N N 178 
HIS C   OXT  sing N N 179 
HIS CB  CG   sing N N 180 
HIS CB  HB2  sing N N 181 
HIS CB  HB3  sing N N 182 
HIS CG  ND1  sing Y N 183 
HIS CG  CD2  doub Y N 184 
HIS ND1 CE1  doub Y N 185 
HIS ND1 HD1  sing N N 186 
HIS CD2 NE2  sing Y N 187 
HIS CD2 HD2  sing N N 188 
HIS CE1 NE2  sing Y N 189 
HIS CE1 HE1  sing N N 190 
HIS NE2 HE2  sing N N 191 
HIS OXT HXT  sing N N 192 
HOH O   H1   sing N N 193 
HOH O   H2   sing N N 194 
ILE N   CA   sing N N 195 
ILE N   H    sing N N 196 
ILE N   H2   sing N N 197 
ILE CA  C    sing N N 198 
ILE CA  CB   sing N N 199 
ILE CA  HA   sing N N 200 
ILE C   O    doub N N 201 
ILE C   OXT  sing N N 202 
ILE CB  CG1  sing N N 203 
ILE CB  CG2  sing N N 204 
ILE CB  HB   sing N N 205 
ILE CG1 CD1  sing N N 206 
ILE CG1 HG12 sing N N 207 
ILE CG1 HG13 sing N N 208 
ILE CG2 HG21 sing N N 209 
ILE CG2 HG22 sing N N 210 
ILE CG2 HG23 sing N N 211 
ILE CD1 HD11 sing N N 212 
ILE CD1 HD12 sing N N 213 
ILE CD1 HD13 sing N N 214 
ILE OXT HXT  sing N N 215 
LEU N   CA   sing N N 216 
LEU N   H    sing N N 217 
LEU N   H2   sing N N 218 
LEU CA  C    sing N N 219 
LEU CA  CB   sing N N 220 
LEU CA  HA   sing N N 221 
LEU C   O    doub N N 222 
LEU C   OXT  sing N N 223 
LEU CB  CG   sing N N 224 
LEU CB  HB2  sing N N 225 
LEU CB  HB3  sing N N 226 
LEU CG  CD1  sing N N 227 
LEU CG  CD2  sing N N 228 
LEU CG  HG   sing N N 229 
LEU CD1 HD11 sing N N 230 
LEU CD1 HD12 sing N N 231 
LEU CD1 HD13 sing N N 232 
LEU CD2 HD21 sing N N 233 
LEU CD2 HD22 sing N N 234 
LEU CD2 HD23 sing N N 235 
LEU OXT HXT  sing N N 236 
LYS N   CA   sing N N 237 
LYS N   H    sing N N 238 
LYS N   H2   sing N N 239 
LYS CA  C    sing N N 240 
LYS CA  CB   sing N N 241 
LYS CA  HA   sing N N 242 
LYS C   O    doub N N 243 
LYS C   OXT  sing N N 244 
LYS CB  CG   sing N N 245 
LYS CB  HB2  sing N N 246 
LYS CB  HB3  sing N N 247 
LYS CG  CD   sing N N 248 
LYS CG  HG2  sing N N 249 
LYS CG  HG3  sing N N 250 
LYS CD  CE   sing N N 251 
LYS CD  HD2  sing N N 252 
LYS CD  HD3  sing N N 253 
LYS CE  NZ   sing N N 254 
LYS CE  HE2  sing N N 255 
LYS CE  HE3  sing N N 256 
LYS NZ  HZ1  sing N N 257 
LYS NZ  HZ2  sing N N 258 
LYS NZ  HZ3  sing N N 259 
LYS OXT HXT  sing N N 260 
MET N   CA   sing N N 261 
MET N   H    sing N N 262 
MET N   H2   sing N N 263 
MET CA  C    sing N N 264 
MET CA  CB   sing N N 265 
MET CA  HA   sing N N 266 
MET C   O    doub N N 267 
MET C   OXT  sing N N 268 
MET CB  CG   sing N N 269 
MET CB  HB2  sing N N 270 
MET CB  HB3  sing N N 271 
MET CG  SD   sing N N 272 
MET CG  HG2  sing N N 273 
MET CG  HG3  sing N N 274 
MET SD  CE   sing N N 275 
MET CE  HE1  sing N N 276 
MET CE  HE2  sing N N 277 
MET CE  HE3  sing N N 278 
MET OXT HXT  sing N N 279 
PHE N   CA   sing N N 280 
PHE N   H    sing N N 281 
PHE N   H2   sing N N 282 
PHE CA  C    sing N N 283 
PHE CA  CB   sing N N 284 
PHE CA  HA   sing N N 285 
PHE C   O    doub N N 286 
PHE C   OXT  sing N N 287 
PHE CB  CG   sing N N 288 
PHE CB  HB2  sing N N 289 
PHE CB  HB3  sing N N 290 
PHE CG  CD1  doub Y N 291 
PHE CG  CD2  sing Y N 292 
PHE CD1 CE1  sing Y N 293 
PHE CD1 HD1  sing N N 294 
PHE CD2 CE2  doub Y N 295 
PHE CD2 HD2  sing N N 296 
PHE CE1 CZ   doub Y N 297 
PHE CE1 HE1  sing N N 298 
PHE CE2 CZ   sing Y N 299 
PHE CE2 HE2  sing N N 300 
PHE CZ  HZ   sing N N 301 
PHE OXT HXT  sing N N 302 
PRO N   CA   sing N N 303 
PRO N   CD   sing N N 304 
PRO N   H    sing N N 305 
PRO CA  C    sing N N 306 
PRO CA  CB   sing N N 307 
PRO CA  HA   sing N N 308 
PRO C   O    doub N N 309 
PRO C   OXT  sing N N 310 
PRO CB  CG   sing N N 311 
PRO CB  HB2  sing N N 312 
PRO CB  HB3  sing N N 313 
PRO CG  CD   sing N N 314 
PRO CG  HG2  sing N N 315 
PRO CG  HG3  sing N N 316 
PRO CD  HD2  sing N N 317 
PRO CD  HD3  sing N N 318 
PRO OXT HXT  sing N N 319 
SER N   CA   sing N N 320 
SER N   H    sing N N 321 
SER N   H2   sing N N 322 
SER CA  C    sing N N 323 
SER CA  CB   sing N N 324 
SER CA  HA   sing N N 325 
SER C   O    doub N N 326 
SER C   OXT  sing N N 327 
SER CB  OG   sing N N 328 
SER CB  HB2  sing N N 329 
SER CB  HB3  sing N N 330 
SER OG  HG   sing N N 331 
SER OXT HXT  sing N N 332 
THR N   CA   sing N N 333 
THR N   H    sing N N 334 
THR N   H2   sing N N 335 
THR CA  C    sing N N 336 
THR CA  CB   sing N N 337 
THR CA  HA   sing N N 338 
THR C   O    doub N N 339 
THR C   OXT  sing N N 340 
THR CB  OG1  sing N N 341 
THR CB  CG2  sing N N 342 
THR CB  HB   sing N N 343 
THR OG1 HG1  sing N N 344 
THR CG2 HG21 sing N N 345 
THR CG2 HG22 sing N N 346 
THR CG2 HG23 sing N N 347 
THR OXT HXT  sing N N 348 
TRP N   CA   sing N N 349 
TRP N   H    sing N N 350 
TRP N   H2   sing N N 351 
TRP CA  C    sing N N 352 
TRP CA  CB   sing N N 353 
TRP CA  HA   sing N N 354 
TRP C   O    doub N N 355 
TRP C   OXT  sing N N 356 
TRP CB  CG   sing N N 357 
TRP CB  HB2  sing N N 358 
TRP CB  HB3  sing N N 359 
TRP CG  CD1  doub Y N 360 
TRP CG  CD2  sing Y N 361 
TRP CD1 NE1  sing Y N 362 
TRP CD1 HD1  sing N N 363 
TRP CD2 CE2  doub Y N 364 
TRP CD2 CE3  sing Y N 365 
TRP NE1 CE2  sing Y N 366 
TRP NE1 HE1  sing N N 367 
TRP CE2 CZ2  sing Y N 368 
TRP CE3 CZ3  doub Y N 369 
TRP CE3 HE3  sing N N 370 
TRP CZ2 CH2  doub Y N 371 
TRP CZ2 HZ2  sing N N 372 
TRP CZ3 CH2  sing Y N 373 
TRP CZ3 HZ3  sing N N 374 
TRP CH2 HH2  sing N N 375 
TRP OXT HXT  sing N N 376 
TYR N   CA   sing N N 377 
TYR N   H    sing N N 378 
TYR N   H2   sing N N 379 
TYR CA  C    sing N N 380 
TYR CA  CB   sing N N 381 
TYR CA  HA   sing N N 382 
TYR C   O    doub N N 383 
TYR C   OXT  sing N N 384 
TYR CB  CG   sing N N 385 
TYR CB  HB2  sing N N 386 
TYR CB  HB3  sing N N 387 
TYR CG  CD1  doub Y N 388 
TYR CG  CD2  sing Y N 389 
TYR CD1 CE1  sing Y N 390 
TYR CD1 HD1  sing N N 391 
TYR CD2 CE2  doub Y N 392 
TYR CD2 HD2  sing N N 393 
TYR CE1 CZ   doub Y N 394 
TYR CE1 HE1  sing N N 395 
TYR CE2 CZ   sing Y N 396 
TYR CE2 HE2  sing N N 397 
TYR CZ  OH   sing N N 398 
TYR OH  HH   sing N N 399 
TYR OXT HXT  sing N N 400 
VAL N   CA   sing N N 401 
VAL N   H    sing N N 402 
VAL N   H2   sing N N 403 
VAL CA  C    sing N N 404 
VAL CA  CB   sing N N 405 
VAL CA  HA   sing N N 406 
VAL C   O    doub N N 407 
VAL C   OXT  sing N N 408 
VAL CB  CG1  sing N N 409 
VAL CB  CG2  sing N N 410 
VAL CB  HB   sing N N 411 
VAL CG1 HG11 sing N N 412 
VAL CG1 HG12 sing N N 413 
VAL CG1 HG13 sing N N 414 
VAL CG2 HG21 sing N N 415 
VAL CG2 HG22 sing N N 416 
VAL CG2 HG23 sing N N 417 
VAL OXT HXT  sing N N 418 
# 
_pdbx_audit_support.funding_organization   'Swiss National Science Foundation' 
_pdbx_audit_support.country                Switzerland 
_pdbx_audit_support.grant_number           31003A_169007 
_pdbx_audit_support.ordinal                1 
# 
_pdbx_initial_refinement_model.id               1 
_pdbx_initial_refinement_model.entity_id_list   ? 
_pdbx_initial_refinement_model.type             'experimental model' 
_pdbx_initial_refinement_model.source_name      PDB 
_pdbx_initial_refinement_model.accession_code   5MGJ 
_pdbx_initial_refinement_model.details          ? 
# 
_atom_sites.entry_id                    6FGF 
_atom_sites.fract_transf_matrix[1][1]   -0.00857961 
_atom_sites.fract_transf_matrix[1][2]   -0.00746479 
_atom_sites.fract_transf_matrix[1][3]   0.00416671 
_atom_sites.fract_transf_matrix[2][1]   -0.01088044 
_atom_sites.fract_transf_matrix[2][2]   -0.00028675 
_atom_sites.fract_transf_matrix[2][3]   -0.00531360 
_atom_sites.fract_transf_matrix[3][1]   0.00988214 
_atom_sites.fract_transf_matrix[3][2]   -0.02199053 
_atom_sites.fract_transf_matrix[3][3]   -0.01904854 
_atom_sites.fract_transf_vector[1]      -0.143318 
_atom_sites.fract_transf_vector[2]      0.370032 
_atom_sites.fract_transf_vector[3]      -0.493693 
# 
loop_
_atom_type.symbol 
C 
F 
N 
O 
S 
# 
loop_
_atom_site.group_PDB 
_atom_site.id 
_atom_site.type_symbol 
_atom_site.label_atom_id 
_atom_site.label_alt_id 
_atom_site.label_comp_id 
_atom_site.label_asym_id 
_atom_site.label_entity_id 
_atom_site.label_seq_id 
_atom_site.pdbx_PDB_ins_code 
_atom_site.Cartn_x 
_atom_site.Cartn_y 
_atom_site.Cartn_z 
_atom_site.occupancy 
_atom_site.B_iso_or_equiv 
_atom_site.pdbx_formal_charge 
_atom_site.auth_seq_id 
_atom_site.auth_comp_id 
_atom_site.auth_asym_id 
_atom_site.auth_atom_id 
_atom_site.pdbx_PDB_model_num 
ATOM   1   N N   . HIS A 1 3   ? 19.895  -5.512  7.931   1.00 77.94 ? 1796 HIS A N   1 
ATOM   2   C CA  . HIS A 1 3   ? 19.951  -4.956  6.582   1.00 82.72 ? 1796 HIS A CA  1 
ATOM   3   C C   . HIS A 1 3   ? 19.054  -5.727  5.622   1.00 80.15 ? 1796 HIS A C   1 
ATOM   4   O O   . HIS A 1 3   ? 18.121  -5.164  5.054   1.00 78.95 ? 1796 HIS A O   1 
ATOM   5   C CB  . HIS A 1 3   ? 21.390  -4.952  6.052   1.00 83.90 ? 1796 HIS A CB  1 
ATOM   6   C CG  . HIS A 1 3   ? 21.550  -4.242  4.740   1.00 88.27 ? 1796 HIS A CG  1 
ATOM   7   N ND1 . HIS A 1 3   ? 21.293  -2.896  4.586   1.00 87.43 ? 1796 HIS A ND1 1 
ATOM   8   C CD2 . HIS A 1 3   ? 21.943  -4.691  3.523   1.00 83.62 ? 1796 HIS A CD2 1 
ATOM   9   C CE1 . HIS A 1 3   ? 21.519  -2.546  3.331   1.00 81.32 ? 1796 HIS A CE1 1 
ATOM   10  N NE2 . HIS A 1 3   ? 21.913  -3.617  2.666   1.00 79.01 ? 1796 HIS A NE2 1 
ATOM   11  N N   . SER A 1 4   ? 19.339  -7.023  5.454   1.00 81.18 ? 1797 SER A N   1 
ATOM   12  C CA  . SER A 1 4   ? 18.665  -7.820  4.431   1.00 77.66 ? 1797 SER A CA  1 
ATOM   13  C C   . SER A 1 4   ? 17.157  -7.901  4.638   1.00 79.88 ? 1797 SER A C   1 
ATOM   14  O O   . SER A 1 4   ? 16.436  -8.282  3.708   1.00 76.04 ? 1797 SER A O   1 
ATOM   15  C CB  . SER A 1 4   ? 19.259  -9.228  4.393   1.00 69.48 ? 1797 SER A CB  1 
ATOM   16  O OG  . SER A 1 4   ? 20.616  -9.203  3.979   1.00 74.81 ? 1797 SER A OG  1 
ATOM   17  N N   . ASP A 1 5   ? 16.660  -7.550  5.825   1.00 83.58 ? 1798 ASP A N   1 
ATOM   18  C CA  . ASP A 1 5   ? 15.218  -7.569  6.052   1.00 81.21 ? 1798 ASP A CA  1 
ATOM   19  C C   . ASP A 1 5   ? 14.530  -6.432  5.310   1.00 78.17 ? 1798 ASP A C   1 
ATOM   20  O O   . ASP A 1 5   ? 13.435  -6.612  4.763   1.00 76.24 ? 1798 ASP A O   1 
ATOM   21  C CB  . ASP A 1 5   ? 14.916  -7.493  7.551   1.00 77.79 ? 1798 ASP A CB  1 
ATOM   22  C CG  . ASP A 1 5   ? 14.247  -8.752  8.076   1.00 80.43 ? 1798 ASP A CG  1 
ATOM   23  O OD1 . ASP A 1 5   ? 14.283  -9.783  7.368   1.00 78.17 ? 1798 ASP A OD1 1 
ATOM   24  O OD2 . ASP A 1 5   ? 13.675  -8.711  9.186   1.00 74.17 ? 1798 ASP A OD2 1 
ATOM   25  N N   . LEU A 1 6   ? 15.162  -5.261  5.267   1.00 71.34 ? 1799 LEU A N   1 
ATOM   26  C CA  . LEU A 1 6   ? 14.575  -4.085  4.643   1.00 65.90 ? 1799 LEU A CA  1 
ATOM   27  C C   . LEU A 1 6   ? 14.986  -3.909  3.183   1.00 60.62 ? 1799 LEU A C   1 
ATOM   28  O O   . LEU A 1 6   ? 14.364  -3.110  2.473   1.00 57.11 ? 1799 LEU A O   1 
ATOM   29  C CB  . LEU A 1 6   ? 14.943  -2.839  5.454   1.00 63.65 ? 1799 LEU A CB  1 
ATOM   30  C CG  . LEU A 1 6   ? 14.350  -2.820  6.868   1.00 60.26 ? 1799 LEU A CG  1 
ATOM   31  C CD1 . LEU A 1 6   ? 14.876  -1.632  7.659   1.00 62.69 ? 1799 LEU A CD1 1 
ATOM   32  C CD2 . LEU A 1 6   ? 12.827  -2.804  6.826   1.00 52.12 ? 1799 LEU A CD2 1 
ATOM   33  N N   . THR A 1 7   ? 16.004  -4.635  2.716   1.00 61.28 ? 1800 THR A N   1 
ATOM   34  C CA  . THR A 1 7   ? 16.353  -4.596  1.298   1.00 61.66 ? 1800 THR A CA  1 
ATOM   35  C C   . THR A 1 7   ? 15.228  -5.164  0.445   1.00 55.92 ? 1800 THR A C   1 
ATOM   36  O O   . THR A 1 7   ? 14.884  -4.594  -0.597  1.00 52.98 ? 1800 THR A O   1 
ATOM   37  C CB  . THR A 1 7   ? 17.650  -5.369  1.041   1.00 66.26 ? 1800 THR A CB  1 
ATOM   38  O OG1 . THR A 1 7   ? 17.466  -6.750  1.377   1.00 70.41 ? 1800 THR A OG1 1 
ATOM   39  C CG2 . THR A 1 7   ? 18.781  -4.800  1.869   1.00 68.86 ? 1800 THR A CG2 1 
ATOM   40  N N   . PHE A 1 8   ? 14.646  -6.288  0.865   1.00 57.93 ? 1801 PHE A N   1 
ATOM   41  C CA  . PHE A 1 8   ? 13.508  -6.834  0.140   1.00 56.23 ? 1801 PHE A CA  1 
ATOM   42  C C   . PHE A 1 8   ? 12.256  -5.996  0.342   1.00 51.07 ? 1801 PHE A C   1 
ATOM   43  O O   . PHE A 1 8   ? 11.324  -6.095  -0.460  1.00 48.21 ? 1801 PHE A O   1 
ATOM   44  C CB  . PHE A 1 8   ? 13.250  -8.282  0.555   1.00 59.83 ? 1801 PHE A CB  1 
ATOM   45  C CG  . PHE A 1 8   ? 12.664  -9.129  -0.546  1.00 65.74 ? 1801 PHE A CG  1 
ATOM   46  C CD1 . PHE A 1 8   ? 11.300  -9.380  -0.606  1.00 64.78 ? 1801 PHE A CD1 1 
ATOM   47  C CD2 . PHE A 1 8   ? 13.481  -9.668  -1.530  1.00 68.57 ? 1801 PHE A CD2 1 
ATOM   48  C CE1 . PHE A 1 8   ? 10.765  -10.158 -1.627  1.00 61.51 ? 1801 PHE A CE1 1 
ATOM   49  C CE2 . PHE A 1 8   ? 12.951  -10.446 -2.551  1.00 59.57 ? 1801 PHE A CE2 1 
ATOM   50  C CZ  . PHE A 1 8   ? 11.593  -10.689 -2.599  1.00 56.90 ? 1801 PHE A CZ  1 
ATOM   51  N N   . CYS A 1 9   ? 12.204  -5.186  1.400   1.00 50.75 ? 1802 CYS A N   1 
ATOM   52  C CA  . CYS A 1 9   ? 11.156  -4.178  1.491   1.00 47.62 ? 1802 CYS A CA  1 
ATOM   53  C C   . CYS A 1 9   ? 11.359  -3.098  0.435   1.00 43.67 ? 1802 CYS A C   1 
ATOM   54  O O   . CYS A 1 9   ? 10.389  -2.592  -0.142  1.00 40.86 ? 1802 CYS A O   1 
ATOM   55  C CB  . CYS A 1 9   ? 11.123  -3.573  2.895   1.00 48.40 ? 1802 CYS A CB  1 
ATOM   56  S SG  . CYS A 1 9   ? 10.603  -4.729  4.186   1.00 47.18 ? 1802 CYS A SG  1 
ATOM   57  N N   . GLU A 1 10  ? 12.617  -2.741  0.163   1.00 45.06 ? 1803 GLU A N   1 
ATOM   58  C CA  . GLU A 1 10  ? 12.899  -1.827  -0.938  1.00 38.54 ? 1803 GLU A CA  1 
ATOM   59  C C   . GLU A 1 10  ? 12.521  -2.447  -2.278  1.00 38.33 ? 1803 GLU A C   1 
ATOM   60  O O   . GLU A 1 10  ? 11.971  -1.767  -3.150  1.00 38.58 ? 1803 GLU A O   1 
ATOM   61  C CB  . GLU A 1 10  ? 14.374  -1.430  -0.926  1.00 36.46 ? 1803 GLU A CB  1 
ATOM   62  C CG  . GLU A 1 10  ? 14.796  -0.576  -2.110  1.00 37.60 ? 1803 GLU A CG  1 
ATOM   63  C CD  . GLU A 1 10  ? 14.104  0.775   -2.136  1.00 38.45 ? 1803 GLU A CD  1 
ATOM   64  O OE1 . GLU A 1 10  ? 14.105  1.467   -1.092  1.00 38.37 ? 1803 GLU A OE1 1 
ATOM   65  O OE2 . GLU A 1 10  ? 13.553  1.140   -3.198  1.00 32.08 ? 1803 GLU A OE2 1 
ATOM   66  N N   . ILE A 1 11  ? 12.801  -3.739  -2.457  1.00 41.31 ? 1804 ILE A N   1 
ATOM   67  C CA  . ILE A 1 11  ? 12.453  -4.401  -3.712  1.00 39.91 ? 1804 ILE A CA  1 
ATOM   68  C C   . ILE A 1 11  ? 10.939  -4.465  -3.878  1.00 37.69 ? 1804 ILE A C   1 
ATOM   69  O O   . ILE A 1 11  ? 10.398  -4.134  -4.942  1.00 39.76 ? 1804 ILE A O   1 
ATOM   70  C CB  . ILE A 1 11  ? 13.091  -5.801  -3.776  1.00 42.54 ? 1804 ILE A CB  1 
ATOM   71  C CG1 . ILE A 1 11  ? 14.615  -5.701  -3.671  1.00 40.70 ? 1804 ILE A CG1 1 
ATOM   72  C CG2 . ILE A 1 11  ? 12.696  -6.504  -5.062  1.00 43.19 ? 1804 ILE A CG2 1 
ATOM   73  C CD1 . ILE A 1 11  ? 15.335  -7.020  -3.874  1.00 44.62 ? 1804 ILE A CD1 1 
ATOM   74  N N   . ILE A 1 12  ? 10.234  -4.883  -2.826  1.00 36.66 ? 1805 ILE A N   1 
ATOM   75  C CA  . ILE A 1 12  ? 8.779   -5.002  -2.893  1.00 37.60 ? 1805 ILE A CA  1 
ATOM   76  C C   . ILE A 1 12  ? 8.147   -3.642  -3.155  1.00 35.50 ? 1805 ILE A C   1 
ATOM   77  O O   . ILE A 1 12  ? 7.278   -3.497  -4.024  1.00 31.38 ? 1805 ILE A O   1 
ATOM   78  C CB  . ILE A 1 12  ? 8.234   -5.637  -1.601  1.00 39.60 ? 1805 ILE A CB  1 
ATOM   79  C CG1 . ILE A 1 12  ? 8.496   -7.143  -1.599  1.00 44.75 ? 1805 ILE A CG1 1 
ATOM   80  C CG2 . ILE A 1 12  ? 6.751   -5.341  -1.437  1.00 37.79 ? 1805 ILE A CG2 1 
ATOM   81  C CD1 . ILE A 1 12  ? 8.097   -7.819  -0.311  1.00 47.49 ? 1805 ILE A CD1 1 
ATOM   82  N N   . LEU A 1 13  ? 8.576   -2.621  -2.410  1.00 35.24 ? 1806 LEU A N   1 
ATOM   83  C CA  . LEU A 1 13  ? 8.004   -1.293  -2.598  1.00 29.94 ? 1806 LEU A CA  1 
ATOM   84  C C   . LEU A 1 13  ? 8.330   -0.735  -3.975  1.00 32.01 ? 1806 LEU A C   1 
ATOM   85  O O   . LEU A 1 13  ? 7.511   -0.022  -4.559  1.00 29.78 ? 1806 LEU A O   1 
ATOM   86  C CB  . LEU A 1 13  ? 8.494   -0.340  -1.510  1.00 30.91 ? 1806 LEU A CB  1 
ATOM   87  C CG  . LEU A 1 13  ? 7.885   1.064   -1.552  1.00 31.65 ? 1806 LEU A CG  1 
ATOM   88  C CD1 . LEU A 1 13  ? 6.367   0.992   -1.505  1.00 29.78 ? 1806 LEU A CD1 1 
ATOM   89  C CD2 . LEU A 1 13  ? 8.414   1.911   -0.412  1.00 32.20 ? 1806 LEU A CD2 1 
ATOM   90  N N   . MET A 1 14  ? 9.515   -1.038  -4.506  1.00 34.18 ? 1807 MET A N   1 
ATOM   91  C CA  . MET A 1 14  ? 9.858   -0.587  -5.850  1.00 33.54 ? 1807 MET A CA  1 
ATOM   92  C C   . MET A 1 14  ? 8.938   -1.225  -6.885  1.00 31.59 ? 1807 MET A C   1 
ATOM   93  O O   . MET A 1 14  ? 8.357   -0.534  -7.736  1.00 30.61 ? 1807 MET A O   1 
ATOM   94  C CB  . MET A 1 14  ? 11.326  -0.911  -6.136  1.00 36.33 ? 1807 MET A CB  1 
ATOM   95  C CG  . MET A 1 14  ? 11.674  -1.119  -7.601  1.00 42.61 ? 1807 MET A CG  1 
ATOM   96  S SD  . MET A 1 14  ? 13.445  -1.400  -7.835  1.00 56.18 ? 1807 MET A SD  1 
ATOM   97  C CE  . MET A 1 14  ? 13.719  -2.822  -6.784  1.00 35.93 ? 1807 MET A CE  1 
ATOM   98  N N   . GLU A 1 15  ? 8.770   -2.546  -6.806  1.00 30.18 ? 1808 GLU A N   1 
ATOM   99  C CA  . GLU A 1 15  ? 7.925   -3.232  -7.774  1.00 30.47 ? 1808 GLU A CA  1 
ATOM   100 C C   . GLU A 1 15  ? 6.467   -2.808  -7.646  1.00 29.89 ? 1808 GLU A C   1 
ATOM   101 O O   . GLU A 1 15  ? 5.755   -2.729  -8.654  1.00 26.93 ? 1808 GLU A O   1 
ATOM   102 C CB  . GLU A 1 15  ? 8.077   -4.746  -7.616  1.00 32.84 ? 1808 GLU A CB  1 
ATOM   103 C CG  . GLU A 1 15  ? 9.486   -5.246  -7.924  1.00 33.93 ? 1808 GLU A CG  1 
ATOM   104 C CD  . GLU A 1 15  ? 9.603   -6.757  -7.885  1.00 43.61 ? 1808 GLU A CD  1 
ATOM   105 O OE1 . GLU A 1 15  ? 8.723   -7.408  -7.284  1.00 47.59 ? 1808 GLU A OE1 1 
ATOM   106 O OE2 . GLU A 1 15  ? 10.575  -7.296  -8.456  1.00 45.42 ? 1808 GLU A OE2 1 
ATOM   107 N N   . MET A 1 16  ? 6.010   -2.512  -6.425  1.00 30.30 ? 1809 MET A N   1 
ATOM   108 C CA  . MET A 1 16  ? 4.650   -2.012  -6.250  1.00 24.83 ? 1809 MET A CA  1 
ATOM   109 C C   . MET A 1 16  ? 4.508   -0.600  -6.799  1.00 26.08 ? 1809 MET A C   1 
ATOM   110 O O   . MET A 1 16  ? 3.496   -0.271  -7.425  1.00 24.54 ? 1809 MET A O   1 
ATOM   111 C CB  . MET A 1 16  ? 4.253   -2.052  -4.775  1.00 21.99 ? 1809 MET A CB  1 
ATOM   112 C CG  . MET A 1 16  ? 3.986   -3.438  -4.235  1.00 23.71 ? 1809 MET A CG  1 
ATOM   113 S SD  . MET A 1 16  ? 2.947   -3.411  -2.759  1.00 25.95 ? 1809 MET A SD  1 
ATOM   114 C CE  . MET A 1 16  ? 3.982   -2.532  -1.592  1.00 26.22 ? 1809 MET A CE  1 
ATOM   115 N N   . GLU A 1 17  ? 5.512   0.250   -6.569  1.00 26.07 ? 1810 GLU A N   1 
ATOM   116 C CA  . GLU A 1 17  ? 5.463   1.619   -7.066  1.00 24.46 ? 1810 GLU A CA  1 
ATOM   117 C C   . GLU A 1 17  ? 5.406   1.653   -8.586  1.00 25.41 ? 1810 GLU A C   1 
ATOM   118 O O   . GLU A 1 17  ? 4.717   2.499   -9.168  1.00 21.06 ? 1810 GLU A O   1 
ATOM   119 C CB  . GLU A 1 17  ? 6.672   2.408   -6.562  1.00 25.18 ? 1810 GLU A CB  1 
ATOM   120 C CG  . GLU A 1 17  ? 6.551   2.904   -5.131  1.00 29.20 ? 1810 GLU A CG  1 
ATOM   121 C CD  . GLU A 1 17  ? 7.821   3.581   -4.644  1.00 35.35 ? 1810 GLU A CD  1 
ATOM   122 O OE1 . GLU A 1 17  ? 8.888   3.345   -5.252  1.00 37.04 ? 1810 GLU A OE1 1 
ATOM   123 O OE2 . GLU A 1 17  ? 7.753   4.351   -3.660  1.00 34.69 ? 1810 GLU A OE2 1 
ATOM   124 N N   . SER A 1 18  ? 6.118   0.739   -9.248  1.00 27.31 ? 1811 SER A N   1 
ATOM   125 C CA  . SER A 1 18  ? 6.127   0.705   -10.707 1.00 24.12 ? 1811 SER A CA  1 
ATOM   126 C C   . SER A 1 18  ? 5.072   -0.224  -11.299 1.00 21.03 ? 1811 SER A C   1 
ATOM   127 O O   . SER A 1 18  ? 5.037   -0.393  -12.522 1.00 22.37 ? 1811 SER A O   1 
ATOM   128 C CB  . SER A 1 18  ? 7.514   0.301   -11.214 1.00 20.50 ? 1811 SER A CB  1 
ATOM   129 O OG  . SER A 1 18  ? 7.930   -0.917  -10.632 1.00 27.30 ? 1811 SER A OG  1 
ATOM   130 N N   . HIS A 1 19  ? 4.206   -0.811  -10.479 1.00 23.65 ? 1812 HIS A N   1 
ATOM   131 C CA  . HIS A 1 19  ? 3.199   -1.743  -10.973 1.00 22.82 ? 1812 HIS A CA  1 
ATOM   132 C C   . HIS A 1 19  ? 2.160   -1.021  -11.828 1.00 23.76 ? 1812 HIS A C   1 
ATOM   133 O O   . HIS A 1 19  ? 1.905   0.174   -11.662 1.00 22.15 ? 1812 HIS A O   1 
ATOM   134 C CB  . HIS A 1 19  ? 2.518   -2.446  -9.798  1.00 22.23 ? 1812 HIS A CB  1 
ATOM   135 C CG  . HIS A 1 19  ? 1.857   -3.740  -10.158 1.00 24.57 ? 1812 HIS A CG  1 
ATOM   136 N ND1 . HIS A 1 19  ? 0.709   -3.807  -10.918 1.00 26.25 ? 1812 HIS A ND1 1 
ATOM   137 C CD2 . HIS A 1 19  ? 2.169   -5.019  -9.838  1.00 24.66 ? 1812 HIS A CD2 1 
ATOM   138 C CE1 . HIS A 1 19  ? 0.352   -5.070  -11.066 1.00 25.68 ? 1812 HIS A CE1 1 
ATOM   139 N NE2 . HIS A 1 19  ? 1.220   -5.826  -10.417 1.00 27.55 ? 1812 HIS A NE2 1 
ATOM   140 N N   . ASP A 1 20  ? 1.560   -1.767  -12.763 1.00 23.55 ? 1813 ASP A N   1 
ATOM   141 C CA  . ASP A 1 20  ? 0.543   -1.186  -13.635 1.00 21.75 ? 1813 ASP A CA  1 
ATOM   142 C C   . ASP A 1 20  ? -0.681  -0.740  -12.846 1.00 23.97 ? 1813 ASP A C   1 
ATOM   143 O O   . ASP A 1 20  ? -1.254  0.318   -13.125 1.00 31.48 ? 1813 ASP A O   1 
ATOM   144 C CB  . ASP A 1 20  ? 0.134   -2.187  -14.716 1.00 30.99 ? 1813 ASP A CB  1 
ATOM   145 C CG  . ASP A 1 20  ? 1.034   -2.137  -15.938 1.00 32.45 ? 1813 ASP A CG  1 
ATOM   146 O OD1 . ASP A 1 20  ? 2.091   -1.475  -15.885 1.00 31.86 ? 1813 ASP A OD1 1 
ATOM   147 O OD2 . ASP A 1 20  ? 0.673   -2.757  -16.960 1.00 33.80 ? 1813 ASP A OD2 1 
ATOM   148 N N   . ALA A 1 21  ? -1.101  -1.531  -11.859 1.00 23.04 ? 1814 ALA A N   1 
ATOM   149 C CA  . ALA A 1 21  ? -2.299  -1.245  -11.078 1.00 24.49 ? 1814 ALA A CA  1 
ATOM   150 C C   . ALA A 1 21  ? -2.022  -0.379  -9.850  1.00 26.04 ? 1814 ALA A C   1 
ATOM   151 O O   . ALA A 1 21  ? -2.833  -0.365  -8.918  1.00 24.95 ? 1814 ALA A O   1 
ATOM   152 C CB  . ALA A 1 21  ? -2.971  -2.552  -10.647 1.00 23.06 ? 1814 ALA A CB  1 
ATOM   153 N N   . ALA A 1 22  ? -0.910  0.352   -9.835  1.00 24.95 ? 1815 ALA A N   1 
ATOM   154 C CA  . ALA A 1 22  ? -0.479  1.075   -8.649  1.00 24.03 ? 1815 ALA A CA  1 
ATOM   155 C C   . ALA A 1 22  ? -1.075  2.470   -8.533  1.00 27.17 ? 1815 ALA A C   1 
ATOM   156 O O   . ALA A 1 22  ? -0.971  3.078   -7.461  1.00 28.92 ? 1815 ALA A O   1 
ATOM   157 C CB  . ALA A 1 22  ? 1.048   1.186   -8.628  1.00 22.54 ? 1815 ALA A CB  1 
ATOM   158 N N   . TRP A 1 23  ? -1.704  2.982   -9.590  1.00 27.09 ? 1816 TRP A N   1 
ATOM   159 C CA  . TRP A 1 23  ? -2.092  4.389   -9.604  1.00 28.09 ? 1816 TRP A CA  1 
ATOM   160 C C   . TRP A 1 23  ? -2.989  4.836   -8.444  1.00 32.40 ? 1816 TRP A C   1 
ATOM   161 O O   . TRP A 1 23  ? -2.837  5.992   -8.016  1.00 30.08 ? 1816 TRP A O   1 
ATOM   162 C CB  . TRP A 1 23  ? -2.743  4.732   -10.955 1.00 23.08 ? 1816 TRP A CB  1 
ATOM   163 C CG  . TRP A 1 23  ? -3.899  3.870   -11.352 1.00 29.77 ? 1816 TRP A CG  1 
ATOM   164 C CD1 . TRP A 1 23  ? -3.850  2.697   -12.052 1.00 26.75 ? 1816 TRP A CD1 1 
ATOM   165 C CD2 . TRP A 1 23  ? -5.285  4.128   -11.097 1.00 33.41 ? 1816 TRP A CD2 1 
ATOM   166 N NE1 . TRP A 1 23  ? -5.121  2.204   -12.237 1.00 25.07 ? 1816 TRP A NE1 1 
ATOM   167 C CE2 . TRP A 1 23  ? -6.019  3.062   -11.659 1.00 28.72 ? 1816 TRP A CE2 1 
ATOM   168 C CE3 . TRP A 1 23  ? -5.975  5.149   -10.436 1.00 31.33 ? 1816 TRP A CE3 1 
ATOM   169 C CZ2 . TRP A 1 23  ? -7.408  2.991   -11.584 1.00 28.55 ? 1816 TRP A CZ2 1 
ATOM   170 C CZ3 . TRP A 1 23  ? -7.354  5.076   -10.362 1.00 32.96 ? 1816 TRP A CZ3 1 
ATOM   171 C CH2 . TRP A 1 23  ? -8.056  4.006   -10.933 1.00 30.76 ? 1816 TRP A CH2 1 
ATOM   172 N N   . PRO A 1 24  ? -3.906  4.028   -7.892  1.00 31.69 ? 1817 PRO A N   1 
ATOM   173 C CA  . PRO A 1 24  ? -4.739  4.546   -6.795  1.00 25.42 ? 1817 PRO A CA  1 
ATOM   174 C C   . PRO A 1 24  ? -4.017  4.663   -5.464  1.00 26.34 ? 1817 PRO A C   1 
ATOM   175 O O   . PRO A 1 24  ? -4.625  5.125   -4.492  1.00 27.87 ? 1817 PRO A O   1 
ATOM   176 C CB  . PRO A 1 24  ? -5.883  3.520   -6.702  1.00 25.01 ? 1817 PRO A CB  1 
ATOM   177 C CG  . PRO A 1 24  ? -5.805  2.719   -7.961  1.00 27.59 ? 1817 PRO A CG  1 
ATOM   178 C CD  . PRO A 1 24  ? -4.355  2.682   -8.291  1.00 27.04 ? 1817 PRO A CD  1 
ATOM   179 N N   . PHE A 1 25  ? -2.743  4.270   -5.377  1.00 27.11 ? 1818 PHE A N   1 
ATOM   180 C CA  . PHE A 1 25  ? -2.059  4.211   -4.090  1.00 25.53 ? 1818 PHE A CA  1 
ATOM   181 C C   . PHE A 1 25  ? -0.701  4.902   -4.123  1.00 26.64 ? 1818 PHE A C   1 
ATOM   182 O O   . PHE A 1 25  ? 0.121   4.681   -3.227  1.00 28.97 ? 1818 PHE A O   1 
ATOM   183 C CB  . PHE A 1 25  ? -1.907  2.754   -3.643  1.00 26.17 ? 1818 PHE A CB  1 
ATOM   184 C CG  . PHE A 1 25  ? -3.082  1.892   -4.004  1.00 24.75 ? 1818 PHE A CG  1 
ATOM   185 C CD1 . PHE A 1 25  ? -4.260  1.962   -3.277  1.00 26.66 ? 1818 PHE A CD1 1 
ATOM   186 C CD2 . PHE A 1 25  ? -3.016  1.028   -5.081  1.00 25.05 ? 1818 PHE A CD2 1 
ATOM   187 C CE1 . PHE A 1 25  ? -5.348  1.180   -3.615  1.00 25.10 ? 1818 PHE A CE1 1 
ATOM   188 C CE2 . PHE A 1 25  ? -4.102  0.243   -5.423  1.00 24.52 ? 1818 PHE A CE2 1 
ATOM   189 C CZ  . PHE A 1 25  ? -5.268  0.323   -4.691  1.00 24.19 ? 1818 PHE A CZ  1 
ATOM   190 N N   . LEU A 1 26  ? -0.449  5.738   -5.129  1.00 27.16 ? 1819 LEU A N   1 
ATOM   191 C CA  . LEU A 1 26  ? 0.853   6.377   -5.276  1.00 27.78 ? 1819 LEU A CA  1 
ATOM   192 C C   . LEU A 1 26  ? 0.990   7.618   -4.407  1.00 32.24 ? 1819 LEU A C   1 
ATOM   193 O O   . LEU A 1 26  ? 2.053   7.845   -3.820  1.00 33.20 ? 1819 LEU A O   1 
ATOM   194 C CB  . LEU A 1 26  ? 1.096   6.737   -6.742  1.00 28.25 ? 1819 LEU A CB  1 
ATOM   195 C CG  . LEU A 1 26  ? 1.226   5.526   -7.659  1.00 24.07 ? 1819 LEU A CG  1 
ATOM   196 C CD1 . LEU A 1 26  ? 1.394   5.957   -9.107  1.00 23.77 ? 1819 LEU A CD1 1 
ATOM   197 C CD2 . LEU A 1 26  ? 2.394   4.666   -7.203  1.00 25.56 ? 1819 LEU A CD2 1 
ATOM   198 N N   . GLU A 1 27  ? -0.059  8.422   -4.314  1.00 31.88 ? 1820 GLU A N   1 
ATOM   199 C CA  . GLU A 1 27  ? -0.112  9.577   -3.436  1.00 33.78 ? 1820 GLU A CA  1 
ATOM   200 C C   . GLU A 1 27  ? -1.285  9.418   -2.473  1.00 30.86 ? 1820 GLU A C   1 
ATOM   201 O O   . GLU A 1 27  ? -2.192  8.617   -2.724  1.00 27.98 ? 1820 GLU A O   1 
ATOM   202 C CB  . GLU A 1 27  ? -0.249  10.873  -4.253  1.00 37.32 ? 1820 GLU A CB  1 
ATOM   203 C CG  . GLU A 1 27  ? 0.910   11.127  -5.219  1.00 36.29 ? 1820 GLU A CG  1 
ATOM   204 C CD  . GLU A 1 27  ? 2.251   11.281  -4.512  1.00 44.13 ? 1820 GLU A CD  1 
ATOM   205 O OE1 . GLU A 1 27  ? 2.261   11.631  -3.311  1.00 49.19 ? 1820 GLU A OE1 1 
ATOM   206 O OE2 . GLU A 1 27  ? 3.301   11.053  -5.156  1.00 40.80 ? 1820 GLU A OE2 1 
ATOM   207 N N   . PRO A 1 28  ? -1.289  10.140  -1.349  1.00 31.23 ? 1821 PRO A N   1 
ATOM   208 C CA  . PRO A 1 28  ? -2.402  9.996   -0.404  1.00 26.72 ? 1821 PRO A CA  1 
ATOM   209 C C   . PRO A 1 28  ? -3.714  10.437  -1.028  1.00 23.80 ? 1821 PRO A C   1 
ATOM   210 O O   . PRO A 1 28  ? -3.763  11.364  -1.839  1.00 29.85 ? 1821 PRO A O   1 
ATOM   211 C CB  . PRO A 1 28  ? -2.001  10.908  0.762   1.00 21.06 ? 1821 PRO A CB  1 
ATOM   212 C CG  . PRO A 1 28  ? -0.535  11.023  0.661   1.00 25.65 ? 1821 PRO A CG  1 
ATOM   213 C CD  . PRO A 1 28  ? -0.245  11.030  -0.811  1.00 32.66 ? 1821 PRO A CD  1 
ATOM   214 N N   . VAL A 1 29  ? -4.787  9.743   -0.646  1.00 22.39 ? 1822 VAL A N   1 
ATOM   215 C CA  . VAL A 1 29  ? -6.119  10.116  -1.100  1.00 27.25 ? 1822 VAL A CA  1 
ATOM   216 C C   . VAL A 1 29  ? -6.405  11.557  -0.703  1.00 28.84 ? 1822 VAL A C   1 
ATOM   217 O O   . VAL A 1 29  ? -6.235  11.945  0.460   1.00 24.01 ? 1822 VAL A O   1 
ATOM   218 C CB  . VAL A 1 29  ? -7.167  9.156   -0.517  1.00 28.41 ? 1822 VAL A CB  1 
ATOM   219 C CG1 . VAL A 1 29  ? -8.572  9.638   -0.838  1.00 28.49 ? 1822 VAL A CG1 1 
ATOM   220 C CG2 . VAL A 1 29  ? -6.949  7.746   -1.041  1.00 24.81 ? 1822 VAL A CG2 1 
ATOM   221 N N   . ASN A 1 30  ? -6.825  12.363  -1.676  1.00 28.81 ? 1823 ASN A N   1 
ATOM   222 C CA  . ASN A 1 30  ? -7.202  13.746  -1.419  1.00 29.41 ? 1823 ASN A CA  1 
ATOM   223 C C   . ASN A 1 30  ? -8.642  13.784  -0.928  1.00 29.89 ? 1823 ASN A C   1 
ATOM   224 O O   . ASN A 1 30  ? -9.573  13.618  -1.727  1.00 32.75 ? 1823 ASN A O   1 
ATOM   225 C CB  . ASN A 1 30  ? -7.041  14.595  -2.682  1.00 30.34 ? 1823 ASN A CB  1 
ATOM   226 C CG  . ASN A 1 30  ? -7.131  16.082  -2.405  1.00 33.93 ? 1823 ASN A CG  1 
ATOM   227 O OD1 . ASN A 1 30  ? -7.618  16.510  -1.358  1.00 33.24 ? 1823 ASN A OD1 1 
ATOM   228 N ND2 . ASN A 1 30  ? -6.662  16.884  -3.355  1.00 38.75 ? 1823 ASN A ND2 1 
ATOM   229 N N   . PRO A 1 31  ? -8.869  14.007  0.371   1.00 30.44 ? 1824 PRO A N   1 
ATOM   230 C CA  . PRO A 1 31  ? -10.245 13.971  0.888   1.00 30.88 ? 1824 PRO A CA  1 
ATOM   231 C C   . PRO A 1 31  ? -11.129 15.068  0.326   1.00 29.46 ? 1824 PRO A C   1 
ATOM   232 O O   . PRO A 1 31  ? -12.355 14.896  0.300   1.00 29.51 ? 1824 PRO A O   1 
ATOM   233 C CB  . PRO A 1 31  ? -10.055 14.121  2.402   1.00 29.99 ? 1824 PRO A CB  1 
ATOM   234 C CG  . PRO A 1 31  ? -8.759  14.845  2.542   1.00 28.26 ? 1824 PRO A CG  1 
ATOM   235 C CD  . PRO A 1 31  ? -7.893  14.361  1.415   1.00 28.13 ? 1824 PRO A CD  1 
ATOM   236 N N   . ARG A 1 32  ? -10.553 16.181  -0.131  1.00 29.03 ? 1825 ARG A N   1 
ATOM   237 C CA  . ARG A 1 32  ? -11.352 17.211  -0.786  1.00 32.84 ? 1825 ARG A CA  1 
ATOM   238 C C   . ARG A 1 32  ? -11.998 16.687  -2.062  1.00 34.58 ? 1825 ARG A C   1 
ATOM   239 O O   . ARG A 1 32  ? -13.027 17.215  -2.498  1.00 36.72 ? 1825 ARG A O   1 
ATOM   240 C CB  . ARG A 1 32  ? -10.487 18.431  -1.104  1.00 34.93 ? 1825 ARG A CB  1 
ATOM   241 C CG  . ARG A 1 32  ? -9.889  19.136  0.106   1.00 29.55 ? 1825 ARG A CG  1 
ATOM   242 C CD  . ARG A 1 32  ? -8.771  20.062  -0.333  1.00 28.25 ? 1825 ARG A CD  1 
ATOM   243 N NE  . ARG A 1 32  ? -8.267  20.892  0.752   1.00 31.74 ? 1825 ARG A NE  1 
ATOM   244 C CZ  . ARG A 1 32  ? -7.239  21.726  0.635   1.00 32.18 ? 1825 ARG A CZ  1 
ATOM   245 N NH1 . ARG A 1 32  ? -6.602  21.835  -0.523  1.00 32.84 ? 1825 ARG A NH1 1 
ATOM   246 N NH2 . ARG A 1 32  ? -6.849  22.450  1.675   1.00 31.96 ? 1825 ARG A NH2 1 
ATOM   247 N N   . LEU A 1 33  ? -11.415 15.655  -2.666  1.00 35.42 ? 1826 LEU A N   1 
ATOM   248 C CA  . LEU A 1 33  ? -11.876 15.115  -3.937  1.00 33.48 ? 1826 LEU A CA  1 
ATOM   249 C C   . LEU A 1 33  ? -12.727 13.870  -3.738  1.00 37.55 ? 1826 LEU A C   1 
ATOM   250 O O   . LEU A 1 33  ? -13.713 13.686  -4.457  1.00 41.29 ? 1826 LEU A O   1 
ATOM   251 C CB  . LEU A 1 33  ? -10.678 14.861  -4.856  1.00 34.91 ? 1826 LEU A CB  1 
ATOM   252 C CG  . LEU A 1 33  ? -9.915  16.115  -5.267  1.00 35.91 ? 1826 LEU A CG  1 
ATOM   253 C CD1 . LEU A 1 33  ? -8.620  15.764  -5.983  1.00 33.36 ? 1826 LEU A CD1 1 
ATOM   254 C CD2 . LEU A 1 33  ? -10.801 16.994  -6.137  1.00 35.16 ? 1826 LEU A CD2 1 
ATOM   255 N N   . VAL A 1 34  ? -12.376 13.022  -2.779  1.00 36.38 ? 1827 VAL A N   1 
ATOM   256 C CA  . VAL A 1 34  ? -13.076 11.768  -2.541  1.00 33.11 ? 1827 VAL A CA  1 
ATOM   257 C C   . VAL A 1 34  ? -14.088 11.956  -1.415  1.00 32.22 ? 1827 VAL A C   1 
ATOM   258 O O   . VAL A 1 34  ? -13.726 12.012  -0.236  1.00 32.42 ? 1827 VAL A O   1 
ATOM   259 C CB  . VAL A 1 34  ? -12.060 10.667  -2.229  1.00 31.02 ? 1827 VAL A CB  1 
ATOM   260 C CG1 . VAL A 1 34  ? -12.754 9.333   -2.105  1.00 27.49 ? 1827 VAL A CG1 1 
ATOM   261 C CG2 . VAL A 1 34  ? -11.008 10.620  -3.322  1.00 36.23 ? 1827 VAL A CG2 1 
ATOM   262 N N   . SER A 1 35  ? -15.365 12.044  -1.780  1.00 30.28 ? 1828 SER A N   1 
ATOM   263 C CA  . SER A 1 35  ? -16.407 12.333  -0.803  1.00 33.30 ? 1828 SER A CA  1 
ATOM   264 C C   . SER A 1 35  ? -16.610 11.138  0.123   1.00 32.35 ? 1828 SER A C   1 
ATOM   265 O O   . SER A 1 35  ? -16.897 10.028  -0.336  1.00 34.59 ? 1828 SER A O   1 
ATOM   266 C CB  . SER A 1 35  ? -17.708 12.689  -1.516  1.00 37.69 ? 1828 SER A CB  1 
ATOM   267 O OG  . SER A 1 35  ? -18.621 13.306  -0.624  1.00 45.35 ? 1828 SER A OG  1 
ATOM   268 N N   . GLY A 1 36  ? -16.458 11.367  1.426   1.00 30.69 ? 1829 GLY A N   1 
ATOM   269 C CA  . GLY A 1 36  ? -16.650 10.336  2.423   1.00 27.30 ? 1829 GLY A CA  1 
ATOM   270 C C   . GLY A 1 36  ? -15.391 9.626   2.871   1.00 31.29 ? 1829 GLY A C   1 
ATOM   271 O O   . GLY A 1 36  ? -15.458 8.819   3.809   1.00 28.76 ? 1829 GLY A O   1 
ATOM   272 N N   . TYR A 1 37  ? -14.244 9.903   2.241   1.00 30.61 ? 1830 TYR A N   1 
ATOM   273 C CA  . TYR A 1 37  ? -13.029 9.165   2.571   1.00 23.70 ? 1830 TYR A CA  1 
ATOM   274 C C   . TYR A 1 37  ? -12.504 9.541   3.949   1.00 24.10 ? 1830 TYR A C   1 
ATOM   275 O O   . TYR A 1 37  ? -11.994 8.683   4.680   1.00 23.67 ? 1830 TYR A O   1 
ATOM   276 C CB  . TYR A 1 37  ? -11.960 9.404   1.509   1.00 25.06 ? 1830 TYR A CB  1 
ATOM   277 C CG  . TYR A 1 37  ? -10.807 8.432   1.609   1.00 25.38 ? 1830 TYR A CG  1 
ATOM   278 C CD1 . TYR A 1 37  ? -10.927 7.135   1.130   1.00 23.30 ? 1830 TYR A CD1 1 
ATOM   279 C CD2 . TYR A 1 37  ? -9.607  8.806   2.201   1.00 21.69 ? 1830 TYR A CD2 1 
ATOM   280 C CE1 . TYR A 1 37  ? -9.880  6.239   1.229   1.00 23.61 ? 1830 TYR A CE1 1 
ATOM   281 C CE2 . TYR A 1 37  ? -8.556  7.918   2.306   1.00 22.11 ? 1830 TYR A CE2 1 
ATOM   282 C CZ  . TYR A 1 37  ? -8.698  6.637   1.820   1.00 24.78 ? 1830 TYR A CZ  1 
ATOM   283 O OH  . TYR A 1 37  ? -7.651  5.751   1.923   1.00 27.66 ? 1830 TYR A OH  1 
ATOM   284 N N   . ARG A 1 38  ? -12.612 10.819  4.318   1.00 32.20 ? 1831 ARG A N   1 
ATOM   285 C CA  . ARG A 1 38  ? -12.144 11.255  5.630   1.00 30.83 ? 1831 ARG A CA  1 
ATOM   286 C C   . ARG A 1 38  ? -12.925 10.573  6.747   1.00 25.73 ? 1831 ARG A C   1 
ATOM   287 O O   . ARG A 1 38  ? -12.349 10.168  7.763   1.00 18.87 ? 1831 ARG A O   1 
ATOM   288 C CB  . ARG A 1 38  ? -12.264 12.776  5.743   1.00 33.82 ? 1831 ARG A CB  1 
ATOM   289 C CG  . ARG A 1 38  ? -11.425 13.391  6.856   1.00 38.92 ? 1831 ARG A CG  1 
ATOM   290 C CD  . ARG A 1 38  ? -11.863 14.817  7.167   1.00 38.09 ? 1831 ARG A CD  1 
ATOM   291 N NE  . ARG A 1 38  ? -11.781 15.697  6.003   1.00 41.38 ? 1831 ARG A NE  1 
ATOM   292 C CZ  . ARG A 1 38  ? -10.694 16.380  5.659   1.00 44.56 ? 1831 ARG A CZ  1 
ATOM   293 N NH1 . ARG A 1 38  ? -9.588  16.285  6.388   1.00 38.37 ? 1831 ARG A NH1 1 
ATOM   294 N NH2 . ARG A 1 38  ? -10.709 17.160  4.584   1.00 40.65 ? 1831 ARG A NH2 1 
ATOM   295 N N   . ARG A 1 39  ? -14.239 10.414  6.561   1.00 25.61 ? 1832 ARG A N   1 
ATOM   296 C CA  . ARG A 1 39  ? -15.085 9.859   7.611   1.00 26.31 ? 1832 ARG A CA  1 
ATOM   297 C C   . ARG A 1 39  ? -14.906 8.351   7.758   1.00 27.99 ? 1832 ARG A C   1 
ATOM   298 O O   . ARG A 1 39  ? -15.011 7.823   8.873   1.00 25.87 ? 1832 ARG A O   1 
ATOM   299 C CB  . ARG A 1 39  ? -16.549 10.200  7.323   1.00 25.44 ? 1832 ARG A CB  1 
ATOM   300 C CG  . ARG A 1 39  ? -17.546 9.550   8.264   1.00 27.74 ? 1832 ARG A CG  1 
ATOM   301 C CD  . ARG A 1 39  ? -18.977 9.977   7.965   1.00 26.88 ? 1832 ARG A CD  1 
ATOM   302 N NE  . ARG A 1 39  ? -19.314 9.887   6.545   1.00 31.17 ? 1832 ARG A NE  1 
ATOM   303 C CZ  . ARG A 1 39  ? -19.659 8.764   5.923   1.00 31.87 ? 1832 ARG A CZ  1 
ATOM   304 N NH1 . ARG A 1 39  ? -19.704 7.615   6.588   1.00 27.90 ? 1832 ARG A NH1 1 
ATOM   305 N NH2 . ARG A 1 39  ? -19.953 8.785   4.628   1.00 32.60 ? 1832 ARG A NH2 1 
ATOM   306 N N   . ILE A 1 40  ? -14.622 7.648   6.663   1.00 26.33 ? 1833 ILE A N   1 
ATOM   307 C CA  . ILE A 1 40  ? -14.618 6.187   6.670   1.00 23.63 ? 1833 ILE A CA  1 
ATOM   308 C C   . ILE A 1 40  ? -13.240 5.621   6.998   1.00 25.86 ? 1833 ILE A C   1 
ATOM   309 O O   . ILE A 1 40  ? -13.128 4.672   7.778   1.00 29.51 ? 1833 ILE A O   1 
ATOM   310 C CB  . ILE A 1 40  ? -15.140 5.661   5.317   1.00 27.77 ? 1833 ILE A CB  1 
ATOM   311 C CG1 . ILE A 1 40  ? -16.631 5.973   5.173   1.00 23.95 ? 1833 ILE A CG1 1 
ATOM   312 C CG2 . ILE A 1 40  ? -14.883 4.163   5.179   1.00 22.97 ? 1833 ILE A CG2 1 
ATOM   313 C CD1 . ILE A 1 40  ? -17.209 5.617   3.829   1.00 21.56 ? 1833 ILE A CD1 1 
ATOM   314 N N   . ILE A 1 41  ? -12.177 6.168   6.415   1.00 25.53 ? 1834 ILE A N   1 
ATOM   315 C CA  . ILE A 1 41  ? -10.829 5.634   6.598   1.00 26.64 ? 1834 ILE A CA  1 
ATOM   316 C C   . ILE A 1 41  ? -10.182 6.367   7.766   1.00 27.69 ? 1834 ILE A C   1 
ATOM   317 O O   . ILE A 1 41  ? -9.868  7.558   7.671   1.00 33.40 ? 1834 ILE A O   1 
ATOM   318 C CB  . ILE A 1 41  ? -9.992  5.764   5.317   1.00 27.03 ? 1834 ILE A CB  1 
ATOM   319 C CG1 . ILE A 1 41  ? -10.576 4.880   4.216   1.00 23.99 ? 1834 ILE A CG1 1 
ATOM   320 C CG2 . ILE A 1 41  ? -8.536  5.394   5.583   1.00 27.21 ? 1834 ILE A CG2 1 
ATOM   321 C CD1 . ILE A 1 41  ? -10.697 3.424   4.607   1.00 22.63 ? 1834 ILE A CD1 1 
ATOM   322 N N   . LYS A 1 42  ? -9.975  5.653   8.874   1.00 25.74 ? 1835 LYS A N   1 
ATOM   323 C CA  . LYS A 1 42  ? -9.422  6.264   10.073  1.00 30.27 ? 1835 LYS A CA  1 
ATOM   324 C C   . LYS A 1 42  ? -7.902  6.330   10.068  1.00 33.08 ? 1835 LYS A C   1 
ATOM   325 O O   . LYS A 1 42  ? -7.329  7.122   10.821  1.00 42.75 ? 1835 LYS A O   1 
ATOM   326 C CB  . LYS A 1 42  ? -9.877  5.506   11.322  1.00 30.93 ? 1835 LYS A CB  1 
ATOM   327 C CG  . LYS A 1 42  ? -10.614 6.371   12.333  1.00 36.87 ? 1835 LYS A CG  1 
ATOM   328 C CD  . LYS A 1 42  ? -10.637 5.728   13.719  1.00 48.47 ? 1835 LYS A CD  1 
ATOM   329 C CE  . LYS A 1 42  ? -9.231  5.585   14.297  1.00 45.56 ? 1835 LYS A CE  1 
ATOM   330 N NZ  . LYS A 1 42  ? -9.236  5.113   15.709  1.00 42.42 ? 1835 LYS A NZ  1 
ATOM   331 N N   . ASN A 1 43  ? -7.233  5.516   9.261   1.00 28.19 ? 1836 ASN A N   1 
ATOM   332 C CA  . ASN A 1 43  ? -5.771  5.486   9.211   1.00 32.49 ? 1836 ASN A CA  1 
ATOM   333 C C   . ASN A 1 43  ? -5.334  5.303   7.766   1.00 34.81 ? 1836 ASN A C   1 
ATOM   334 O O   . ASN A 1 43  ? -5.019  4.189   7.327   1.00 36.01 ? 1836 ASN A O   1 
ATOM   335 C CB  . ASN A 1 43  ? -5.213  4.375   10.104  1.00 30.75 ? 1836 ASN A CB  1 
ATOM   336 C CG  . ASN A 1 43  ? -5.654  4.519   11.547  1.00 36.13 ? 1836 ASN A CG  1 
ATOM   337 O OD1 . ASN A 1 43  ? -6.172  3.579   12.149  1.00 38.99 ? 1836 ASN A OD1 1 
ATOM   338 N ND2 . ASN A 1 43  ? -5.460  5.711   12.108  1.00 34.58 ? 1836 ASN A ND2 1 
ATOM   339 N N   . PRO A 1 44  ? -5.301  6.387   6.993   1.00 33.33 ? 1837 PRO A N   1 
ATOM   340 C CA  . PRO A 1 44  ? -4.935  6.270   5.579   1.00 31.82 ? 1837 PRO A CA  1 
ATOM   341 C C   . PRO A 1 44  ? -3.460  5.954   5.404   1.00 32.92 ? 1837 PRO A C   1 
ATOM   342 O O   . PRO A 1 44  ? -2.619  6.313   6.232   1.00 34.22 ? 1837 PRO A O   1 
ATOM   343 C CB  . PRO A 1 44  ? -5.278  7.650   5.010   1.00 30.41 ? 1837 PRO A CB  1 
ATOM   344 C CG  . PRO A 1 44  ? -5.147  8.567   6.172   1.00 31.24 ? 1837 PRO A CG  1 
ATOM   345 C CD  . PRO A 1 44  ? -5.608  7.778   7.370   1.00 35.61 ? 1837 PRO A CD  1 
ATOM   346 N N   . MET A 1 45  ? -3.155  5.274   4.302   1.00 31.66 ? 1838 MET A N   1 
ATOM   347 C CA  . MET A 1 45  ? -1.788  4.875   4.000   1.00 34.19 ? 1838 MET A CA  1 
ATOM   348 C C   . MET A 1 45  ? -1.665  4.667   2.498   1.00 32.34 ? 1838 MET A C   1 
ATOM   349 O O   . MET A 1 45  ? -2.600  4.183   1.856   1.00 31.31 ? 1838 MET A O   1 
ATOM   350 C CB  . MET A 1 45  ? -1.400  3.600   4.760   1.00 31.44 ? 1838 MET A CB  1 
ATOM   351 C CG  . MET A 1 45  ? 0.046   3.162   4.579   1.00 31.33 ? 1838 MET A CG  1 
ATOM   352 S SD  . MET A 1 45  ? 1.243   4.354   5.209   1.00 30.00 ? 1838 MET A SD  1 
ATOM   353 C CE  . MET A 1 45  ? 0.841   4.377   6.954   1.00 30.50 ? 1838 MET A CE  1 
ATOM   354 N N   . ASP A 1 46  ? -0.512  5.045   1.948   1.00 32.52 ? 1839 ASP A N   1 
ATOM   355 C CA  . ASP A 1 46  ? -0.254  4.913   0.521   1.00 30.33 ? 1839 ASP A CA  1 
ATOM   356 C C   . ASP A 1 46  ? 1.226   4.616   0.319   1.00 31.96 ? 1839 ASP A C   1 
ATOM   357 O O   . ASP A 1 46  ? 2.006   4.558   1.274   1.00 33.57 ? 1839 ASP A O   1 
ATOM   358 C CB  . ASP A 1 46  ? -0.673  6.173   -0.232  1.00 28.92 ? 1839 ASP A CB  1 
ATOM   359 C CG  . ASP A 1 46  ? 0.078   7.397   0.236   1.00 34.06 ? 1839 ASP A CG  1 
ATOM   360 O OD1 . ASP A 1 46  ? 0.088   7.661   1.460   1.00 31.54 ? 1839 ASP A OD1 1 
ATOM   361 O OD2 . ASP A 1 46  ? 0.675   8.084   -0.619  1.00 35.57 ? 1839 ASP A OD2 1 
ATOM   362 N N   . PHE A 1 47  ? 1.616   4.441   -0.945  1.00 30.09 ? 1840 PHE A N   1 
ATOM   363 C CA  . PHE A 1 47  ? 2.983   4.024   -1.240  1.00 30.76 ? 1840 PHE A CA  1 
ATOM   364 C C   . PHE A 1 47  ? 3.990   5.143   -0.995  1.00 34.43 ? 1840 PHE A C   1 
ATOM   365 O O   . PHE A 1 47  ? 5.138   4.863   -0.632  1.00 34.08 ? 1840 PHE A O   1 
ATOM   366 C CB  . PHE A 1 47  ? 3.084   3.524   -2.681  1.00 30.94 ? 1840 PHE A CB  1 
ATOM   367 C CG  . PHE A 1 47  ? 2.329   2.251   -2.935  1.00 28.39 ? 1840 PHE A CG  1 
ATOM   368 C CD1 . PHE A 1 47  ? 2.081   1.361   -1.905  1.00 25.94 ? 1840 PHE A CD1 1 
ATOM   369 C CD2 . PHE A 1 47  ? 1.866   1.943   -4.205  1.00 28.04 ? 1840 PHE A CD2 1 
ATOM   370 C CE1 . PHE A 1 47  ? 1.386   0.188   -2.133  1.00 27.27 ? 1840 PHE A CE1 1 
ATOM   371 C CE2 . PHE A 1 47  ? 1.170   0.769   -4.442  1.00 29.44 ? 1840 PHE A CE2 1 
ATOM   372 C CZ  . PHE A 1 47  ? 0.930   -0.108  -3.404  1.00 26.72 ? 1840 PHE A CZ  1 
ATOM   373 N N   . SER A 1 48  ? 3.593   6.406   -1.185  1.00 34.31 ? 1841 SER A N   1 
ATOM   374 C CA  . SER A 1 48  ? 4.546   7.495   -0.993  1.00 33.91 ? 1841 SER A CA  1 
ATOM   375 C C   . SER A 1 48  ? 4.894   7.671   0.478   1.00 36.12 ? 1841 SER A C   1 
ATOM   376 O O   . SER A 1 48  ? 6.048   7.960   0.817   1.00 39.62 ? 1841 SER A O   1 
ATOM   377 C CB  . SER A 1 48  ? 3.998   8.797   -1.565  1.00 31.50 ? 1841 SER A CB  1 
ATOM   378 O OG  . SER A 1 48  ? 2.963   9.309   -0.748  1.00 38.10 ? 1841 SER A OG  1 
ATOM   379 N N   . THR A 1 49  ? 3.911   7.502   1.366   1.00 32.87 ? 1842 THR A N   1 
ATOM   380 C CA  . THR A 1 49  ? 4.185   7.597   2.797   1.00 36.72 ? 1842 THR A CA  1 
ATOM   381 C C   . THR A 1 49  ? 5.090   6.460   3.261   1.00 35.18 ? 1842 THR A C   1 
ATOM   382 O O   . THR A 1 49  ? 6.028   6.681   4.040   1.00 38.84 ? 1842 THR A O   1 
ATOM   383 C CB  . THR A 1 49  ? 2.870   7.604   3.580   1.00 34.22 ? 1842 THR A CB  1 
ATOM   384 O OG1 . THR A 1 49  ? 2.018   8.638   3.070   1.00 29.08 ? 1842 THR A OG1 1 
ATOM   385 C CG2 . THR A 1 49  ? 3.128   7.848   5.060   1.00 24.66 ? 1842 THR A CG2 1 
ATOM   386 N N   . MET A 1 50  ? 4.832   5.241   2.782   1.00 33.01 ? 1843 MET A N   1 
ATOM   387 C CA  . MET A 1 50  ? 5.705   4.115   3.105   1.00 36.15 ? 1843 MET A CA  1 
ATOM   388 C C   . MET A 1 50  ? 7.111   4.338   2.561   1.00 37.42 ? 1843 MET A C   1 
ATOM   389 O O   . MET A 1 50  ? 8.100   3.956   3.198   1.00 34.95 ? 1843 MET A O   1 
ATOM   390 C CB  . MET A 1 50  ? 5.117   2.820   2.548   1.00 34.98 ? 1843 MET A CB  1 
ATOM   391 C CG  . MET A 1 50  ? 3.717   2.506   3.040   1.00 33.14 ? 1843 MET A CG  1 
ATOM   392 S SD  . MET A 1 50  ? 2.991   1.125   2.144   1.00 33.68 ? 1843 MET A SD  1 
ATOM   393 C CE  . MET A 1 50  ? 4.157   -0.180  2.531   1.00 33.76 ? 1843 MET A CE  1 
ATOM   394 N N   . ARG A 1 51  ? 7.216   4.949   1.378   1.00 39.12 ? 1844 ARG A N   1 
ATOM   395 C CA  . ARG A 1 51  ? 8.521   5.274   0.809   1.00 38.99 ? 1844 ARG A CA  1 
ATOM   396 C C   . ARG A 1 51  ? 9.268   6.271   1.686   1.00 41.90 ? 1844 ARG A C   1 
ATOM   397 O O   . ARG A 1 51  ? 10.435  6.054   2.041   1.00 38.96 ? 1844 ARG A O   1 
ATOM   398 C CB  . ARG A 1 51  ? 8.341   5.823   -0.608  1.00 36.91 ? 1844 ARG A CB  1 
ATOM   399 C CG  . ARG A 1 51  ? 9.556   6.543   -1.162  1.00 36.67 ? 1844 ARG A CG  1 
ATOM   400 C CD  . ARG A 1 51  ? 10.708  5.584   -1.379  1.00 39.23 ? 1844 ARG A CD  1 
ATOM   401 N NE  . ARG A 1 51  ? 10.396  4.574   -2.386  1.00 38.42 ? 1844 ARG A NE  1 
ATOM   402 C CZ  . ARG A 1 51  ? 11.125  3.482   -2.593  1.00 35.69 ? 1844 ARG A CZ  1 
ATOM   403 N NH1 . ARG A 1 51  ? 12.206  3.257   -1.860  1.00 35.39 ? 1844 ARG A NH1 1 
ATOM   404 N NH2 . ARG A 1 51  ? 10.771  2.612   -3.530  1.00 33.03 ? 1844 ARG A NH2 1 
ATOM   405 N N   . GLU A 1 52  ? 8.604   7.376   2.043   1.00 41.40 ? 1845 GLU A N   1 
ATOM   406 C CA  . GLU A 1 52  ? 9.198   8.366   2.934   1.00 41.05 ? 1845 GLU A CA  1 
ATOM   407 C C   . GLU A 1 52  ? 9.686   7.724   4.223   1.00 43.78 ? 1845 GLU A C   1 
ATOM   408 O O   . GLU A 1 52  ? 10.817  7.963   4.662   1.00 49.65 ? 1845 GLU A O   1 
ATOM   409 C CB  . GLU A 1 52  ? 8.187   9.467   3.251   1.00 44.67 ? 1845 GLU A CB  1 
ATOM   410 C CG  . GLU A 1 52  ? 7.862   10.401  2.104   1.00 49.45 ? 1845 GLU A CG  1 
ATOM   411 C CD  . GLU A 1 52  ? 6.883   11.486  2.519   1.00 55.07 ? 1845 GLU A CD  1 
ATOM   412 O OE1 . GLU A 1 52  ? 6.507   11.514  3.711   1.00 51.13 ? 1845 GLU A OE1 1 
ATOM   413 O OE2 . GLU A 1 52  ? 6.487   12.303  1.659   1.00 61.00 ? 1845 GLU A OE2 1 
ATOM   414 N N   . ARG A 1 53  ? 8.841   6.903   4.848   1.00 41.04 ? 1846 ARG A N   1 
ATOM   415 C CA  . ARG A 1 53  ? 9.233   6.284   6.108   1.00 43.67 ? 1846 ARG A CA  1 
ATOM   416 C C   . ARG A 1 53  ? 10.349  5.261   5.914   1.00 44.16 ? 1846 ARG A C   1 
ATOM   417 O O   . ARG A 1 53  ? 11.138  5.027   6.837   1.00 48.85 ? 1846 ARG A O   1 
ATOM   418 C CB  . ARG A 1 53  ? 8.019   5.639   6.772   1.00 43.61 ? 1846 ARG A CB  1 
ATOM   419 C CG  . ARG A 1 53  ? 8.283   5.115   8.172   1.00 51.04 ? 1846 ARG A CG  1 
ATOM   420 C CD  . ARG A 1 53  ? 7.005   4.619   8.823   1.00 54.28 ? 1846 ARG A CD  1 
ATOM   421 N NE  . ARG A 1 53  ? 7.275   3.592   9.823   1.00 53.47 ? 1846 ARG A NE  1 
ATOM   422 C CZ  . ARG A 1 53  ? 6.336   2.870   10.426  1.00 54.91 ? 1846 ARG A CZ  1 
ATOM   423 N NH1 . ARG A 1 53  ? 5.057   3.064   10.130  1.00 54.85 ? 1846 ARG A NH1 1 
ATOM   424 N NH2 . ARG A 1 53  ? 6.675   1.952   11.321  1.00 55.66 ? 1846 ARG A NH2 1 
ATOM   425 N N   . LEU A 1 54  ? 10.443  4.653   4.731   1.00 43.87 ? 1847 LEU A N   1 
ATOM   426 C CA  . LEU A 1 54  ? 11.494  3.667   4.497   1.00 47.75 ? 1847 LEU A CA  1 
ATOM   427 C C   . LEU A 1 54  ? 12.845  4.344   4.314   1.00 46.77 ? 1847 LEU A C   1 
ATOM   428 O O   . LEU A 1 54  ? 13.839  3.947   4.936   1.00 43.12 ? 1847 LEU A O   1 
ATOM   429 C CB  . LEU A 1 54  ? 11.152  2.803   3.282   1.00 42.78 ? 1847 LEU A CB  1 
ATOM   430 C CG  . LEU A 1 54  ? 12.060  1.592   3.053   1.00 34.42 ? 1847 LEU A CG  1 
ATOM   431 C CD1 . LEU A 1 54  ? 12.071  0.695   4.276   1.00 34.94 ? 1847 LEU A CD1 1 
ATOM   432 C CD2 . LEU A 1 54  ? 11.617  0.816   1.825   1.00 38.09 ? 1847 LEU A CD2 1 
ATOM   433 N N   . LEU A 1 55  ? 12.902  5.366   3.457   1.00 46.86 ? 1848 LEU A N   1 
ATOM   434 C CA  . LEU A 1 55  ? 14.144  6.113   3.279   1.00 46.57 ? 1848 LEU A CA  1 
ATOM   435 C C   . LEU A 1 55  ? 14.587  6.751   4.588   1.00 48.78 ? 1848 LEU A C   1 
ATOM   436 O O   . LEU A 1 55  ? 15.730  6.575   5.023   1.00 57.03 ? 1848 LEU A O   1 
ATOM   437 C CB  . LEU A 1 55  ? 13.964  7.177   2.199   1.00 43.90 ? 1848 LEU A CB  1 
ATOM   438 C CG  . LEU A 1 55  ? 13.819  6.641   0.777   1.00 41.28 ? 1848 LEU A CG  1 
ATOM   439 C CD1 . LEU A 1 55  ? 13.590  7.785   -0.188  1.00 39.85 ? 1848 LEU A CD1 1 
ATOM   440 C CD2 . LEU A 1 55  ? 15.051  5.846   0.384   1.00 38.47 ? 1848 LEU A CD2 1 
ATOM   441 N N   . ARG A 1 56  ? 13.685  7.488   5.239   1.00 47.41 ? 1849 ARG A N   1 
ATOM   442 C CA  . ARG A 1 56  ? 13.971  8.079   6.540   1.00 45.58 ? 1849 ARG A CA  1 
ATOM   443 C C   . ARG A 1 56  ? 14.280  7.018   7.593   1.00 48.13 ? 1849 ARG A C   1 
ATOM   444 O O   . ARG A 1 56  ? 14.741  7.361   8.686   1.00 52.72 ? 1849 ARG A O   1 
ATOM   445 C CB  . ARG A 1 56  ? 12.785  8.954   6.968   1.00 44.15 ? 1849 ARG A CB  1 
ATOM   446 C CG  . ARG A 1 56  ? 13.051  9.911   8.125   1.00 45.47 ? 1849 ARG A CG  1 
ATOM   447 C CD  . ARG A 1 56  ? 11.990  11.012  8.188   1.00 46.72 ? 1849 ARG A CD  1 
ATOM   448 N NE  . ARG A 1 56  ? 11.866  11.590  9.526   1.00 53.90 ? 1849 ARG A NE  1 
ATOM   449 C CZ  . ARG A 1 56  ? 11.181  12.697  9.807   1.00 58.34 ? 1849 ARG A CZ  1 
ATOM   450 N NH1 . ARG A 1 56  ? 10.559  13.363  8.840   1.00 52.23 ? 1849 ARG A NH1 1 
ATOM   451 N NH2 . ARG A 1 56  ? 11.122  13.144  11.056  1.00 59.05 ? 1849 ARG A NH2 1 
ATOM   452 N N   . GLY A 1 57  ? 14.049  5.740   7.286   1.00 49.66 ? 1850 GLY A N   1 
ATOM   453 C CA  . GLY A 1 57  ? 14.483  4.643   8.125   1.00 54.62 ? 1850 GLY A CA  1 
ATOM   454 C C   . GLY A 1 57  ? 13.505  4.195   9.190   1.00 58.27 ? 1850 GLY A C   1 
ATOM   455 O O   . GLY A 1 57  ? 13.822  3.257   9.932   1.00 57.42 ? 1850 GLY A O   1 
ATOM   456 N N   . GLY A 1 58  ? 12.325  4.810   9.276   1.00 54.97 ? 1851 GLY A N   1 
ATOM   457 C CA  . GLY A 1 58  ? 11.413  4.574   10.383  1.00 54.90 ? 1851 GLY A CA  1 
ATOM   458 C C   . GLY A 1 58  ? 10.725  3.222   10.445  1.00 53.86 ? 1851 GLY A C   1 
ATOM   459 O O   . GLY A 1 58  ? 9.644   3.106   11.030  1.00 56.58 ? 1851 GLY A O   1 
ATOM   460 N N   . TYR A 1 59  ? 11.327  2.192   9.861   1.00 52.07 ? 1852 TYR A N   1 
ATOM   461 C CA  . TYR A 1 59  ? 10.782  0.841   9.912   1.00 58.56 ? 1852 TYR A CA  1 
ATOM   462 C C   . TYR A 1 59  ? 11.699  -0.023  10.766  1.00 61.10 ? 1852 TYR A C   1 
ATOM   463 O O   . TYR A 1 59  ? 12.858  -0.251  10.405  1.00 62.06 ? 1852 TYR A O   1 
ATOM   464 C CB  . TYR A 1 59  ? 10.620  0.253   8.511   1.00 52.76 ? 1852 TYR A CB  1 
ATOM   465 C CG  . TYR A 1 59  ? 9.370   0.726   7.803   1.00 48.79 ? 1852 TYR A CG  1 
ATOM   466 C CD1 . TYR A 1 59  ? 8.111   0.397   8.284   1.00 51.36 ? 1852 TYR A CD1 1 
ATOM   467 C CD2 . TYR A 1 59  ? 9.450   1.499   6.654   1.00 47.49 ? 1852 TYR A CD2 1 
ATOM   468 C CE1 . TYR A 1 59  ? 6.965   0.830   7.643   1.00 48.94 ? 1852 TYR A CE1 1 
ATOM   469 C CE2 . TYR A 1 59  ? 8.312   1.932   6.003   1.00 44.75 ? 1852 TYR A CE2 1 
ATOM   470 C CZ  . TYR A 1 59  ? 7.073   1.596   6.502   1.00 44.12 ? 1852 TYR A CZ  1 
ATOM   471 O OH  . TYR A 1 59  ? 5.942   2.032   5.854   1.00 39.19 ? 1852 TYR A OH  1 
ATOM   472 N N   . THR A 1 60  ? 11.176  -0.494  11.896  1.00 61.12 ? 1853 THR A N   1 
ATOM   473 C CA  . THR A 1 60  ? 11.986  -1.279  12.820  1.00 60.89 ? 1853 THR A CA  1 
ATOM   474 C C   . THR A 1 60  ? 12.273  -2.668  12.262  1.00 61.51 ? 1853 THR A C   1 
ATOM   475 O O   . THR A 1 60  ? 13.373  -3.203  12.449  1.00 63.32 ? 1853 THR A O   1 
ATOM   476 C CB  . THR A 1 60  ? 11.281  -1.373  14.172  1.00 61.83 ? 1853 THR A CB  1 
ATOM   477 O OG1 . THR A 1 60  ? 10.940  -0.054  14.624  1.00 55.89 ? 1853 THR A OG1 1 
ATOM   478 C CG2 . THR A 1 60  ? 12.180  -2.038  15.201  1.00 61.81 ? 1853 THR A CG2 1 
ATOM   479 N N   . SER A 1 61  ? 11.300  -3.266  11.578  1.00 64.59 ? 1854 SER A N   1 
ATOM   480 C CA  . SER A 1 61  ? 11.471  -4.578  10.970  1.00 65.05 ? 1854 SER A CA  1 
ATOM   481 C C   . SER A 1 61  ? 10.583  -4.660  9.736   1.00 59.59 ? 1854 SER A C   1 
ATOM   482 O O   . SER A 1 61  ? 9.822   -3.737  9.430   1.00 56.14 ? 1854 SER A O   1 
ATOM   483 C CB  . SER A 1 61  ? 11.140  -5.701  11.959  1.00 64.21 ? 1854 SER A CB  1 
ATOM   484 O OG  . SER A 1 61  ? 9.754   -5.724  12.262  1.00 63.05 ? 1854 SER A OG  1 
ATOM   485 N N   . SER A 1 62  ? 10.680  -5.784  9.025   1.00 60.79 ? 1855 SER A N   1 
ATOM   486 C CA  . SER A 1 62  ? 9.800   -6.009  7.886   1.00 63.76 ? 1855 SER A CA  1 
ATOM   487 C C   . SER A 1 62  ? 8.336   -6.094  8.304   1.00 64.62 ? 1855 SER A C   1 
ATOM   488 O O   . SER A 1 62  ? 7.447   -5.875  7.469   1.00 61.61 ? 1855 SER A O   1 
ATOM   489 C CB  . SER A 1 62  ? 10.214  -7.285  7.152   1.00 65.10 ? 1855 SER A CB  1 
ATOM   490 O OG  . SER A 1 62  ? 10.099  -8.419  7.995   1.00 66.18 ? 1855 SER A OG  1 
ATOM   491 N N   . GLU A 1 63  ? 8.068   -6.381  9.582   1.00 62.69 ? 1856 GLU A N   1 
ATOM   492 C CA  . GLU A 1 63  ? 6.695   -6.592  10.032  1.00 59.57 ? 1856 GLU A CA  1 
ATOM   493 C C   . GLU A 1 63  ? 5.887   -5.300  9.992   1.00 57.16 ? 1856 GLU A C   1 
ATOM   494 O O   . GLU A 1 63  ? 4.715   -5.311  9.604   1.00 52.23 ? 1856 GLU A O   1 
ATOM   495 C CB  . GLU A 1 63  ? 6.690   -7.180  11.443  1.00 64.11 ? 1856 GLU A CB  1 
ATOM   496 C CG  . GLU A 1 63  ? 7.605   -8.386  11.628  1.00 71.56 ? 1856 GLU A CG  1 
ATOM   497 C CD  . GLU A 1 63  ? 7.318   -9.511  10.646  1.00 72.87 ? 1856 GLU A CD  1 
ATOM   498 O OE1 . GLU A 1 63  ? 8.286   -10.131 10.157  1.00 68.75 ? 1856 GLU A OE1 1 
ATOM   499 O OE2 . GLU A 1 63  ? 6.129   -9.773  10.363  1.00 72.76 ? 1856 GLU A OE2 1 
ATOM   500 N N   . GLU A 1 64  ? 6.490   -4.179  10.398  1.00 58.01 ? 1857 GLU A N   1 
ATOM   501 C CA  . GLU A 1 64  ? 5.781   -2.903  10.345  1.00 53.65 ? 1857 GLU A CA  1 
ATOM   502 C C   . GLU A 1 64  ? 5.534   -2.474  8.904   1.00 51.51 ? 1857 GLU A C   1 
ATOM   503 O O   . GLU A 1 64  ? 4.465   -1.939  8.582   1.00 48.04 ? 1857 GLU A O   1 
ATOM   504 C CB  . GLU A 1 64  ? 6.568   -1.833  11.110  1.00 53.80 ? 1857 GLU A CB  1 
ATOM   505 C CG  . GLU A 1 64  ? 7.044   -2.290  12.486  1.00 53.11 ? 1857 GLU A CG  1 
ATOM   506 C CD  . GLU A 1 64  ? 7.588   -1.158  13.341  1.00 58.17 ? 1857 GLU A CD  1 
ATOM   507 O OE1 . GLU A 1 64  ? 7.792   -1.379  14.555  1.00 57.63 ? 1857 GLU A OE1 1 
ATOM   508 O OE2 . GLU A 1 64  ? 7.812   -0.049  12.807  1.00 60.28 ? 1857 GLU A OE2 1 
ATOM   509 N N   . PHE A 1 65  ? 6.511   -2.711  8.024   1.00 48.71 ? 1858 PHE A N   1 
ATOM   510 C CA  . PHE A 1 65  ? 6.331   -2.457  6.599   1.00 45.47 ? 1858 PHE A CA  1 
ATOM   511 C C   . PHE A 1 65  ? 5.128   -3.224  6.057   1.00 48.26 ? 1858 PHE A C   1 
ATOM   512 O O   . PHE A 1 65  ? 4.194   -2.634  5.490   1.00 47.09 ? 1858 PHE A O   1 
ATOM   513 C CB  . PHE A 1 65  ? 7.610   -2.843  5.855   1.00 46.55 ? 1858 PHE A CB  1 
ATOM   514 C CG  . PHE A 1 65  ? 7.522   -2.694  4.366   1.00 43.15 ? 1858 PHE A CG  1 
ATOM   515 C CD1 . PHE A 1 65  ? 7.282   -3.795  3.559   1.00 42.05 ? 1858 PHE A CD1 1 
ATOM   516 C CD2 . PHE A 1 65  ? 7.694   -1.457  3.772   1.00 40.76 ? 1858 PHE A CD2 1 
ATOM   517 C CE1 . PHE A 1 65  ? 7.208   -3.661  2.185   1.00 40.76 ? 1858 PHE A CE1 1 
ATOM   518 C CE2 . PHE A 1 65  ? 7.620   -1.316  2.400   1.00 41.70 ? 1858 PHE A CE2 1 
ATOM   519 C CZ  . PHE A 1 65  ? 7.376   -2.419  1.605   1.00 37.83 ? 1858 PHE A CZ  1 
ATOM   520 N N   . ALA A 1 66  ? 5.138   -4.550  6.232   1.00 48.16 ? 1859 ALA A N   1 
ATOM   521 C CA  . ALA A 1 66  ? 4.011   -5.367  5.791   1.00 47.66 ? 1859 ALA A CA  1 
ATOM   522 C C   . ALA A 1 66  ? 2.704   -4.882  6.402   1.00 42.72 ? 1859 ALA A C   1 
ATOM   523 O O   . ALA A 1 66  ? 1.658   -4.890  5.742   1.00 41.28 ? 1859 ALA A O   1 
ATOM   524 C CB  . ALA A 1 66  ? 4.255   -6.834  6.142   1.00 48.02 ? 1859 ALA A CB  1 
ATOM   525 N N   . ALA A 1 67  ? 2.750   -4.441  7.660   1.00 43.71 ? 1860 ALA A N   1 
ATOM   526 C CA  . ALA A 1 67  ? 1.560   -3.883  8.293   1.00 44.79 ? 1860 ALA A CA  1 
ATOM   527 C C   . ALA A 1 67  ? 1.045   -2.675  7.520   1.00 44.18 ? 1860 ALA A C   1 
ATOM   528 O O   . ALA A 1 67  ? -0.164  -2.529  7.311   1.00 44.14 ? 1860 ALA A O   1 
ATOM   529 C CB  . ALA A 1 67  ? 1.862   -3.507  9.745   1.00 44.10 ? 1860 ALA A CB  1 
ATOM   530 N N   . ASP A 1 68  ? 1.953   -1.797  7.083   1.00 44.16 ? 1861 ASP A N   1 
ATOM   531 C CA  . ASP A 1 68  ? 1.522   -0.608  6.355   1.00 40.75 ? 1861 ASP A CA  1 
ATOM   532 C C   . ASP A 1 68  ? 0.928   -0.973  4.996   1.00 39.25 ? 1861 ASP A C   1 
ATOM   533 O O   . ASP A 1 68  ? -0.086  -0.397  4.578   1.00 35.38 ? 1861 ASP A O   1 
ATOM   534 C CB  . ASP A 1 68  ? 2.691   0.368   6.200   1.00 42.65 ? 1861 ASP A CB  1 
ATOM   535 C CG  . ASP A 1 68  ? 2.741   1.406   7.315   1.00 44.21 ? 1861 ASP A CG  1 
ATOM   536 O OD1 . ASP A 1 68  ? 1.813   1.431   8.152   1.00 41.74 ? 1861 ASP A OD1 1 
ATOM   537 O OD2 . ASP A 1 68  ? 3.706   2.200   7.355   1.00 47.85 ? 1861 ASP A OD2 1 
ATOM   538 N N   . ALA A 1 69  ? 1.535   -1.937  4.296   1.00 38.15 ? 1862 ALA A N   1 
ATOM   539 C CA  . ALA A 1 69  ? 0.973   -2.376  3.019   1.00 35.99 ? 1862 ALA A CA  1 
ATOM   540 C C   . ALA A 1 69  ? -0.430  -2.948  3.203   1.00 35.05 ? 1862 ALA A C   1 
ATOM   541 O O   . ALA A 1 69  ? -1.389  -2.539  2.524   1.00 33.70 ? 1862 ALA A O   1 
ATOM   542 C CB  . ALA A 1 69  ? 1.895   -3.406  2.368   1.00 33.86 ? 1862 ALA A CB  1 
ATOM   543 N N   . LEU A 1 70  ? -0.571  -3.897  4.131   1.00 34.51 ? 1863 LEU A N   1 
ATOM   544 C CA  . LEU A 1 70  ? -1.885  -4.460  4.406   1.00 31.09 ? 1863 LEU A CA  1 
ATOM   545 C C   . LEU A 1 70  ? -2.865  -3.387  4.852   1.00 30.58 ? 1863 LEU A C   1 
ATOM   546 O O   . LEU A 1 70  ? -4.075  -3.535  4.666   1.00 28.44 ? 1863 LEU A O   1 
ATOM   547 C CB  . LEU A 1 70  ? -1.773  -5.561  5.458   1.00 30.64 ? 1863 LEU A CB  1 
ATOM   548 C CG  . LEU A 1 70  ? -0.876  -6.724  5.038   1.00 35.85 ? 1863 LEU A CG  1 
ATOM   549 C CD1 . LEU A 1 70  ? -0.807  -7.772  6.136   1.00 37.77 ? 1863 LEU A CD1 1 
ATOM   550 C CD2 . LEU A 1 70  ? -1.345  -7.336  3.719   1.00 30.53 ? 1863 LEU A CD2 1 
ATOM   551 N N   . LEU A 1 71  ? -2.364  -2.295  5.432   1.00 30.83 ? 1864 LEU A N   1 
ATOM   552 C CA  . LEU A 1 71  ? -3.240  -1.174  5.754   1.00 32.15 ? 1864 LEU A CA  1 
ATOM   553 C C   . LEU A 1 71  ? -3.725  -0.474  4.490   1.00 32.74 ? 1864 LEU A C   1 
ATOM   554 O O   . LEU A 1 71  ? -4.902  -0.096  4.398   1.00 30.04 ? 1864 LEU A O   1 
ATOM   555 C CB  . LEU A 1 71  ? -2.525  -0.188  6.675   1.00 30.28 ? 1864 LEU A CB  1 
ATOM   556 C CG  . LEU A 1 71  ? -3.347  1.045   7.057   1.00 31.06 ? 1864 LEU A CG  1 
ATOM   557 C CD1 . LEU A 1 71  ? -4.602  0.633   7.806   1.00 28.31 ? 1864 LEU A CD1 1 
ATOM   558 C CD2 . LEU A 1 71  ? -2.512  2.005   7.882   1.00 29.16 ? 1864 LEU A CD2 1 
ATOM   559 N N   . VAL A 1 72  ? -2.834  -0.292  3.507   1.00 31.64 ? 1865 VAL A N   1 
ATOM   560 C CA  . VAL A 1 72  ? -3.252  0.237   2.208   1.00 30.51 ? 1865 VAL A CA  1 
ATOM   561 C C   . VAL A 1 72  ? -4.416  -0.578  1.661   1.00 27.30 ? 1865 VAL A C   1 
ATOM   562 O O   . VAL A 1 72  ? -5.478  -0.040  1.320   1.00 26.13 ? 1865 VAL A O   1 
ATOM   563 C CB  . VAL A 1 72  ? -2.072  0.251   1.217   1.00 30.24 ? 1865 VAL A CB  1 
ATOM   564 C CG1 . VAL A 1 72  ? -2.556  0.590   -0.185  1.00 26.59 ? 1865 VAL A CG1 1 
ATOM   565 C CG2 . VAL A 1 72  ? -1.001  1.236   1.651   1.00 30.09 ? 1865 VAL A CG2 1 
ATOM   566 N N   . PHE A 1 73  ? -4.242  -1.897  1.594   1.00 26.45 ? 1866 PHE A N   1 
ATOM   567 C CA  . PHE A 1 73  ? -5.267  -2.700  0.932   1.00 25.47 ? 1866 PHE A CA  1 
ATOM   568 C C   . PHE A 1 73  ? -6.521  -2.883  1.787   1.00 30.36 ? 1866 PHE A C   1 
ATOM   569 O O   . PHE A 1 73  ? -7.626  -2.984  1.235   1.00 27.80 ? 1866 PHE A O   1 
ATOM   570 C CB  . PHE A 1 73  ? -4.661  -4.036  0.518   1.00 25.00 ? 1866 PHE A CB  1 
ATOM   571 C CG  . PHE A 1 73  ? -3.414  -3.877  -0.295  1.00 26.38 ? 1866 PHE A CG  1 
ATOM   572 C CD1 . PHE A 1 73  ? -3.389  -2.998  -1.363  1.00 24.86 ? 1866 PHE A CD1 1 
ATOM   573 C CD2 . PHE A 1 73  ? -2.257  -4.555  0.040   1.00 26.03 ? 1866 PHE A CD2 1 
ATOM   574 C CE1 . PHE A 1 73  ? -2.242  -2.823  -2.104  1.00 25.73 ? 1866 PHE A CE1 1 
ATOM   575 C CE2 . PHE A 1 73  ? -1.105  -4.386  -0.703  1.00 29.24 ? 1866 PHE A CE2 1 
ATOM   576 C CZ  . PHE A 1 73  ? -1.098  -3.519  -1.776  1.00 26.82 ? 1866 PHE A CZ  1 
ATOM   577 N N   . ASP A 1 74  ? -6.384  -2.908  3.117   1.00 32.14 ? 1867 ASP A N   1 
ATOM   578 C CA  . ASP A 1 74  ? -7.565  -2.909  3.978   1.00 25.19 ? 1867 ASP A CA  1 
ATOM   579 C C   . ASP A 1 74  ? -8.389  -1.648  3.767   1.00 23.35 ? 1867 ASP A C   1 
ATOM   580 O O   . ASP A 1 74  ? -9.620  -1.711  3.684   1.00 21.34 ? 1867 ASP A O   1 
ATOM   581 C CB  . ASP A 1 74  ? -7.162  -3.034  5.449   1.00 27.75 ? 1867 ASP A CB  1 
ATOM   582 C CG  . ASP A 1 74  ? -6.637  -4.412  5.803   1.00 30.25 ? 1867 ASP A CG  1 
ATOM   583 O OD1 . ASP A 1 74  ? -7.045  -5.395  5.150   1.00 27.93 ? 1867 ASP A OD1 1 
ATOM   584 O OD2 . ASP A 1 74  ? -5.807  -4.510  6.737   1.00 30.31 ? 1867 ASP A OD2 1 
ATOM   585 N N   . ASN A 1 75  ? -7.723  -0.492  3.686   1.00 26.09 ? 1868 ASN A N   1 
ATOM   586 C CA  . ASN A 1 75  ? -8.438  0.748   3.405   1.00 23.94 ? 1868 ASN A CA  1 
ATOM   587 C C   . ASN A 1 75  ? -9.127  0.684   2.048   1.00 25.62 ? 1868 ASN A C   1 
ATOM   588 O O   . ASN A 1 75  ? -10.298 1.075   1.916   1.00 21.10 ? 1868 ASN A O   1 
ATOM   589 C CB  . ASN A 1 75  ? -7.475  1.936   3.464   1.00 24.13 ? 1868 ASN A CB  1 
ATOM   590 C CG  . ASN A 1 75  ? -7.014  2.247   4.875   1.00 28.54 ? 1868 ASN A CG  1 
ATOM   591 O OD1 . ASN A 1 75  ? -7.704  1.941   5.848   1.00 32.97 ? 1868 ASN A OD1 1 
ATOM   592 N ND2 . ASN A 1 75  ? -5.846  2.865   4.992   1.00 30.75 ? 1868 ASN A ND2 1 
ATOM   593 N N   . CYS A 1 76  ? -8.418  0.181   1.030   1.00 23.81 ? 1869 CYS A N   1 
ATOM   594 C CA  . CYS A 1 76  ? -9.008  0.059   -0.299  1.00 23.46 ? 1869 CYS A CA  1 
ATOM   595 C C   . CYS A 1 76  ? -10.285 -0.772  -0.261  1.00 24.71 ? 1869 CYS A C   1 
ATOM   596 O O   . CYS A 1 76  ? -11.313 -0.386  -0.834  1.00 20.71 ? 1869 CYS A O   1 
ATOM   597 C CB  . CYS A 1 76  ? -7.998  -0.553  -1.268  1.00 24.82 ? 1869 CYS A CB  1 
ATOM   598 S SG  . CYS A 1 76  ? -8.534  -0.551  -2.997  1.00 20.70 ? 1869 CYS A SG  1 
ATOM   599 N N   . GLN A 1 77  ? -10.245 -1.918  0.423   1.00 26.08 ? 1870 GLN A N   1 
ATOM   600 C CA  . GLN A 1 77  ? -11.424 -2.773  0.479   1.00 24.56 ? 1870 GLN A CA  1 
ATOM   601 C C   . GLN A 1 77  ? -12.509 -2.208  1.383   1.00 21.90 ? 1870 GLN A C   1 
ATOM   602 O O   . GLN A 1 77  ? -13.683 -2.545  1.202   1.00 24.07 ? 1870 GLN A O   1 
ATOM   603 C CB  . GLN A 1 77  ? -11.034 -4.178  0.934   1.00 19.59 ? 1870 GLN A CB  1 
ATOM   604 C CG  . GLN A 1 77  ? -10.101 -4.874  -0.027  1.00 19.10 ? 1870 GLN A CG  1 
ATOM   605 C CD  . GLN A 1 77  ? -9.571  -6.180  0.518   1.00 23.20 ? 1870 GLN A CD  1 
ATOM   606 O OE1 . GLN A 1 77  ? -8.446  -6.245  1.009   1.00 25.23 ? 1870 GLN A OE1 1 
ATOM   607 N NE2 . GLN A 1 77  ? -10.377 -7.233  0.427   1.00 23.15 ? 1870 GLN A NE2 1 
ATOM   608 N N   . THR A 1 78  ? -12.152 -1.351  2.341   1.00 21.85 ? 1871 THR A N   1 
ATOM   609 C CA  . THR A 1 78  ? -13.172 -0.742  3.189   1.00 21.88 ? 1871 THR A CA  1 
ATOM   610 C C   . THR A 1 78  ? -13.943 0.335   2.438   1.00 22.36 ? 1871 THR A C   1 
ATOM   611 O O   . THR A 1 78  ? -15.169 0.425   2.564   1.00 26.17 ? 1871 THR A O   1 
ATOM   612 C CB  . THR A 1 78  ? -12.543 -0.149  4.450   1.00 19.90 ? 1871 THR A CB  1 
ATOM   613 O OG1 . THR A 1 78  ? -11.717 -1.127  5.092   1.00 20.36 ? 1871 THR A OG1 1 
ATOM   614 C CG2 . THR A 1 78  ? -13.626 0.282   5.417   1.00 19.58 ? 1871 THR A CG2 1 
ATOM   615 N N   . PHE A 1 79  ? -13.252 1.153   1.645   1.00 22.45 ? 1872 PHE A N   1 
ATOM   616 C CA  . PHE A 1 79  ? -13.915 2.295   1.025   1.00 21.29 ? 1872 PHE A CA  1 
ATOM   617 C C   . PHE A 1 79  ? -14.513 2.003   -0.349  1.00 21.92 ? 1872 PHE A C   1 
ATOM   618 O O   . PHE A 1 79  ? -15.527 2.611   -0.708  1.00 22.38 ? 1872 PHE A O   1 
ATOM   619 C CB  . PHE A 1 79  ? -12.940 3.469   0.901   1.00 22.52 ? 1872 PHE A CB  1 
ATOM   620 C CG  . PHE A 1 79  ? -13.573 4.717   0.363   1.00 22.99 ? 1872 PHE A CG  1 
ATOM   621 C CD1 . PHE A 1 79  ? -14.240 5.589   1.210   1.00 22.68 ? 1872 PHE A CD1 1 
ATOM   622 C CD2 . PHE A 1 79  ? -13.518 5.012   -0.993  1.00 22.26 ? 1872 PHE A CD2 1 
ATOM   623 C CE1 . PHE A 1 79  ? -14.835 6.735   0.722   1.00 22.78 ? 1872 PHE A CE1 1 
ATOM   624 C CE2 . PHE A 1 79  ? -14.110 6.154   -1.487  1.00 24.63 ? 1872 PHE A CE2 1 
ATOM   625 C CZ  . PHE A 1 79  ? -14.770 7.019   -0.627  1.00 26.84 ? 1872 PHE A CZ  1 
ATOM   626 N N   . ASN A 1 80  ? -13.920 1.109   -1.137  1.00 22.29 ? 1873 ASN A N   1 
ATOM   627 C CA  . ASN A 1 80  ? -14.303 0.932   -2.531  1.00 20.48 ? 1873 ASN A CA  1 
ATOM   628 C C   . ASN A 1 80  ? -14.975 -0.415  -2.758  1.00 25.48 ? 1873 ASN A C   1 
ATOM   629 O O   . ASN A 1 80  ? -14.598 -1.422  -2.149  1.00 28.69 ? 1873 ASN A O   1 
ATOM   630 C CB  . ASN A 1 80  ? -13.089 1.051   -3.449  1.00 23.19 ? 1873 ASN A CB  1 
ATOM   631 C CG  . ASN A 1 80  ? -12.475 2.427   -3.418  1.00 24.55 ? 1873 ASN A CG  1 
ATOM   632 O OD1 . ASN A 1 80  ? -12.761 3.265   -4.275  1.00 25.53 ? 1873 ASN A OD1 1 
ATOM   633 N ND2 . ASN A 1 80  ? -11.628 2.677   -2.423  1.00 21.93 ? 1873 ASN A ND2 1 
ATOM   634 N N   . GLU A 1 81  ? -15.963 -0.424  -3.649  1.00 27.98 ? 1874 GLU A N   1 
ATOM   635 C CA  . GLU A 1 81  ? -16.594 -1.670  -4.057  1.00 27.79 ? 1874 GLU A CA  1 
ATOM   636 C C   . GLU A 1 81  ? -15.564 -2.598  -4.692  1.00 28.16 ? 1874 GLU A C   1 
ATOM   637 O O   . GLU A 1 81  ? -14.578 -2.155  -5.287  1.00 30.56 ? 1874 GLU A O   1 
ATOM   638 C CB  . GLU A 1 81  ? -17.727 -1.392  -5.047  1.00 25.95 ? 1874 GLU A CB  1 
ATOM   639 C CG  . GLU A 1 81  ? -18.702 -0.325  -4.589  1.00 30.04 ? 1874 GLU A CG  1 
ATOM   640 C CD  . GLU A 1 81  ? -20.094 -0.872  -4.359  1.00 35.11 ? 1874 GLU A CD  1 
ATOM   641 O OE1 . GLU A 1 81  ? -21.045 -0.065  -4.258  1.00 37.44 ? 1874 GLU A OE1 1 
ATOM   642 O OE2 . GLU A 1 81  ? -20.239 -2.112  -4.282  1.00 36.36 ? 1874 GLU A OE2 1 
ATOM   643 N N   . ASP A 1 82  ? -15.794 -3.905  -4.553  1.00 29.88 ? 1875 ASP A N   1 
ATOM   644 C CA  . ASP A 1 82  ? -14.890 -4.875  -5.159  1.00 22.96 ? 1875 ASP A CA  1 
ATOM   645 C C   . ASP A 1 82  ? -14.870 -4.771  -6.676  1.00 23.66 ? 1875 ASP A C   1 
ATOM   646 O O   . ASP A 1 82  ? -13.876 -5.160  -7.296  1.00 25.34 ? 1875 ASP A O   1 
ATOM   647 C CB  . ASP A 1 82  ? -15.275 -6.292  -4.742  1.00 20.40 ? 1875 ASP A CB  1 
ATOM   648 C CG  . ASP A 1 82  ? -14.891 -6.600  -3.312  1.00 22.02 ? 1875 ASP A CG  1 
ATOM   649 O OD1 . ASP A 1 82  ? -13.821 -6.129  -2.873  1.00 21.10 ? 1875 ASP A OD1 1 
ATOM   650 O OD2 . ASP A 1 82  ? -15.658 -7.309  -2.627  1.00 24.17 ? 1875 ASP A OD2 1 
ATOM   651 N N   . ASP A 1 83  ? -15.935 -4.253  -7.288  1.00 25.56 ? 1876 ASP A N   1 
ATOM   652 C CA  . ASP A 1 83  ? -15.996 -4.109  -8.736  1.00 25.79 ? 1876 ASP A CA  1 
ATOM   653 C C   . ASP A 1 83  ? -15.809 -2.668  -9.191  1.00 24.76 ? 1876 ASP A C   1 
ATOM   654 O O   . ASP A 1 83  ? -16.027 -2.369  -10.369 1.00 24.42 ? 1876 ASP A O   1 
ATOM   655 C CB  . ASP A 1 83  ? -17.312 -4.673  -9.277  1.00 23.62 ? 1876 ASP A CB  1 
ATOM   656 C CG  . ASP A 1 83  ? -18.526 -3.965  -8.734  1.00 22.16 ? 1876 ASP A CG  1 
ATOM   657 O OD1 . ASP A 1 83  ? -18.446 -3.402  -7.627  1.00 29.43 ? 1876 ASP A OD1 1 
ATOM   658 O OD2 . ASP A 1 83  ? -19.569 -3.987  -9.415  1.00 23.21 ? 1876 ASP A OD2 1 
ATOM   659 N N   . SER A 1 84  ? -15.416 -1.772  -8.292  1.00 23.20 ? 1877 SER A N   1 
ATOM   660 C CA  . SER A 1 84  ? -15.006 -0.441  -8.707  1.00 24.22 ? 1877 SER A CA  1 
ATOM   661 C C   . SER A 1 84  ? -13.613 -0.500  -9.328  1.00 26.29 ? 1877 SER A C   1 
ATOM   662 O O   . SER A 1 84  ? -12.876 -1.475  -9.166  1.00 27.93 ? 1877 SER A O   1 
ATOM   663 C CB  . SER A 1 84  ? -15.008 0.520   -7.521  1.00 24.03 ? 1877 SER A CB  1 
ATOM   664 O OG  . SER A 1 84  ? -13.978 0.191   -6.608  1.00 25.10 ? 1877 SER A OG  1 
ATOM   665 N N   . GLU A 1 85  ? -13.253 0.564   -10.049 1.00 23.92 ? 1878 GLU A N   1 
ATOM   666 C CA  . GLU A 1 85  ? -11.922 0.626   -10.649 1.00 23.14 ? 1878 GLU A CA  1 
ATOM   667 C C   . GLU A 1 85  ? -10.835 0.591   -9.577  1.00 22.70 ? 1878 GLU A C   1 
ATOM   668 O O   . GLU A 1 85  ? -9.882  -0.196  -9.663  1.00 24.04 ? 1878 GLU A O   1 
ATOM   669 C CB  . GLU A 1 85  ? -11.802 1.878   -11.516 1.00 22.75 ? 1878 GLU A CB  1 
ATOM   670 C CG  . GLU A 1 85  ? -12.725 1.873   -12.729 1.00 27.89 ? 1878 GLU A CG  1 
ATOM   671 C CD  . GLU A 1 85  ? -12.291 0.876   -13.796 1.00 38.56 ? 1878 GLU A CD  1 
ATOM   672 O OE1 . GLU A 1 85  ? -11.077 0.818   -14.106 1.00 35.32 ? 1878 GLU A OE1 1 
ATOM   673 O OE2 . GLU A 1 85  ? -13.164 0.145   -14.321 1.00 34.54 ? 1878 GLU A OE2 1 
ATOM   674 N N   . VAL A 1 86  ? -10.972 1.432   -8.549  1.00 21.69 ? 1879 VAL A N   1 
ATOM   675 C CA  . VAL A 1 86  ? -10.051 1.385   -7.417  1.00 23.19 ? 1879 VAL A CA  1 
ATOM   676 C C   . VAL A 1 86  ? -10.104 0.023   -6.745  1.00 23.29 ? 1879 VAL A C   1 
ATOM   677 O O   . VAL A 1 86  ? -9.084  -0.481  -6.265  1.00 21.62 ? 1879 VAL A O   1 
ATOM   678 C CB  . VAL A 1 86  ? -10.373 2.518   -6.420  1.00 23.85 ? 1879 VAL A CB  1 
ATOM   679 C CG1 . VAL A 1 86  ? -9.513  2.397   -5.170  1.00 20.79 ? 1879 VAL A CG1 1 
ATOM   680 C CG2 . VAL A 1 86  ? -10.178 3.876   -7.074  1.00 23.50 ? 1879 VAL A CG2 1 
ATOM   681 N N   . GLY A 1 87  ? -11.285 -0.594  -6.700  1.00 24.73 ? 1880 GLY A N   1 
ATOM   682 C CA  . GLY A 1 87  ? -11.398 -1.911  -6.092  1.00 24.01 ? 1880 GLY A CA  1 
ATOM   683 C C   . GLY A 1 87  ? -10.610 -2.966  -6.840  1.00 24.49 ? 1880 GLY A C   1 
ATOM   684 O O   . GLY A 1 87  ? -9.808  -3.695  -6.247  1.00 25.69 ? 1880 GLY A O   1 
ATOM   685 N N   . LYS A 1 88  ? -10.827 -3.059  -8.155  1.00 20.95 ? 1881 LYS A N   1 
ATOM   686 C CA  . LYS A 1 88  ? -10.100 -4.029  -8.966  1.00 22.18 ? 1881 LYS A CA  1 
ATOM   687 C C   . LYS A 1 88  ? -8.594  -3.793  -8.890  1.00 20.31 ? 1881 LYS A C   1 
ATOM   688 O O   . LYS A 1 88  ? -7.809  -4.736  -8.701  1.00 21.32 ? 1881 LYS A O   1 
ATOM   689 C CB  . LYS A 1 88  ? -10.596 -3.971  -10.413 1.00 23.27 ? 1881 LYS A CB  1 
ATOM   690 C CG  . LYS A 1 88  ? -12.116 -4.103  -10.557 1.00 20.65 ? 1881 LYS A CG  1 
ATOM   691 C CD  . LYS A 1 88  ? -12.545 -4.563  -11.949 1.00 25.12 ? 1881 LYS A CD  1 
ATOM   692 C CE  . LYS A 1 88  ? -12.207 -3.545  -13.030 1.00 36.87 ? 1881 LYS A CE  1 
ATOM   693 N NZ  . LYS A 1 88  ? -12.916 -2.243  -12.846 1.00 33.26 ? 1881 LYS A NZ  1 
ATOM   694 N N   . ALA A 1 89  ? -8.172  -2.531  -9.023  1.00 20.52 ? 1882 ALA A N   1 
ATOM   695 C CA  . ALA A 1 89  ? -6.754  -2.212  -8.883  1.00 20.27 ? 1882 ALA A CA  1 
ATOM   696 C C   . ALA A 1 89  ? -6.223  -2.679  -7.533  1.00 23.68 ? 1882 ALA A C   1 
ATOM   697 O O   . ALA A 1 89  ? -5.164  -3.314  -7.451  1.00 25.69 ? 1882 ALA A O   1 
ATOM   698 C CB  . ALA A 1 89  ? -6.532  -0.710  -9.057  1.00 18.84 ? 1882 ALA A CB  1 
ATOM   699 N N   . GLY A 1 90  ? -6.961  -2.387  -6.462  1.00 22.89 ? 1883 GLY A N   1 
ATOM   700 C CA  . GLY A 1 90  ? -6.528  -2.786  -5.138  1.00 22.16 ? 1883 GLY A CA  1 
ATOM   701 C C   . GLY A 1 90  ? -6.413  -4.284  -4.976  1.00 24.35 ? 1883 GLY A C   1 
ATOM   702 O O   . GLY A 1 90  ? -5.527  -4.766  -4.268  1.00 26.35 ? 1883 GLY A O   1 
ATOM   703 N N   . HIS A 1 91  ? -7.300  -5.044  -5.621  1.00 20.05 ? 1884 HIS A N   1 
ATOM   704 C CA  . HIS A 1 91  ? -7.195  -6.497  -5.550  1.00 21.54 ? 1884 HIS A CA  1 
ATOM   705 C C   . HIS A 1 91  ? -5.950  -6.991  -6.275  1.00 25.12 ? 1884 HIS A C   1 
ATOM   706 O O   . HIS A 1 91  ? -5.219  -7.847  -5.751  1.00 22.05 ? 1884 HIS A O   1 
ATOM   707 C CB  . HIS A 1 91  ? -8.454  -7.144  -6.121  1.00 20.44 ? 1884 HIS A CB  1 
ATOM   708 C CG  . HIS A 1 91  ? -9.627  -7.079  -5.199  1.00 20.51 ? 1884 HIS A CG  1 
ATOM   709 N ND1 . HIS A 1 91  ? -9.518  -7.321  -3.846  1.00 18.20 ? 1884 HIS A ND1 1 
ATOM   710 C CD2 . HIS A 1 91  ? -10.928 -6.784  -5.427  1.00 20.12 ? 1884 HIS A CD2 1 
ATOM   711 C CE1 . HIS A 1 91  ? -10.704 -7.182  -3.281  1.00 19.88 ? 1884 HIS A CE1 1 
ATOM   712 N NE2 . HIS A 1 91  ? -11.576 -6.857  -4.217  1.00 21.75 ? 1884 HIS A NE2 1 
ATOM   713 N N   . ILE A 1 92  ? -5.685  -6.453  -7.471  1.00 24.28 ? 1885 ILE A N   1 
ATOM   714 C CA  . ILE A 1 92  ? -4.463  -6.822  -8.184  1.00 21.78 ? 1885 ILE A CA  1 
ATOM   715 C C   . ILE A 1 92  ? -3.234  -6.500  -7.339  1.00 25.09 ? 1885 ILE A C   1 
ATOM   716 O O   . ILE A 1 92  ? -2.301  -7.309  -7.241  1.00 26.54 ? 1885 ILE A O   1 
ATOM   717 C CB  . ILE A 1 92  ? -4.411  -6.125  -9.555  1.00 19.88 ? 1885 ILE A CB  1 
ATOM   718 C CG1 . ILE A 1 92  ? -5.631  -6.508  -10.397 1.00 18.85 ? 1885 ILE A CG1 1 
ATOM   719 C CG2 . ILE A 1 92  ? -3.131  -6.487  -10.281 1.00 20.86 ? 1885 ILE A CG2 1 
ATOM   720 C CD1 . ILE A 1 92  ? -5.618  -5.938  -11.791 1.00 13.45 ? 1885 ILE A CD1 1 
ATOM   721 N N   . MET A 1 93  ? -3.230  -5.333  -6.686  1.00 25.50 ? 1886 MET A N   1 
ATOM   722 C CA  . MET A 1 93  ? -2.061  -4.914  -5.915  1.00 27.98 ? 1886 MET A CA  1 
ATOM   723 C C   . MET A 1 93  ? -1.889  -5.746  -4.653  1.00 26.90 ? 1886 MET A C   1 
ATOM   724 O O   . MET A 1 93  ? -0.759  -6.068  -4.267  1.00 30.13 ? 1886 MET A O   1 
ATOM   725 C CB  . MET A 1 93  ? -2.159  -3.430  -5.554  1.00 24.80 ? 1886 MET A CB  1 
ATOM   726 C CG  . MET A 1 93  ? -1.936  -2.489  -6.718  1.00 26.63 ? 1886 MET A CG  1 
ATOM   727 S SD  . MET A 1 93  ? -0.448  -2.909  -7.642  1.00 24.04 ? 1886 MET A SD  1 
ATOM   728 C CE  . MET A 1 93  ? 0.807   -2.805  -6.366  1.00 24.24 ? 1886 MET A CE  1 
ATOM   729 N N   . ARG A 1 94  ? -2.991  -6.085  -3.981  1.00 25.08 ? 1887 ARG A N   1 
ATOM   730 C CA  . ARG A 1 94  ? -2.902  -6.907  -2.779  1.00 25.68 ? 1887 ARG A CA  1 
ATOM   731 C C   . ARG A 1 94  ? -2.392  -8.304  -3.115  1.00 29.09 ? 1887 ARG A C   1 
ATOM   732 O O   . ARG A 1 94  ? -1.485  -8.823  -2.451  1.00 32.08 ? 1887 ARG A O   1 
ATOM   733 C CB  . ARG A 1 94  ? -4.267  -6.968  -2.091  1.00 27.04 ? 1887 ARG A CB  1 
ATOM   734 C CG  . ARG A 1 94  ? -4.285  -7.696  -0.756  1.00 24.23 ? 1887 ARG A CG  1 
ATOM   735 C CD  . ARG A 1 94  ? -5.706  -7.794  -0.222  1.00 21.40 ? 1887 ARG A CD  1 
ATOM   736 N NE  . ARG A 1 94  ? -6.656  -8.097  -1.290  1.00 23.02 ? 1887 ARG A NE  1 
ATOM   737 C CZ  . ARG A 1 94  ? -6.858  -9.312  -1.793  1.00 21.92 ? 1887 ARG A CZ  1 
ATOM   738 N NH1 . ARG A 1 94  ? -6.180  -10.351 -1.326  1.00 21.77 ? 1887 ARG A NH1 1 
ATOM   739 N NH2 . ARG A 1 94  ? -7.740  -9.490  -2.768  1.00 20.87 ? 1887 ARG A NH2 1 
ATOM   740 N N   . ARG A 1 95  ? -2.954  -8.922  -4.162  1.00 26.22 ? 1888 ARG A N   1 
ATOM   741 C CA  . ARG A 1 95  ? -2.474  -10.237 -4.577  1.00 24.60 ? 1888 ARG A CA  1 
ATOM   742 C C   . ARG A 1 95  ? -1.004  -10.190 -4.980  1.00 29.89 ? 1888 ARG A C   1 
ATOM   743 O O   . ARG A 1 95  ? -0.234  -11.100 -4.649  1.00 31.87 ? 1888 ARG A O   1 
ATOM   744 C CB  . ARG A 1 95  ? -3.327  -10.779 -5.723  1.00 24.27 ? 1888 ARG A CB  1 
ATOM   745 C CG  . ARG A 1 95  ? -4.660  -11.350 -5.275  1.00 20.11 ? 1888 ARG A CG  1 
ATOM   746 C CD  . ARG A 1 95  ? -5.335  -12.128 -6.380  1.00 15.58 ? 1888 ARG A CD  1 
ATOM   747 N NE  . ARG A 1 95  ? -5.634  -11.296 -7.538  1.00 17.78 ? 1888 ARG A NE  1 
ATOM   748 C CZ  . ARG A 1 95  ? -6.775  -10.638 -7.711  1.00 19.49 ? 1888 ARG A CZ  1 
ATOM   749 N NH1 . ARG A 1 95  ? -7.731  -10.711 -6.794  1.00 20.58 ? 1888 ARG A NH1 1 
ATOM   750 N NH2 . ARG A 1 95  ? -6.965  -9.904  -8.799  1.00 19.86 ? 1888 ARG A NH2 1 
ATOM   751 N N   . PHE A 1 96  ? -0.595  -9.133  -5.690  1.00 32.62 ? 1889 PHE A N   1 
ATOM   752 C CA  . PHE A 1 96  ? 0.815   -8.982  -6.039  1.00 31.00 ? 1889 PHE A CA  1 
ATOM   753 C C   . PHE A 1 96  ? 1.687   -8.863  -4.795  1.00 34.09 ? 1889 PHE A C   1 
ATOM   754 O O   . PHE A 1 96  ? 2.760   -9.476  -4.720  1.00 36.76 ? 1889 PHE A O   1 
ATOM   755 C CB  . PHE A 1 96  ? 1.009   -7.765  -6.942  1.00 30.93 ? 1889 PHE A CB  1 
ATOM   756 C CG  . PHE A 1 96  ? 2.447   -7.491  -7.289  1.00 34.19 ? 1889 PHE A CG  1 
ATOM   757 C CD1 . PHE A 1 96  ? 3.086   -8.226  -8.276  1.00 35.53 ? 1889 PHE A CD1 1 
ATOM   758 C CD2 . PHE A 1 96  ? 3.159   -6.500  -6.631  1.00 31.34 ? 1889 PHE A CD2 1 
ATOM   759 C CE1 . PHE A 1 96  ? 4.411   -7.978  -8.599  1.00 36.23 ? 1889 PHE A CE1 1 
ATOM   760 C CE2 . PHE A 1 96  ? 4.481   -6.249  -6.948  1.00 30.55 ? 1889 PHE A CE2 1 
ATOM   761 C CZ  . PHE A 1 96  ? 5.109   -6.990  -7.932  1.00 35.85 ? 1889 PHE A CZ  1 
ATOM   762 N N   . PHE A 1 97  ? 1.242   -8.083  -3.805  1.00 32.61 ? 1890 PHE A N   1 
ATOM   763 C CA  . PHE A 1 97  ? 2.064   -7.870  -2.619  1.00 31.95 ? 1890 PHE A CA  1 
ATOM   764 C C   . PHE A 1 97  ? 2.226   -9.152  -1.819  1.00 36.38 ? 1890 PHE A C   1 
ATOM   765 O O   . PHE A 1 97  ? 3.334   -9.488  -1.392  1.00 41.13 ? 1890 PHE A O   1 
ATOM   766 C CB  . PHE A 1 97  ? 1.480   -6.785  -1.722  1.00 30.40 ? 1890 PHE A CB  1 
ATOM   767 C CG  . PHE A 1 97  ? 2.068   -6.793  -0.340  1.00 33.31 ? 1890 PHE A CG  1 
ATOM   768 C CD1 . PHE A 1 97  ? 3.386   -6.415  -0.138  1.00 32.03 ? 1890 PHE A CD1 1 
ATOM   769 C CD2 . PHE A 1 97  ? 1.326   -7.221  0.748   1.00 33.18 ? 1890 PHE A CD2 1 
ATOM   770 C CE1 . PHE A 1 97  ? 3.944   -6.437  1.122   1.00 31.47 ? 1890 PHE A CE1 1 
ATOM   771 C CE2 . PHE A 1 97  ? 1.882   -7.247  2.013   1.00 36.69 ? 1890 PHE A CE2 1 
ATOM   772 C CZ  . PHE A 1 97  ? 3.193   -6.852  2.199   1.00 35.53 ? 1890 PHE A CZ  1 
ATOM   773 N N   . GLU A 1 98  ? 1.127   -9.862  -1.566  1.00 35.32 ? 1891 GLU A N   1 
ATOM   774 C CA  . GLU A 1 98  ? 1.246   -11.110 -0.819  1.00 42.17 ? 1891 GLU A CA  1 
ATOM   775 C C   . GLU A 1 98  ? 2.053   -12.133 -1.608  1.00 45.01 ? 1891 GLU A C   1 
ATOM   776 O O   . GLU A 1 98  ? 2.851   -12.888 -1.034  1.00 48.34 ? 1891 GLU A O   1 
ATOM   777 C CB  . GLU A 1 98  ? -0.142  -11.641 -0.466  1.00 39.64 ? 1891 GLU A CB  1 
ATOM   778 C CG  . GLU A 1 98  ? -1.017  -10.582 0.186   1.00 42.08 ? 1891 GLU A CG  1 
ATOM   779 C CD  . GLU A 1 98  ? -1.970  -11.145 1.214   1.00 49.02 ? 1891 GLU A CD  1 
ATOM   780 O OE1 . GLU A 1 98  ? -3.083  -11.562 0.831   1.00 51.20 ? 1891 GLU A OE1 1 
ATOM   781 O OE2 . GLU A 1 98  ? -1.603  -11.166 2.410   1.00 49.74 ? 1891 GLU A OE2 1 
ATOM   782 N N   . SER A 1 99  ? 1.883   -12.140 -2.931  1.00 41.17 ? 1892 SER A N   1 
ATOM   783 C CA  . SER A 1 99  ? 2.667   -13.006 -3.802  1.00 43.46 ? 1892 SER A CA  1 
ATOM   784 C C   . SER A 1 99  ? 4.165   -12.787 -3.598  1.00 48.06 ? 1892 SER A C   1 
ATOM   785 O O   . SER A 1 99  ? 4.892   -13.705 -3.204  1.00 50.00 ? 1892 SER A O   1 
ATOM   786 C CB  . SER A 1 99  ? 2.266   -12.756 -5.260  1.00 43.71 ? 1892 SER A CB  1 
ATOM   787 O OG  . SER A 1 99  ? 2.783   -13.747 -6.129  1.00 50.41 ? 1892 SER A OG  1 
ATOM   788 N N   . ARG A 1 100 ? 4.642   -11.561 -3.850  1.00 48.63 ? 1893 ARG A N   1 
ATOM   789 C CA  . ARG A 1 100 ? 6.077   -11.296 -3.753  1.00 50.46 ? 1893 ARG A CA  1 
ATOM   790 C C   . ARG A 1 100 ? 6.575   -11.411 -2.314  1.00 52.43 ? 1893 ARG A C   1 
ATOM   791 O O   . ARG A 1 100 ? 7.704   -11.858 -2.079  1.00 58.25 ? 1893 ARG A O   1 
ATOM   792 C CB  . ARG A 1 100 ? 6.404   -9.913  -4.321  1.00 46.69 ? 1893 ARG A CB  1 
ATOM   793 C CG  . ARG A 1 100 ? 6.223   -9.787  -5.829  1.00 45.94 ? 1893 ARG A CG  1 
ATOM   794 C CD  . ARG A 1 100 ? 7.328   -10.488 -6.618  1.00 49.98 ? 1893 ARG A CD  1 
ATOM   795 N NE  . ARG A 1 100 ? 8.577   -9.729  -6.647  1.00 49.71 ? 1893 ARG A NE  1 
ATOM   796 C CZ  . ARG A 1 100 ? 9.705   -10.108 -6.049  1.00 55.26 ? 1893 ARG A CZ  1 
ATOM   797 N NH1 . ARG A 1 100 ? 9.755   -11.248 -5.372  1.00 58.96 ? 1893 ARG A NH1 1 
ATOM   798 N NH2 . ARG A 1 100 ? 10.789  -9.348  -6.133  1.00 50.03 ? 1893 ARG A NH2 1 
ATOM   799 N N   . TRP A 1 101 ? 5.755   -11.013 -1.340  1.00 47.01 ? 1894 TRP A N   1 
ATOM   800 C CA  . TRP A 1 101 ? 6.173   -11.101 0.055   1.00 49.39 ? 1894 TRP A CA  1 
ATOM   801 C C   . TRP A 1 101 ? 6.394   -12.547 0.475   1.00 53.71 ? 1894 TRP A C   1 
ATOM   802 O O   . TRP A 1 101 ? 7.307   -12.842 1.253   1.00 56.34 ? 1894 TRP A O   1 
ATOM   803 C CB  . TRP A 1 101 ? 5.136   -10.434 0.963   1.00 48.23 ? 1894 TRP A CB  1 
ATOM   804 C CG  . TRP A 1 101 ? 5.502   -10.459 2.429   1.00 50.74 ? 1894 TRP A CG  1 
ATOM   805 C CD1 . TRP A 1 101 ? 5.223   -11.447 3.329   1.00 55.17 ? 1894 TRP A CD1 1 
ATOM   806 C CD2 . TRP A 1 101 ? 6.205   -9.443  3.157   1.00 49.71 ? 1894 TRP A CD2 1 
ATOM   807 N NE1 . TRP A 1 101 ? 5.713   -11.111 4.570   1.00 54.52 ? 1894 TRP A NE1 1 
ATOM   808 C CE2 . TRP A 1 101 ? 6.320   -9.886  4.490   1.00 53.29 ? 1894 TRP A CE2 1 
ATOM   809 C CE3 . TRP A 1 101 ? 6.752   -8.204  2.810   1.00 49.76 ? 1894 TRP A CE3 1 
ATOM   810 C CZ2 . TRP A 1 101 ? 6.960   -9.135  5.472   1.00 56.58 ? 1894 TRP A CZ2 1 
ATOM   811 C CZ3 . TRP A 1 101 ? 7.385   -7.461  3.787   1.00 52.68 ? 1894 TRP A CZ3 1 
ATOM   812 C CH2 . TRP A 1 101 ? 7.483   -7.928  5.102   1.00 54.03 ? 1894 TRP A CH2 1 
ATOM   813 N N   . GLU A 1 102 ? 5.572   -13.468 -0.037  1.00 58.33 ? 1895 GLU A N   1 
ATOM   814 C CA  . GLU A 1 102 ? 5.689   -14.857 0.394   1.00 58.90 ? 1895 GLU A CA  1 
ATOM   815 C C   . GLU A 1 102 ? 6.899   -15.551 -0.221  1.00 63.32 ? 1895 GLU A C   1 
ATOM   816 O O   . GLU A 1 102 ? 7.457   -16.469 0.393   1.00 65.37 ? 1895 GLU A O   1 
ATOM   817 C CB  . GLU A 1 102 ? 4.402   -15.616 0.072   1.00 56.76 ? 1895 GLU A CB  1 
ATOM   818 C CG  . GLU A 1 102 ? 3.358   -15.520 1.179   1.00 61.52 ? 1895 GLU A CG  1 
ATOM   819 C CD  . GLU A 1 102 ? 1.967   -15.896 0.709   1.00 65.63 ? 1895 GLU A CD  1 
ATOM   820 O OE1 . GLU A 1 102 ? 0.993   -15.231 1.134   1.00 56.56 ? 1895 GLU A OE1 1 
ATOM   821 O OE2 . GLU A 1 102 ? 1.848   -16.848 -0.094  1.00 65.42 ? 1895 GLU A OE2 1 
ATOM   822 N N   . GLU A 1 103 ? 7.336   -15.132 -1.412  1.00 61.29 ? 1896 GLU A N   1 
ATOM   823 C CA  . GLU A 1 103 ? 8.514   -15.744 -2.016  1.00 62.58 ? 1896 GLU A CA  1 
ATOM   824 C C   . GLU A 1 103 ? 9.823   -15.161 -1.489  1.00 66.32 ? 1896 GLU A C   1 
ATOM   825 O O   . GLU A 1 103 ? 10.858  -15.279 -2.155  1.00 70.73 ? 1896 GLU A O   1 
ATOM   826 C CB  . GLU A 1 103 ? 8.459   -15.644 -3.543  1.00 61.21 ? 1896 GLU A CB  1 
ATOM   827 C CG  . GLU A 1 103 ? 8.389   -14.248 -4.114  1.00 59.00 ? 1896 GLU A CG  1 
ATOM   828 C CD  . GLU A 1 103 ? 8.337   -14.265 -5.632  1.00 65.59 ? 1896 GLU A CD  1 
ATOM   829 O OE1 . GLU A 1 103 ? 9.167   -14.971 -6.249  1.00 70.61 ? 1896 GLU A OE1 1 
ATOM   830 O OE2 . GLU A 1 103 ? 7.455   -13.593 -6.207  1.00 63.48 ? 1896 GLU A OE2 1 
ATOM   831 N N   . PHE A 1 104 ? 9.789   -14.524 -0.320  1.00 65.56 ? 1897 PHE A N   1 
ATOM   832 C CA  . PHE A 1 104 ? 10.984  -14.304 0.488   1.00 68.37 ? 1897 PHE A CA  1 
ATOM   833 C C   . PHE A 1 104 ? 10.851  -14.996 1.837   1.00 78.19 ? 1897 PHE A C   1 
ATOM   834 O O   . PHE A 1 104 ? 11.688  -15.840 2.179   1.00 81.07 ? 1897 PHE A O   1 
ATOM   835 C CB  . PHE A 1 104 ? 11.249  -12.804 0.671   1.00 68.95 ? 1897 PHE A CB  1 
ATOM   836 C CG  . PHE A 1 104 ? 12.521  -12.495 1.428   1.00 80.36 ? 1897 PHE A CG  1 
ATOM   837 C CD1 . PHE A 1 104 ? 13.562  -13.416 1.490   1.00 81.68 ? 1897 PHE A CD1 1 
ATOM   838 C CD2 . PHE A 1 104 ? 12.674  -11.283 2.082   1.00 82.90 ? 1897 PHE A CD2 1 
ATOM   839 C CE1 . PHE A 1 104 ? 14.725  -13.130 2.188   1.00 83.86 ? 1897 PHE A CE1 1 
ATOM   840 C CE2 . PHE A 1 104 ? 13.838  -10.989 2.781   1.00 85.97 ? 1897 PHE A CE2 1 
ATOM   841 C CZ  . PHE A 1 104 ? 14.864  -11.915 2.833   1.00 85.84 ? 1897 PHE A CZ  1 
ATOM   842 N N   . TYR A 1 105 ? 9.816   -14.677 2.610   1.00 75.38 ? 1898 TYR A N   1 
ATOM   843 C CA  . TYR A 1 105 ? 9.595   -15.302 3.908   1.00 72.47 ? 1898 TYR A CA  1 
ATOM   844 C C   . TYR A 1 105 ? 8.630   -16.481 3.791   1.00 68.00 ? 1898 TYR A C   1 
ATOM   845 O O   . TYR A 1 105 ? 9.048   -17.635 3.690   1.00 67.23 ? 1898 TYR A O   1 
ATOM   846 C CB  . TYR A 1 105 ? 9.051   -14.280 4.908   1.00 69.27 ? 1898 TYR A CB  1 
ATOM   847 C CG  . TYR A 1 105 ? 9.631   -12.891 4.755   1.00 70.56 ? 1898 TYR A CG  1 
ATOM   848 C CD1 . TYR A 1 105 ? 9.020   -11.950 3.936   1.00 67.87 ? 1898 TYR A CD1 1 
ATOM   849 C CD2 . TYR A 1 105 ? 10.786  -12.517 5.432   1.00 77.89 ? 1898 TYR A CD2 1 
ATOM   850 C CE1 . TYR A 1 105 ? 9.543   -10.675 3.792   1.00 71.50 ? 1898 TYR A CE1 1 
ATOM   851 C CE2 . TYR A 1 105 ? 11.316  -11.242 5.297   1.00 80.16 ? 1898 TYR A CE2 1 
ATOM   852 C CZ  . TYR A 1 105 ? 10.688  -10.325 4.476   1.00 76.21 ? 1898 TYR A CZ  1 
ATOM   853 O OH  . TYR A 1 105 ? 11.209  -9.056  4.334   1.00 68.79 ? 1898 TYR A OH  1 
HETATM 854 C C01 . EN2 B 2 .   ? -6.934  4.224   -2.366  1.00 25.64 ? 1901 EN2 A C01 1 
HETATM 855 C C03 . EN2 B 2 .   ? -7.759  5.781   -4.190  1.00 18.66 ? 1901 EN2 A C03 1 
HETATM 856 C C04 . EN2 B 2 .   ? -8.891  6.572   -4.829  1.00 22.81 ? 1901 EN2 A C04 1 
HETATM 857 C C05 . EN2 B 2 .   ? -10.256 6.552   -4.230  1.00 21.90 ? 1901 EN2 A C05 1 
HETATM 858 C C06 . EN2 B 2 .   ? -10.508 5.744   -3.002  1.00 22.32 ? 1901 EN2 A C06 1 
HETATM 859 C C07 . EN2 B 2 .   ? -9.371  4.949   -2.366  1.00 20.00 ? 1901 EN2 A C07 1 
HETATM 860 C C09 . EN2 B 2 .   ? -8.607  7.392   -6.080  1.00 25.90 ? 1901 EN2 A C09 1 
HETATM 861 C C12 . EN2 B 2 .   ? -9.442  8.883   -7.954  1.00 38.43 ? 1901 EN2 A C12 1 
HETATM 862 C C13 . EN2 B 2 .   ? -8.427  9.995   -7.681  1.00 46.47 ? 1901 EN2 A C13 1 
HETATM 863 C C14 . EN2 B 2 .   ? -9.064  11.337  -7.340  1.00 44.40 ? 1901 EN2 A C14 1 
HETATM 864 C C16 . EN2 B 2 .   ? -9.575  13.198  -9.084  1.00 56.93 ? 1901 EN2 A C16 1 
HETATM 865 C C18 . EN2 B 2 .   ? -11.099 13.296  -8.889  1.00 55.67 ? 1901 EN2 A C18 1 
HETATM 866 C C19 . EN2 B 2 .   ? -11.724 13.016  -7.683  1.00 52.52 ? 1901 EN2 A C19 1 
HETATM 867 C C20 . EN2 B 2 .   ? -13.097 13.127  -7.558  1.00 58.85 ? 1901 EN2 A C20 1 
HETATM 868 C C21 . EN2 B 2 .   ? -13.867 13.533  -8.632  1.00 68.88 ? 1901 EN2 A C21 1 
HETATM 869 C C23 . EN2 B 2 .   ? -13.256 13.826  -9.841  1.00 62.50 ? 1901 EN2 A C23 1 
HETATM 870 C C24 . EN2 B 2 .   ? -11.878 13.711  -9.963  1.00 57.93 ? 1901 EN2 A C24 1 
HETATM 871 F F22 . EN2 B 2 .   ? -15.221 13.639  -8.485  1.00 74.48 ? 1901 EN2 A F22 1 
HETATM 872 N N02 . EN2 B 2 .   ? -8.016  4.980   -2.969  1.00 19.29 ? 1901 EN2 A N02 1 
HETATM 873 N N11 . EN2 B 2 .   ? -9.687  8.091   -6.760  1.00 31.70 ? 1901 EN2 A N11 1 
HETATM 874 N N15 . EN2 B 2 .   ? -8.678  12.298  -8.360  1.00 58.45 ? 1901 EN2 A N15 1 
HETATM 875 O O08 . EN2 B 2 .   ? -9.565  4.308   -1.389  1.00 23.60 ? 1901 EN2 A O08 1 
HETATM 876 O O10 . EN2 B 2 .   ? -7.494  7.447   -6.475  1.00 26.91 ? 1901 EN2 A O10 1 
HETATM 877 O O17 . EN2 B 2 .   ? -9.079  13.910  -9.892  1.00 53.65 ? 1901 EN2 A O17 1 
HETATM 878 O O   . HOH C 3 .   ? -8.299  3.515   0.527   1.00 23.68 ? 2001 HOH A O   1 
HETATM 879 O O   . HOH C 3 .   ? 6.289   6.292   -3.775  1.00 30.55 ? 2002 HOH A O   1 
HETATM 880 O O   . HOH C 3 .   ? -5.272  5.353   2.485   1.00 29.59 ? 2003 HOH A O   1 
HETATM 881 O O   . HOH C 3 .   ? -3.929  6.329   -2.336  1.00 24.28 ? 2004 HOH A O   1 
HETATM 882 O O   . HOH C 3 .   ? 14.194  1.106   -5.712  1.00 30.72 ? 2005 HOH A O   1 
HETATM 883 O O   . HOH C 3 .   ? -6.013  2.162   0.053   1.00 26.33 ? 2006 HOH A O   1 
HETATM 884 O O   . HOH C 3 .   ? 2.878   2.743   -11.106 1.00 21.03 ? 2007 HOH A O   1 
HETATM 885 O O   . HOH C 3 .   ? -2.537  8.022   -6.270  1.00 26.01 ? 2008 HOH A O   1 
HETATM 886 O O   . HOH C 3 .   ? -4.363  4.469   -0.284  1.00 29.44 ? 2009 HOH A O   1 
HETATM 887 O O   . HOH C 3 .   ? -5.274  8.693   -7.749  1.00 29.57 ? 2010 HOH A O   1 
HETATM 888 O O   . HOH C 3 .   ? -4.512  8.083   1.683   1.00 27.26 ? 2011 HOH A O   1 
HETATM 889 O O   . HOH C 3 .   ? -12.392 -3.133  -2.936  1.00 26.72 ? 2012 HOH A O   1 
HETATM 890 O O   . HOH C 3 .   ? -7.317  11.435  -4.392  1.00 33.68 ? 2013 HOH A O   1 
HETATM 891 O O   . HOH C 3 .   ? -4.920  24.174  0.016   1.00 40.96 ? 2014 HOH A O   1 
HETATM 892 O O   . HOH C 3 .   ? -9.734  -3.822  -3.295  1.00 21.13 ? 2015 HOH A O   1 
HETATM 893 O O   . HOH C 3 .   ? 2.930   -4.222  -13.946 1.00 30.25 ? 2016 HOH A O   1 
# 
